data_1CM1
# 
_entry.id   1CM1 
# 
_audit_conform.dict_name       mmcif_pdbx.dic 
_audit_conform.dict_version    5.392 
_audit_conform.dict_location   http://mmcif.pdb.org/dictionaries/ascii/mmcif_pdbx.dic 
# 
loop_
_database_2.database_id 
_database_2.database_code 
_database_2.pdbx_database_accession 
_database_2.pdbx_DOI 
PDB   1CM1         pdb_00001cm1 10.2210/pdb1cm1/pdb 
WWPDB D_1000172386 ?            ?                   
# 
loop_
_pdbx_audit_revision_history.ordinal 
_pdbx_audit_revision_history.data_content_type 
_pdbx_audit_revision_history.major_revision 
_pdbx_audit_revision_history.minor_revision 
_pdbx_audit_revision_history.revision_date 
1 'Structure model' 1 0 1998-03-04 
2 'Structure model' 1 1 2008-03-24 
3 'Structure model' 1 2 2011-07-13 
4 'Structure model' 1 3 2023-08-09 
5 'Structure model' 1 4 2024-05-22 
# 
_pdbx_audit_revision_details.ordinal             1 
_pdbx_audit_revision_details.revision_ordinal    1 
_pdbx_audit_revision_details.data_content_type   'Structure model' 
_pdbx_audit_revision_details.provider            repository 
_pdbx_audit_revision_details.type                'Initial release' 
_pdbx_audit_revision_details.description         ? 
_pdbx_audit_revision_details.details             ? 
# 
loop_
_pdbx_audit_revision_group.ordinal 
_pdbx_audit_revision_group.revision_ordinal 
_pdbx_audit_revision_group.data_content_type 
_pdbx_audit_revision_group.group 
1 2 'Structure model' 'Version format compliance' 
2 3 'Structure model' 'Version format compliance' 
3 4 'Structure model' 'Database references'       
4 4 'Structure model' 'Derived calculations'      
5 4 'Structure model' Other                       
6 4 'Structure model' 'Refinement description'    
7 5 'Structure model' 'Data collection'           
# 
loop_
_pdbx_audit_revision_category.ordinal 
_pdbx_audit_revision_category.revision_ordinal 
_pdbx_audit_revision_category.data_content_type 
_pdbx_audit_revision_category.category 
1 4 'Structure model' database_2                    
2 4 'Structure model' pdbx_database_status          
3 4 'Structure model' pdbx_initial_refinement_model 
4 4 'Structure model' pdbx_struct_conn_angle        
5 4 'Structure model' struct_conn                   
6 4 'Structure model' struct_site                   
7 5 'Structure model' chem_comp_atom                
8 5 'Structure model' chem_comp_bond                
# 
loop_
_pdbx_audit_revision_item.ordinal 
_pdbx_audit_revision_item.revision_ordinal 
_pdbx_audit_revision_item.data_content_type 
_pdbx_audit_revision_item.item 
1  4 'Structure model' '_database_2.pdbx_DOI'                        
2  4 'Structure model' '_database_2.pdbx_database_accession'         
3  4 'Structure model' '_pdbx_database_status.process_site'          
4  4 'Structure model' '_pdbx_struct_conn_angle.ptnr1_auth_comp_id'  
5  4 'Structure model' '_pdbx_struct_conn_angle.ptnr1_auth_seq_id'   
6  4 'Structure model' '_pdbx_struct_conn_angle.ptnr1_label_asym_id' 
7  4 'Structure model' '_pdbx_struct_conn_angle.ptnr1_label_atom_id' 
8  4 'Structure model' '_pdbx_struct_conn_angle.ptnr1_label_comp_id' 
9  4 'Structure model' '_pdbx_struct_conn_angle.ptnr1_label_seq_id'  
10 4 'Structure model' '_pdbx_struct_conn_angle.ptnr1_symmetry'      
11 4 'Structure model' '_pdbx_struct_conn_angle.ptnr3_auth_comp_id'  
12 4 'Structure model' '_pdbx_struct_conn_angle.ptnr3_auth_seq_id'   
13 4 'Structure model' '_pdbx_struct_conn_angle.ptnr3_label_asym_id' 
14 4 'Structure model' '_pdbx_struct_conn_angle.ptnr3_label_atom_id' 
15 4 'Structure model' '_pdbx_struct_conn_angle.ptnr3_label_comp_id' 
16 4 'Structure model' '_pdbx_struct_conn_angle.ptnr3_label_seq_id'  
17 4 'Structure model' '_pdbx_struct_conn_angle.ptnr3_symmetry'      
18 4 'Structure model' '_pdbx_struct_conn_angle.value'               
19 4 'Structure model' '_struct_conn.pdbx_dist_value'                
20 4 'Structure model' '_struct_conn.ptnr1_auth_comp_id'             
21 4 'Structure model' '_struct_conn.ptnr1_auth_seq_id'              
22 4 'Structure model' '_struct_conn.ptnr1_label_asym_id'            
23 4 'Structure model' '_struct_conn.ptnr1_label_atom_id'            
24 4 'Structure model' '_struct_conn.ptnr1_label_comp_id'            
25 4 'Structure model' '_struct_conn.ptnr1_label_seq_id'             
26 4 'Structure model' '_struct_conn.ptnr1_symmetry'                 
27 4 'Structure model' '_struct_conn.ptnr2_auth_comp_id'             
28 4 'Structure model' '_struct_conn.ptnr2_auth_seq_id'              
29 4 'Structure model' '_struct_conn.ptnr2_label_asym_id'            
30 4 'Structure model' '_struct_conn.ptnr2_label_atom_id'            
31 4 'Structure model' '_struct_conn.ptnr2_label_comp_id'            
32 4 'Structure model' '_struct_conn.ptnr2_label_seq_id'             
33 4 'Structure model' '_struct_conn.ptnr2_symmetry'                 
34 4 'Structure model' '_struct_site.pdbx_auth_asym_id'              
35 4 'Structure model' '_struct_site.pdbx_auth_comp_id'              
36 4 'Structure model' '_struct_site.pdbx_auth_seq_id'               
# 
_pdbx_database_status.status_code                     REL 
_pdbx_database_status.entry_id                        1CM1 
_pdbx_database_status.recvd_initial_deposition_date   1997-09-23 
_pdbx_database_status.deposit_site                    ? 
_pdbx_database_status.process_site                    BNL 
_pdbx_database_status.status_code_sf                  REL 
_pdbx_database_status.status_code_mr                  ? 
_pdbx_database_status.SG_entry                        ? 
_pdbx_database_status.pdb_format_compatible           Y 
_pdbx_database_status.status_code_cs                  ? 
_pdbx_database_status.status_code_nmr_data            ? 
_pdbx_database_status.methods_development_category    ? 
# 
_pdbx_database_related.db_name        PDB 
_pdbx_database_related.db_id          1CM4 
_pdbx_database_related.details        'FOUR-CONFORMER MODEL' 
_pdbx_database_related.content_type   unspecified 
# 
loop_
_audit_author.name 
_audit_author.pdbx_ordinal 
'Wall, M.E.'         1 
'Phillips Jr., G.N.' 2 
# 
loop_
_citation.id 
_citation.title 
_citation.journal_abbrev 
_citation.journal_volume 
_citation.page_first 
_citation.page_last 
_citation.year 
_citation.journal_id_ASTM 
_citation.country 
_citation.journal_id_ISSN 
_citation.journal_id_CSD 
_citation.book_publisher 
_citation.pdbx_database_id_PubMed 
_citation.pdbx_database_id_DOI 
primary 'Motions of calmodulin characterized using both Bragg and diffuse X-ray scattering.'            Structure 5   1599 1612 
1997 STRUE6 UK 0969-2126 2005 ? 9438860 '10.1016/S0969-2126(97)00308-0' 
1       'Modulation of Calmodulin Plasticity in Molecular Recognition on the Basis of X-Ray Structures' Science   262 1718 ?    
1993 SCIEAS US 0036-8075 0038 ? ?       ?                               
2       'Target Enzyme Recognition by Calmodulin: 2.4 A Structure of a Calmodulin-Peptide Complex'      Science   257 1251 ?    
1992 SCIEAS US 0036-8075 0038 ? ?       ?                               
# 
loop_
_citation_author.citation_id 
_citation_author.name 
_citation_author.ordinal 
_citation_author.identifier_ORCID 
primary 'Wall, M.E.'         1 ? 
primary 'Clarage, J.B.'      2 ? 
primary 'Phillips Jr., G.N.' 3 ? 
1       'Meador, W.E.'       4 ? 
1       'Means, A.R.'        5 ? 
1       'Quiocho, F.A.'      6 ? 
2       'Meador, W.E.'       7 ? 
2       'Means, A.R.'        8 ? 
2       'Quiocho, F.A.'      9 ? 
# 
loop_
_entity.id 
_entity.type 
_entity.src_method 
_entity.pdbx_description 
_entity.formula_weight 
_entity.pdbx_number_of_molecules 
_entity.pdbx_ec 
_entity.pdbx_mutation 
_entity.pdbx_fragment 
_entity.details 
1 polymer     man CALMODULIN                                     16721.350 1  ?         ? ? ? 
2 polymer     man 'CALMODULIN-DEPENDENT PROTEIN KINASE II-ALPHA' 2886.528  1  2.7.1.123 ? 
'CALMODULIN BINDING DOMAIN, RESIDUES 290 - 314' ? 
3 non-polymer syn 'CALCIUM ION'                                  40.078    5  ?         ? ? ? 
4 water       nat water                                          18.015    58 ?         ? ? ? 
# 
loop_
_entity_poly.entity_id 
_entity_poly.type 
_entity_poly.nstd_linkage 
_entity_poly.nstd_monomer 
_entity_poly.pdbx_seq_one_letter_code 
_entity_poly.pdbx_seq_one_letter_code_can 
_entity_poly.pdbx_strand_id 
_entity_poly.pdbx_target_identifier 
1 'polypeptide(L)' no no 
;ADQLTEEQIAEFKEAFSLFDKDGDGTITTKELGTVMRSLGQNPTEAELQDMINEVDADGNGTIDFPEFLTMMARKMKDTD
SEEEIREAFRVFDKDGNGYISAAELRHVMTNLGEKLTDEEVDEMIREADIDGDGQVNYEEFVQMMTAK
;
;ADQLTEEQIAEFKEAFSLFDKDGDGTITTKELGTVMRSLGQNPTEAELQDMINEVDADGNGTIDFPEFLTMMARKMKDTD
SEEEIREAFRVFDKDGNGYISAAELRHVMTNLGEKLTDEEVDEMIREADIDGDGQVNYEEFVQMMTAK
;
A ? 
2 'polypeptide(L)' no no LKKFNARRKLKGAILTTMLATRNFS LKKFNARRKLKGAILTTMLATRNFS B ? 
# 
loop_
_pdbx_entity_nonpoly.entity_id 
_pdbx_entity_nonpoly.name 
_pdbx_entity_nonpoly.comp_id 
3 'CALCIUM ION' CA  
4 water         HOH 
# 
loop_
_entity_poly_seq.entity_id 
_entity_poly_seq.num 
_entity_poly_seq.mon_id 
_entity_poly_seq.hetero 
1 1   ALA n 
1 2   ASP n 
1 3   GLN n 
1 4   LEU n 
1 5   THR n 
1 6   GLU n 
1 7   GLU n 
1 8   GLN n 
1 9   ILE n 
1 10  ALA n 
1 11  GLU n 
1 12  PHE n 
1 13  LYS n 
1 14  GLU n 
1 15  ALA n 
1 16  PHE n 
1 17  SER n 
1 18  LEU n 
1 19  PHE n 
1 20  ASP n 
1 21  LYS n 
1 22  ASP n 
1 23  GLY n 
1 24  ASP n 
1 25  GLY n 
1 26  THR n 
1 27  ILE n 
1 28  THR n 
1 29  THR n 
1 30  LYS n 
1 31  GLU n 
1 32  LEU n 
1 33  GLY n 
1 34  THR n 
1 35  VAL n 
1 36  MET n 
1 37  ARG n 
1 38  SER n 
1 39  LEU n 
1 40  GLY n 
1 41  GLN n 
1 42  ASN n 
1 43  PRO n 
1 44  THR n 
1 45  GLU n 
1 46  ALA n 
1 47  GLU n 
1 48  LEU n 
1 49  GLN n 
1 50  ASP n 
1 51  MET n 
1 52  ILE n 
1 53  ASN n 
1 54  GLU n 
1 55  VAL n 
1 56  ASP n 
1 57  ALA n 
1 58  ASP n 
1 59  GLY n 
1 60  ASN n 
1 61  GLY n 
1 62  THR n 
1 63  ILE n 
1 64  ASP n 
1 65  PHE n 
1 66  PRO n 
1 67  GLU n 
1 68  PHE n 
1 69  LEU n 
1 70  THR n 
1 71  MET n 
1 72  MET n 
1 73  ALA n 
1 74  ARG n 
1 75  LYS n 
1 76  MET n 
1 77  LYS n 
1 78  ASP n 
1 79  THR n 
1 80  ASP n 
1 81  SER n 
1 82  GLU n 
1 83  GLU n 
1 84  GLU n 
1 85  ILE n 
1 86  ARG n 
1 87  GLU n 
1 88  ALA n 
1 89  PHE n 
1 90  ARG n 
1 91  VAL n 
1 92  PHE n 
1 93  ASP n 
1 94  LYS n 
1 95  ASP n 
1 96  GLY n 
1 97  ASN n 
1 98  GLY n 
1 99  TYR n 
1 100 ILE n 
1 101 SER n 
1 102 ALA n 
1 103 ALA n 
1 104 GLU n 
1 105 LEU n 
1 106 ARG n 
1 107 HIS n 
1 108 VAL n 
1 109 MET n 
1 110 THR n 
1 111 ASN n 
1 112 LEU n 
1 113 GLY n 
1 114 GLU n 
1 115 LYS n 
1 116 LEU n 
1 117 THR n 
1 118 ASP n 
1 119 GLU n 
1 120 GLU n 
1 121 VAL n 
1 122 ASP n 
1 123 GLU n 
1 124 MET n 
1 125 ILE n 
1 126 ARG n 
1 127 GLU n 
1 128 ALA n 
1 129 ASP n 
1 130 ILE n 
1 131 ASP n 
1 132 GLY n 
1 133 ASP n 
1 134 GLY n 
1 135 GLN n 
1 136 VAL n 
1 137 ASN n 
1 138 TYR n 
1 139 GLU n 
1 140 GLU n 
1 141 PHE n 
1 142 VAL n 
1 143 GLN n 
1 144 MET n 
1 145 MET n 
1 146 THR n 
1 147 ALA n 
1 148 LYS n 
2 1   LEU n 
2 2   LYS n 
2 3   LYS n 
2 4   PHE n 
2 5   ASN n 
2 6   ALA n 
2 7   ARG n 
2 8   ARG n 
2 9   LYS n 
2 10  LEU n 
2 11  LYS n 
2 12  GLY n 
2 13  ALA n 
2 14  ILE n 
2 15  LEU n 
2 16  THR n 
2 17  THR n 
2 18  MET n 
2 19  LEU n 
2 20  ALA n 
2 21  THR n 
2 22  ARG n 
2 23  ASN n 
2 24  PHE n 
2 25  SER n 
# 
loop_
_entity_src_gen.entity_id 
_entity_src_gen.pdbx_src_id 
_entity_src_gen.pdbx_alt_source_flag 
_entity_src_gen.pdbx_seq_type 
_entity_src_gen.pdbx_beg_seq_num 
_entity_src_gen.pdbx_end_seq_num 
_entity_src_gen.gene_src_common_name 
_entity_src_gen.gene_src_genus 
_entity_src_gen.pdbx_gene_src_gene 
_entity_src_gen.gene_src_species 
_entity_src_gen.gene_src_strain 
_entity_src_gen.gene_src_tissue 
_entity_src_gen.gene_src_tissue_fraction 
_entity_src_gen.gene_src_details 
_entity_src_gen.pdbx_gene_src_fragment 
_entity_src_gen.pdbx_gene_src_scientific_name 
_entity_src_gen.pdbx_gene_src_ncbi_taxonomy_id 
_entity_src_gen.pdbx_gene_src_variant 
_entity_src_gen.pdbx_gene_src_cell_line 
_entity_src_gen.pdbx_gene_src_atcc 
_entity_src_gen.pdbx_gene_src_organ 
_entity_src_gen.pdbx_gene_src_organelle 
_entity_src_gen.pdbx_gene_src_cell 
_entity_src_gen.pdbx_gene_src_cellular_location 
_entity_src_gen.host_org_common_name 
_entity_src_gen.pdbx_host_org_scientific_name 
_entity_src_gen.pdbx_host_org_ncbi_taxonomy_id 
_entity_src_gen.host_org_genus 
_entity_src_gen.pdbx_host_org_gene 
_entity_src_gen.pdbx_host_org_organ 
_entity_src_gen.host_org_species 
_entity_src_gen.pdbx_host_org_tissue 
_entity_src_gen.pdbx_host_org_tissue_fraction 
_entity_src_gen.pdbx_host_org_strain 
_entity_src_gen.pdbx_host_org_variant 
_entity_src_gen.pdbx_host_org_cell_line 
_entity_src_gen.pdbx_host_org_atcc 
_entity_src_gen.pdbx_host_org_culture_collection 
_entity_src_gen.pdbx_host_org_cell 
_entity_src_gen.pdbx_host_org_organelle 
_entity_src_gen.pdbx_host_org_cellular_location 
_entity_src_gen.pdbx_host_org_vector_type 
_entity_src_gen.pdbx_host_org_vector 
_entity_src_gen.host_org_details 
_entity_src_gen.expression_system_id 
_entity_src_gen.plasmid_name 
_entity_src_gen.plasmid_details 
_entity_src_gen.pdbx_description 
1 1 sample ? ? ? cattle Bos ? ? ? ? ? ? ? 'Bos taurus' 9913 ? ? ? BRAIN ? ? ? ? ? ? ? ? ? ? ? ? ? ? ? ? ? ? ? ? ? ? ? ? ? ? 
'SIGMA LOT 54H9558' 
2 1 sample ? ? ? cattle Bos ? ? ? ? ? ? ? 'Bos taurus' 9913 ? ? ? ?     ? ? ? ? ? ? ? ? ? ? ? ? ? ? ? ? ? ? ? ? ? ? ? ? ? ? ? 
# 
loop_
_chem_comp.id 
_chem_comp.type 
_chem_comp.mon_nstd_flag 
_chem_comp.name 
_chem_comp.pdbx_synonyms 
_chem_comp.formula 
_chem_comp.formula_weight 
ALA 'L-peptide linking' y ALANINE         ? 'C3 H7 N O2'     89.093  
ARG 'L-peptide linking' y ARGININE        ? 'C6 H15 N4 O2 1' 175.209 
ASN 'L-peptide linking' y ASPARAGINE      ? 'C4 H8 N2 O3'    132.118 
ASP 'L-peptide linking' y 'ASPARTIC ACID' ? 'C4 H7 N O4'     133.103 
CA  non-polymer         . 'CALCIUM ION'   ? 'Ca 2'           40.078  
GLN 'L-peptide linking' y GLUTAMINE       ? 'C5 H10 N2 O3'   146.144 
GLU 'L-peptide linking' y 'GLUTAMIC ACID' ? 'C5 H9 N O4'     147.129 
GLY 'peptide linking'   y GLYCINE         ? 'C2 H5 N O2'     75.067  
HIS 'L-peptide linking' y HISTIDINE       ? 'C6 H10 N3 O2 1' 156.162 
HOH non-polymer         . WATER           ? 'H2 O'           18.015  
ILE 'L-peptide linking' y ISOLEUCINE      ? 'C6 H13 N O2'    131.173 
LEU 'L-peptide linking' y LEUCINE         ? 'C6 H13 N O2'    131.173 
LYS 'L-peptide linking' y LYSINE          ? 'C6 H15 N2 O2 1' 147.195 
MET 'L-peptide linking' y METHIONINE      ? 'C5 H11 N O2 S'  149.211 
PHE 'L-peptide linking' y PHENYLALANINE   ? 'C9 H11 N O2'    165.189 
PRO 'L-peptide linking' y PROLINE         ? 'C5 H9 N O2'     115.130 
SER 'L-peptide linking' y SERINE          ? 'C3 H7 N O3'     105.093 
THR 'L-peptide linking' y THREONINE       ? 'C4 H9 N O3'     119.119 
TYR 'L-peptide linking' y TYROSINE        ? 'C9 H11 N O3'    181.189 
VAL 'L-peptide linking' y VALINE          ? 'C5 H11 N O2'    117.146 
# 
loop_
_pdbx_poly_seq_scheme.asym_id 
_pdbx_poly_seq_scheme.entity_id 
_pdbx_poly_seq_scheme.seq_id 
_pdbx_poly_seq_scheme.mon_id 
_pdbx_poly_seq_scheme.ndb_seq_num 
_pdbx_poly_seq_scheme.pdb_seq_num 
_pdbx_poly_seq_scheme.auth_seq_num 
_pdbx_poly_seq_scheme.pdb_mon_id 
_pdbx_poly_seq_scheme.auth_mon_id 
_pdbx_poly_seq_scheme.pdb_strand_id 
_pdbx_poly_seq_scheme.pdb_ins_code 
_pdbx_poly_seq_scheme.hetero 
A 1 1   ALA 1   1   ?   ?   ?   A . n 
A 1 2   ASP 2   2   ?   ?   ?   A . n 
A 1 3   GLN 3   3   ?   ?   ?   A . n 
A 1 4   LEU 4   4   4   LEU LEU A . n 
A 1 5   THR 5   5   5   THR THR A . n 
A 1 6   GLU 6   6   6   GLU GLU A . n 
A 1 7   GLU 7   7   7   GLU GLU A . n 
A 1 8   GLN 8   8   8   GLN GLN A . n 
A 1 9   ILE 9   9   9   ILE ILE A . n 
A 1 10  ALA 10  10  10  ALA ALA A . n 
A 1 11  GLU 11  11  11  GLU GLU A . n 
A 1 12  PHE 12  12  12  PHE PHE A . n 
A 1 13  LYS 13  13  13  LYS LYS A . n 
A 1 14  GLU 14  14  14  GLU GLU A . n 
A 1 15  ALA 15  15  15  ALA ALA A . n 
A 1 16  PHE 16  16  16  PHE PHE A . n 
A 1 17  SER 17  17  17  SER SER A . n 
A 1 18  LEU 18  18  18  LEU LEU A . n 
A 1 19  PHE 19  19  19  PHE PHE A . n 
A 1 20  ASP 20  20  20  ASP ASP A . n 
A 1 21  LYS 21  21  21  LYS LYS A . n 
A 1 22  ASP 22  22  22  ASP ASP A . n 
A 1 23  GLY 23  23  23  GLY GLY A . n 
A 1 24  ASP 24  24  24  ASP ASP A . n 
A 1 25  GLY 25  25  25  GLY GLY A . n 
A 1 26  THR 26  26  26  THR THR A . n 
A 1 27  ILE 27  27  27  ILE ILE A . n 
A 1 28  THR 28  28  28  THR THR A . n 
A 1 29  THR 29  29  29  THR THR A . n 
A 1 30  LYS 30  30  30  LYS LYS A . n 
A 1 31  GLU 31  31  31  GLU GLU A . n 
A 1 32  LEU 32  32  32  LEU LEU A . n 
A 1 33  GLY 33  33  33  GLY GLY A . n 
A 1 34  THR 34  34  34  THR THR A . n 
A 1 35  VAL 35  35  35  VAL VAL A . n 
A 1 36  MET 36  36  36  MET MET A . n 
A 1 37  ARG 37  37  37  ARG ARG A . n 
A 1 38  SER 38  38  38  SER SER A . n 
A 1 39  LEU 39  39  39  LEU LEU A . n 
A 1 40  GLY 40  40  40  GLY GLY A . n 
A 1 41  GLN 41  41  41  GLN GLN A . n 
A 1 42  ASN 42  42  42  ASN ASN A . n 
A 1 43  PRO 43  43  43  PRO PRO A . n 
A 1 44  THR 44  44  44  THR THR A . n 
A 1 45  GLU 45  45  45  GLU GLU A . n 
A 1 46  ALA 46  46  46  ALA ALA A . n 
A 1 47  GLU 47  47  47  GLU GLU A . n 
A 1 48  LEU 48  48  48  LEU LEU A . n 
A 1 49  GLN 49  49  49  GLN GLN A . n 
A 1 50  ASP 50  50  50  ASP ASP A . n 
A 1 51  MET 51  51  51  MET MET A . n 
A 1 52  ILE 52  52  52  ILE ILE A . n 
A 1 53  ASN 53  53  53  ASN ASN A . n 
A 1 54  GLU 54  54  54  GLU GLU A . n 
A 1 55  VAL 55  55  55  VAL VAL A . n 
A 1 56  ASP 56  56  56  ASP ASP A . n 
A 1 57  ALA 57  57  57  ALA ALA A . n 
A 1 58  ASP 58  58  58  ASP ASP A . n 
A 1 59  GLY 59  59  59  GLY GLY A . n 
A 1 60  ASN 60  60  60  ASN ASN A . n 
A 1 61  GLY 61  61  61  GLY GLY A . n 
A 1 62  THR 62  62  62  THR THR A . n 
A 1 63  ILE 63  63  63  ILE ILE A . n 
A 1 64  ASP 64  64  64  ASP ASP A . n 
A 1 65  PHE 65  65  65  PHE PHE A . n 
A 1 66  PRO 66  66  66  PRO PRO A . n 
A 1 67  GLU 67  67  67  GLU GLU A . n 
A 1 68  PHE 68  68  68  PHE PHE A . n 
A 1 69  LEU 69  69  69  LEU LEU A . n 
A 1 70  THR 70  70  70  THR THR A . n 
A 1 71  MET 71  71  71  MET MET A . n 
A 1 72  MET 72  72  72  MET MET A . n 
A 1 73  ALA 73  73  73  ALA ALA A . n 
A 1 74  ARG 74  74  74  ARG ARG A . n 
A 1 75  LYS 75  75  75  LYS LYS A . n 
A 1 76  MET 76  76  76  MET MET A . n 
A 1 77  LYS 77  77  77  LYS LYS A . n 
A 1 78  ASP 78  78  78  ASP ASP A . n 
A 1 79  THR 79  79  79  THR THR A . n 
A 1 80  ASP 80  80  80  ASP ASP A . n 
A 1 81  SER 81  81  81  SER SER A . n 
A 1 82  GLU 82  82  82  GLU GLU A . n 
A 1 83  GLU 83  83  83  GLU GLU A . n 
A 1 84  GLU 84  84  84  GLU GLU A . n 
A 1 85  ILE 85  85  85  ILE ILE A . n 
A 1 86  ARG 86  86  86  ARG ARG A . n 
A 1 87  GLU 87  87  87  GLU GLU A . n 
A 1 88  ALA 88  88  88  ALA ALA A . n 
A 1 89  PHE 89  89  89  PHE PHE A . n 
A 1 90  ARG 90  90  90  ARG ARG A . n 
A 1 91  VAL 91  91  91  VAL VAL A . n 
A 1 92  PHE 92  92  92  PHE PHE A . n 
A 1 93  ASP 93  93  93  ASP ASP A . n 
A 1 94  LYS 94  94  94  LYS LYS A . n 
A 1 95  ASP 95  95  95  ASP ASP A . n 
A 1 96  GLY 96  96  96  GLY GLY A . n 
A 1 97  ASN 97  97  97  ASN ASN A . n 
A 1 98  GLY 98  98  98  GLY GLY A . n 
A 1 99  TYR 99  99  99  TYR TYR A . n 
A 1 100 ILE 100 100 100 ILE ILE A . n 
A 1 101 SER 101 101 101 SER SER A . n 
A 1 102 ALA 102 102 102 ALA ALA A . n 
A 1 103 ALA 103 103 103 ALA ALA A . n 
A 1 104 GLU 104 104 104 GLU GLU A . n 
A 1 105 LEU 105 105 105 LEU LEU A . n 
A 1 106 ARG 106 106 106 ARG ARG A . n 
A 1 107 HIS 107 107 107 HIS HIS A . n 
A 1 108 VAL 108 108 108 VAL VAL A . n 
A 1 109 MET 109 109 109 MET MET A . n 
A 1 110 THR 110 110 110 THR THR A . n 
A 1 111 ASN 111 111 111 ASN ASN A . n 
A 1 112 LEU 112 112 112 LEU LEU A . n 
A 1 113 GLY 113 113 113 GLY GLY A . n 
A 1 114 GLU 114 114 114 GLU GLU A . n 
A 1 115 LYS 115 115 115 LYS LYS A . n 
A 1 116 LEU 116 116 116 LEU LEU A . n 
A 1 117 THR 117 117 117 THR THR A . n 
A 1 118 ASP 118 118 118 ASP ASP A . n 
A 1 119 GLU 119 119 119 GLU GLU A . n 
A 1 120 GLU 120 120 120 GLU GLU A . n 
A 1 121 VAL 121 121 121 VAL VAL A . n 
A 1 122 ASP 122 122 122 ASP ASP A . n 
A 1 123 GLU 123 123 123 GLU GLU A . n 
A 1 124 MET 124 124 124 MET MET A . n 
A 1 125 ILE 125 125 125 ILE ILE A . n 
A 1 126 ARG 126 126 126 ARG ARG A . n 
A 1 127 GLU 127 127 127 GLU GLU A . n 
A 1 128 ALA 128 128 128 ALA ALA A . n 
A 1 129 ASP 129 129 129 ASP ASP A . n 
A 1 130 ILE 130 130 130 ILE ILE A . n 
A 1 131 ASP 131 131 131 ASP ASP A . n 
A 1 132 GLY 132 132 132 GLY GLY A . n 
A 1 133 ASP 133 133 133 ASP ASP A . n 
A 1 134 GLY 134 134 134 GLY GLY A . n 
A 1 135 GLN 135 135 135 GLN GLN A . n 
A 1 136 VAL 136 136 136 VAL VAL A . n 
A 1 137 ASN 137 137 137 ASN ASN A . n 
A 1 138 TYR 138 138 138 TYR TYR A . n 
A 1 139 GLU 139 139 139 GLU GLU A . n 
A 1 140 GLU 140 140 140 GLU GLU A . n 
A 1 141 PHE 141 141 141 PHE PHE A . n 
A 1 142 VAL 142 142 142 VAL VAL A . n 
A 1 143 GLN 143 143 143 GLN GLN A . n 
A 1 144 MET 144 144 144 MET MET A . n 
A 1 145 MET 145 145 145 MET MET A . n 
A 1 146 THR 146 146 146 THR THR A . n 
A 1 147 ALA 147 147 ?   ?   ?   A . n 
A 1 148 LYS 148 148 ?   ?   ?   A . n 
B 2 1   LEU 1   290 ?   ?   ?   B . n 
B 2 2   LYS 2   291 ?   ?   ?   B . n 
B 2 3   LYS 3   292 ?   ?   ?   B . n 
B 2 4   PHE 4   293 293 PHE PHE B . n 
B 2 5   ASN 5   294 294 ASN ASN B . n 
B 2 6   ALA 6   295 295 ALA ALA B . n 
B 2 7   ARG 7   296 296 ARG ARG B . n 
B 2 8   ARG 8   297 297 ARG ARG B . n 
B 2 9   LYS 9   298 298 LYS LYS B . n 
B 2 10  LEU 10  299 299 LEU LEU B . n 
B 2 11  LYS 11  300 300 LYS LYS B . n 
B 2 12  GLY 12  301 301 GLY GLY B . n 
B 2 13  ALA 13  302 302 ALA ALA B . n 
B 2 14  ILE 14  303 303 ILE ILE B . n 
B 2 15  LEU 15  304 304 LEU LEU B . n 
B 2 16  THR 16  305 305 THR THR B . n 
B 2 17  THR 17  306 306 THR THR B . n 
B 2 18  MET 18  307 307 MET MET B . n 
B 2 19  LEU 19  308 308 LEU LEU B . n 
B 2 20  ALA 20  309 309 ALA ALA B . n 
B 2 21  THR 21  310 310 THR THR B . n 
B 2 22  ARG 22  311 ?   ?   ?   B . n 
B 2 23  ASN 23  312 ?   ?   ?   B . n 
B 2 24  PHE 24  313 ?   ?   ?   B . n 
B 2 25  SER 25  314 ?   ?   ?   B . n 
# 
loop_
_pdbx_nonpoly_scheme.asym_id 
_pdbx_nonpoly_scheme.entity_id 
_pdbx_nonpoly_scheme.mon_id 
_pdbx_nonpoly_scheme.ndb_seq_num 
_pdbx_nonpoly_scheme.pdb_seq_num 
_pdbx_nonpoly_scheme.auth_seq_num 
_pdbx_nonpoly_scheme.pdb_mon_id 
_pdbx_nonpoly_scheme.auth_mon_id 
_pdbx_nonpoly_scheme.pdb_strand_id 
_pdbx_nonpoly_scheme.pdb_ins_code 
C 3 CA  1  401 401 CA  CA  A . 
D 3 CA  1  402 402 CA  CA  A . 
E 3 CA  1  403 403 CA  CA  A . 
F 3 CA  1  404 404 CA  CA  A . 
G 3 CA  1  600 600 CA  CA  A . 
H 4 HOH 1  502 502 HOH HOH A . 
H 4 HOH 2  503 503 HOH HOH A . 
H 4 HOH 3  504 504 HOH HOH A . 
H 4 HOH 4  505 505 HOH HOH A . 
H 4 HOH 5  506 506 HOH HOH A . 
H 4 HOH 6  507 507 HOH HOH A . 
H 4 HOH 7  508 508 HOH HOH A . 
H 4 HOH 8  509 509 HOH HOH A . 
H 4 HOH 9  510 510 HOH HOH A . 
H 4 HOH 10 511 511 HOH HOH A . 
H 4 HOH 11 512 512 HOH HOH A . 
H 4 HOH 12 513 513 HOH HOH A . 
H 4 HOH 13 514 514 HOH HOH A . 
H 4 HOH 14 515 515 HOH HOH A . 
H 4 HOH 15 516 516 HOH HOH A . 
H 4 HOH 16 517 517 HOH HOH A . 
H 4 HOH 17 518 518 HOH HOH A . 
H 4 HOH 18 519 519 HOH HOH A . 
H 4 HOH 19 520 520 HOH HOH A . 
H 4 HOH 20 521 521 HOH HOH A . 
H 4 HOH 21 522 522 HOH HOH A . 
H 4 HOH 22 523 523 HOH HOH A . 
H 4 HOH 23 524 524 HOH HOH A . 
H 4 HOH 24 525 525 HOH HOH A . 
H 4 HOH 25 527 527 HOH HOH A . 
H 4 HOH 26 528 528 HOH HOH A . 
H 4 HOH 27 529 529 HOH HOH A . 
H 4 HOH 28 530 530 HOH HOH A . 
H 4 HOH 29 532 532 HOH HOH A . 
H 4 HOH 30 533 533 HOH HOH A . 
H 4 HOH 31 534 534 HOH HOH A . 
H 4 HOH 32 535 535 HOH HOH A . 
H 4 HOH 33 536 536 HOH HOH A . 
H 4 HOH 34 537 537 HOH HOH A . 
H 4 HOH 35 538 538 HOH HOH A . 
H 4 HOH 36 539 539 HOH HOH A . 
H 4 HOH 37 540 540 HOH HOH A . 
H 4 HOH 38 541 541 HOH HOH A . 
H 4 HOH 39 542 542 HOH HOH A . 
H 4 HOH 40 543 543 HOH HOH A . 
H 4 HOH 41 544 544 HOH HOH A . 
H 4 HOH 42 545 545 HOH HOH A . 
H 4 HOH 43 546 546 HOH HOH A . 
H 4 HOH 44 547 547 HOH HOH A . 
H 4 HOH 45 548 548 HOH HOH A . 
H 4 HOH 46 549 549 HOH HOH A . 
H 4 HOH 47 550 550 HOH HOH A . 
H 4 HOH 48 551 551 HOH HOH A . 
H 4 HOH 49 552 552 HOH HOH A . 
H 4 HOH 50 553 553 HOH HOH A . 
H 4 HOH 51 554 554 HOH HOH A . 
H 4 HOH 52 556 556 HOH HOH A . 
I 4 HOH 1  501 501 HOH HOH B . 
I 4 HOH 2  526 526 HOH HOH B . 
I 4 HOH 3  531 531 HOH HOH B . 
I 4 HOH 4  555 555 HOH HOH B . 
I 4 HOH 5  557 557 HOH HOH B . 
I 4 HOH 6  558 558 HOH HOH B . 
# 
loop_
_pdbx_unobs_or_zero_occ_atoms.id 
_pdbx_unobs_or_zero_occ_atoms.PDB_model_num 
_pdbx_unobs_or_zero_occ_atoms.polymer_flag 
_pdbx_unobs_or_zero_occ_atoms.occupancy_flag 
_pdbx_unobs_or_zero_occ_atoms.auth_asym_id 
_pdbx_unobs_or_zero_occ_atoms.auth_comp_id 
_pdbx_unobs_or_zero_occ_atoms.auth_seq_id 
_pdbx_unobs_or_zero_occ_atoms.PDB_ins_code 
_pdbx_unobs_or_zero_occ_atoms.auth_atom_id 
_pdbx_unobs_or_zero_occ_atoms.label_alt_id 
_pdbx_unobs_or_zero_occ_atoms.label_asym_id 
_pdbx_unobs_or_zero_occ_atoms.label_comp_id 
_pdbx_unobs_or_zero_occ_atoms.label_seq_id 
_pdbx_unobs_or_zero_occ_atoms.label_atom_id 
1  1 Y 1 A LYS 77  ? CB ? A LYS 77  CB 
2  1 Y 1 A LYS 77  ? CG ? A LYS 77  CG 
3  1 Y 1 A LYS 77  ? CD ? A LYS 77  CD 
4  1 Y 1 A LYS 77  ? CE ? A LYS 77  CE 
5  1 Y 1 A LYS 77  ? NZ ? A LYS 77  NZ 
6  1 Y 1 A LYS 115 ? CB ? A LYS 115 CB 
7  1 Y 1 A LYS 115 ? CG ? A LYS 115 CG 
8  1 Y 1 A LYS 115 ? CD ? A LYS 115 CD 
9  1 Y 1 A LYS 115 ? CE ? A LYS 115 CE 
10 1 Y 1 A LYS 115 ? NZ ? A LYS 115 NZ 
# 
loop_
_software.name 
_software.classification 
_software.version 
_software.citation_id 
_software.pdbx_ordinal 
X-PLOR    'model building' 3.851 ? 1 
X-PLOR    refinement       3.851 ? 2 
DENZO     'data reduction' .     ? 3 
SCALEPACK 'data scaling'   .     ? 4 
X-PLOR    phasing          3.851 ? 5 
# 
_cell.entry_id           1CM1 
_cell.length_a           38.751 
_cell.length_b           75.209 
_cell.length_c           120.073 
_cell.angle_alpha        90.00 
_cell.angle_beta         90.00 
_cell.angle_gamma        90.00 
_cell.Z_PDB              8 
_cell.pdbx_unique_axis   ? 
# 
_symmetry.entry_id                         1CM1 
_symmetry.space_group_name_H-M             'C 2 2 21' 
_symmetry.pdbx_full_space_group_name_H-M   ? 
_symmetry.cell_setting                     ? 
_symmetry.Int_Tables_number                20 
# 
_exptl.entry_id          1CM1 
_exptl.method            'X-RAY DIFFRACTION' 
_exptl.crystals_number   1 
# 
_exptl_crystal.id                    1 
_exptl_crystal.density_meas          ? 
_exptl_crystal.density_Matthews      2.23 
_exptl_crystal.density_percent_sol   44.86 
_exptl_crystal.description           ? 
# 
_exptl_crystal_grow.crystal_id      1 
_exptl_crystal_grow.method          'vapor diffusion - hanging drop - microseeding' 
_exptl_crystal_grow.temp            ? 
_exptl_crystal_grow.temp_details    ? 
_exptl_crystal_grow.pH              5.2 
_exptl_crystal_grow.pdbx_pH_range   ? 
_exptl_crystal_grow.pdbx_details    
;DIFFRACTION-QUALITY CRYSTALS WERE MICROSEEDED IN HANGING DROPS OVER 100 MM SODIUM ACETATE AT PH 5.2, WITH 20% POLY-ETHYLENE GLYCOL 6000 (PEG 6000), 10 MM CALCIUM CHLORIDE AND 0.02% SODIUM AZIDE. STOCK SOLUTIONS OF 24 MG/ML BOVINE BRAIN CALMODULIN (SIGMA LOT 54H9558), 14 MG/ML CAMKII-ALPHA PEPTIDE, AND 30% PEG WERE MIXED INTO HANGING DROPS IN ABOUT A 4-2-1 RATIO., vapor diffusion - hanging drop - microseeding
;
# 
_diffrn.id                     1 
_diffrn.ambient_temp           302 
_diffrn.ambient_temp_details   ? 
_diffrn.crystal_id             1 
# 
_diffrn_detector.diffrn_id              1 
_diffrn_detector.detector               CCD 
_diffrn_detector.type                   'PRINCETON 2K' 
_diffrn_detector.pdbx_collection_date   1996-05 
_diffrn_detector.details                MIRRORS 
# 
_diffrn_radiation.diffrn_id                        1 
_diffrn_radiation.wavelength_id                    1 
_diffrn_radiation.pdbx_monochromatic_or_laue_m_l   M 
_diffrn_radiation.monochromator                    SINGLE-CRYSTAL 
_diffrn_radiation.pdbx_diffrn_protocol             ? 
_diffrn_radiation.pdbx_scattering_type             x-ray 
# 
_diffrn_radiation_wavelength.id           1 
_diffrn_radiation_wavelength.wavelength   0.98 
_diffrn_radiation_wavelength.wt           1.0 
# 
_diffrn_source.diffrn_id                   1 
_diffrn_source.source                      SYNCHROTRON 
_diffrn_source.type                        'CHESS BEAMLINE F2' 
_diffrn_source.pdbx_synchrotron_site       CHESS 
_diffrn_source.pdbx_synchrotron_beamline   F2 
_diffrn_source.pdbx_wavelength             0.98 
_diffrn_source.pdbx_wavelength_list        ? 
# 
_reflns.entry_id                     1CM1 
_reflns.observed_criterion_sigma_I   2. 
_reflns.observed_criterion_sigma_F   ? 
_reflns.d_resolution_low             10.0 
_reflns.d_resolution_high            2.0 
_reflns.number_obs                   11522 
_reflns.number_all                   ? 
_reflns.percent_possible_obs         92.1 
_reflns.pdbx_Rmerge_I_obs            ? 
_reflns.pdbx_Rsym_value              0.0610000 
_reflns.pdbx_netI_over_sigmaI        9.2 
_reflns.B_iso_Wilson_estimate        22.5 
_reflns.pdbx_redundancy              ? 
_reflns.pdbx_diffrn_id               1 
_reflns.pdbx_ordinal                 1 
# 
_reflns_shell.d_res_high             2.00 
_reflns_shell.d_res_low              2.07 
_reflns_shell.percent_possible_all   82.8 
_reflns_shell.Rmerge_I_obs           ? 
_reflns_shell.pdbx_Rsym_value        0.2400000 
_reflns_shell.meanI_over_sigI_obs    ? 
_reflns_shell.pdbx_redundancy        ? 
_reflns_shell.pdbx_diffrn_id         ? 
_reflns_shell.pdbx_ordinal           1 
# 
_refine.entry_id                                 1CM1 
_refine.ls_number_reflns_obs                     11522 
_refine.ls_number_reflns_all                     ? 
_refine.pdbx_ls_sigma_I                          ? 
_refine.pdbx_ls_sigma_F                          2.0 
_refine.pdbx_data_cutoff_high_absF               100000. 
_refine.pdbx_data_cutoff_low_absF                0.1 
_refine.pdbx_data_cutoff_high_rms_absF           ? 
_refine.ls_d_res_low                             10.0 
_refine.ls_d_res_high                            2.0 
_refine.ls_percent_reflns_obs                    92.1 
_refine.ls_R_factor_obs                          0.2340000 
_refine.ls_R_factor_all                          ? 
_refine.ls_R_factor_R_work                       0.2340000 
_refine.ls_R_factor_R_free                       0.3020000 
_refine.ls_R_factor_R_free_error                 0.009 
_refine.ls_R_factor_R_free_error_details         ? 
_refine.ls_percent_reflns_R_free                 10.3 
_refine.ls_number_reflns_R_free                  1189 
_refine.ls_number_parameters                     ? 
_refine.ls_number_restraints                     ? 
_refine.occupancy_min                            ? 
_refine.occupancy_max                            ? 
_refine.B_iso_mean                               41.4 
_refine.aniso_B[1][1]                            ? 
_refine.aniso_B[2][2]                            ? 
_refine.aniso_B[3][3]                            ? 
_refine.aniso_B[1][2]                            ? 
_refine.aniso_B[1][3]                            ? 
_refine.aniso_B[2][3]                            ? 
_refine.solvent_model_details                    ? 
_refine.solvent_model_param_ksol                 ? 
_refine.solvent_model_param_bsol                 ? 
_refine.pdbx_ls_cross_valid_method               THROUGHOUT 
_refine.details                                  
;RESIDUES 74 - 83, WHICH ARE NOT PRESENT IN PDB ENTRY 1CDM,
WERE ADDED FOR THIS REFINEMENT.  AN INITIAL GUESS WAS
OBTAINED FROM THE COORDINATES OF PDB ENTRY 1CDL.  THESE
RESIDUES DO NOT SHOW CONNECTED ELECTRON DENSITY AT A LEVEL
OF 1SIGMA.
;
_refine.pdbx_starting_model                      'PDB ENTRIES 1CDM AND 1CDL' 
_refine.pdbx_method_to_determine_struct          'MOLECULAR REPLACEMENT' 
_refine.pdbx_isotropic_thermal_model             RESTRAINED 
_refine.pdbx_stereochemistry_target_values       ? 
_refine.pdbx_stereochem_target_val_spec_case     ? 
_refine.pdbx_R_Free_selection_details            RANDOM 
_refine.pdbx_overall_ESU_R                       ? 
_refine.pdbx_overall_ESU_R_Free                  ? 
_refine.overall_SU_ML                            ? 
_refine.overall_SU_B                             ? 
_refine.pdbx_refine_id                           'X-RAY DIFFRACTION' 
_refine.pdbx_diffrn_id                           1 
_refine.pdbx_TLS_residual_ADP_flag               ? 
_refine.correlation_coeff_Fo_to_Fc               ? 
_refine.correlation_coeff_Fo_to_Fc_free          ? 
_refine.pdbx_solvent_vdw_probe_radii             ? 
_refine.pdbx_solvent_ion_probe_radii             ? 
_refine.pdbx_solvent_shrinkage_radii             ? 
_refine.pdbx_overall_phase_error                 ? 
_refine.overall_SU_R_Cruickshank_DPI             ? 
_refine.pdbx_overall_SU_R_free_Cruickshank_DPI   ? 
_refine.pdbx_overall_SU_R_Blow_DPI               ? 
_refine.pdbx_overall_SU_R_free_Blow_DPI          ? 
# 
_refine_analyze.entry_id                        1CM1 
_refine_analyze.Luzzati_coordinate_error_obs    0.29 
_refine_analyze.Luzzati_sigma_a_obs             0.31 
_refine_analyze.Luzzati_d_res_low_obs           5.00 
_refine_analyze.Luzzati_coordinate_error_free   0.34 
_refine_analyze.Luzzati_sigma_a_free            0.29 
_refine_analyze.Luzzati_d_res_low_free          ? 
_refine_analyze.number_disordered_residues      ? 
_refine_analyze.occupancy_sum_hydrogen          ? 
_refine_analyze.occupancy_sum_non_hydrogen      ? 
_refine_analyze.pdbx_refine_id                  'X-RAY DIFFRACTION' 
# 
_refine_hist.pdbx_refine_id                   'X-RAY DIFFRACTION' 
_refine_hist.cycle_id                         LAST 
_refine_hist.pdbx_number_atoms_protein        1258 
_refine_hist.pdbx_number_atoms_nucleic_acid   0 
_refine_hist.pdbx_number_atoms_ligand         5 
_refine_hist.number_atoms_solvent             58 
_refine_hist.number_atoms_total               1321 
_refine_hist.d_res_high                       2.0 
_refine_hist.d_res_low                        10.0 
# 
loop_
_refine_ls_restr.type 
_refine_ls_restr.dev_ideal 
_refine_ls_restr.dev_ideal_target 
_refine_ls_restr.weight 
_refine_ls_restr.number 
_refine_ls_restr.pdbx_refine_id 
_refine_ls_restr.pdbx_restraint_function 
x_bond_d                0.009 ?    ? ? 'X-RAY DIFFRACTION' ? 
x_bond_d_na             ?     ?    ? ? 'X-RAY DIFFRACTION' ? 
x_bond_d_prot           ?     ?    ? ? 'X-RAY DIFFRACTION' ? 
x_angle_d               ?     ?    ? ? 'X-RAY DIFFRACTION' ? 
x_angle_d_na            ?     ?    ? ? 'X-RAY DIFFRACTION' ? 
x_angle_d_prot          ?     ?    ? ? 'X-RAY DIFFRACTION' ? 
x_angle_deg             2.3   ?    ? ? 'X-RAY DIFFRACTION' ? 
x_angle_deg_na          ?     ?    ? ? 'X-RAY DIFFRACTION' ? 
x_angle_deg_prot        ?     ?    ? ? 'X-RAY DIFFRACTION' ? 
x_dihedral_angle_d      21.8  ?    ? ? 'X-RAY DIFFRACTION' ? 
x_dihedral_angle_d_na   ?     ?    ? ? 'X-RAY DIFFRACTION' ? 
x_dihedral_angle_d_prot ?     ?    ? ? 'X-RAY DIFFRACTION' ? 
x_improper_angle_d      0.72  ?    ? ? 'X-RAY DIFFRACTION' ? 
x_improper_angle_d_na   ?     ?    ? ? 'X-RAY DIFFRACTION' ? 
x_improper_angle_d_prot ?     ?    ? ? 'X-RAY DIFFRACTION' ? 
x_mcbond_it             2.22  1.50 ? ? 'X-RAY DIFFRACTION' ? 
x_mcangle_it            3.88  2.00 ? ? 'X-RAY DIFFRACTION' ? 
x_scbond_it             3.31  2.00 ? ? 'X-RAY DIFFRACTION' ? 
x_scangle_it            5.47  2.50 ? ? 'X-RAY DIFFRACTION' ? 
# 
_refine_ls_shell.pdbx_total_number_of_bins_used   10 
_refine_ls_shell.d_res_high                       2.0 
_refine_ls_shell.d_res_low                        2.07 
_refine_ls_shell.number_reflns_R_work             964 
_refine_ls_shell.R_factor_R_work                  0.3440000 
_refine_ls_shell.percent_reflns_obs               82.8 
_refine_ls_shell.R_factor_R_free                  0.3690000 
_refine_ls_shell.R_factor_R_free_error            0.033 
_refine_ls_shell.percent_reflns_R_free            11.7 
_refine_ls_shell.number_reflns_R_free             128 
_refine_ls_shell.pdbx_refine_id                   'X-RAY DIFFRACTION' 
_refine_ls_shell.number_reflns_all                ? 
_refine_ls_shell.R_factor_all                     ? 
# 
loop_
_pdbx_xplor_file.serial_no 
_pdbx_xplor_file.param_file 
_pdbx_xplor_file.topol_file 
_pdbx_xplor_file.pdbx_refine_id 
1 PARAM19X.PRO TOPH19X.PRO 'X-RAY DIFFRACTION' 
2 PARAM19.SOL  TOPH19.SOL  'X-RAY DIFFRACTION' 
# 
_struct.entry_id                  1CM1 
_struct.title                     'MOTIONS OF CALMODULIN-SINGLE-CONFORMER REFINEMENT' 
_struct.pdbx_model_details        ? 
_struct.pdbx_CASP_flag            ? 
_struct.pdbx_model_type_details   ? 
# 
_struct_keywords.entry_id        1CM1 
_struct_keywords.pdbx_keywords   'COMPLEX (CALCIUM-BINDING/TRANSFERASE)' 
_struct_keywords.text            
'COMPLEX (CALCIUM-BINDING-TRANSFERASE), EF-HAND CALCIUM-BINDING PROTEIN, COMPLEX (CALCIUM-BINDING-TRANSFERASE) complex' 
# 
loop_
_struct_asym.id 
_struct_asym.pdbx_blank_PDB_chainid_flag 
_struct_asym.pdbx_modified 
_struct_asym.entity_id 
_struct_asym.details 
A N N 1 ? 
B N N 2 ? 
C N N 3 ? 
D N N 3 ? 
E N N 3 ? 
F N N 3 ? 
G N N 3 ? 
H N N 4 ? 
I N N 4 ? 
# 
loop_
_struct_ref.id 
_struct_ref.db_name 
_struct_ref.db_code 
_struct_ref.entity_id 
_struct_ref.pdbx_db_accession 
_struct_ref.pdbx_align_begin 
_struct_ref.pdbx_seq_one_letter_code 
_struct_ref.pdbx_db_isoform 
1 UNP CALM_HUMAN 1 P02593 1 
;ADQLTEEQIAEFKEAFSLFDKDGDGTITTKELGTVMRSLGQNPTEAELQDMINEVDADGNGTIDFPEFLTMMARKMKDTD
SEEEIREAFRVFDKDGNGYISAAELRHVMTNLGEKLTDEEVDEMIREADIDGDGQVNYEEFVQMMTAK
;
? 
2 UNP KCC2A_RAT  2 P11275 1 
;MATITCTRFTEEYQLFEELGKGAFSVVRRCVKVLAGQEYAAKIINTKKLSARDHQKLEREARICRLLKHPNIVRLHDSIS
EEGHHYLIFDLVTGGELFEDIVAREYYSEADASHCIQQILEAVLHCHQMGVVHRDLKPENLLLASKLKGAAVKLADFGLA
IEVEGEQQAWFGFAGTPGYLSPEVLRKDPYGKPVDLWACGVILYILLVGYPPFWDEDQHRLYQQIKAGAYDFPSPEWDTV
TPEAKDLINKMLTINPSKRITAAEALKHPWISHRSTVASCMHRQETVDCLKKFNARRKLKGAILTTMLATRNFSGGKSGG
NKKNDGVKESSESTNTTIEDEDTKVRKQEIIKVTEQLIEAISNGDFESYTKMCDPGMTAFEPEALGNLVEGLDFHRFYFE
NLWSRNSKPVHTTILNPHIHLMGDESACIAYIRITQYLDAGGIPRTAQSEETRVWHRRDGKWQIVHFHRSGAPSVLPH
;
? 
# 
loop_
_struct_ref_seq.align_id 
_struct_ref_seq.ref_id 
_struct_ref_seq.pdbx_PDB_id_code 
_struct_ref_seq.pdbx_strand_id 
_struct_ref_seq.seq_align_beg 
_struct_ref_seq.pdbx_seq_align_beg_ins_code 
_struct_ref_seq.seq_align_end 
_struct_ref_seq.pdbx_seq_align_end_ins_code 
_struct_ref_seq.pdbx_db_accession 
_struct_ref_seq.db_align_beg 
_struct_ref_seq.pdbx_db_align_beg_ins_code 
_struct_ref_seq.db_align_end 
_struct_ref_seq.pdbx_db_align_end_ins_code 
_struct_ref_seq.pdbx_auth_seq_align_beg 
_struct_ref_seq.pdbx_auth_seq_align_end 
1 1 1CM1 A 1 ? 148 ? P02593 1   ? 148 ? 1   148 
2 2 1CM1 B 1 ? 25  ? P11275 290 ? 314 ? 290 314 
# 
loop_
_pdbx_struct_assembly.id 
_pdbx_struct_assembly.details 
_pdbx_struct_assembly.method_details 
_pdbx_struct_assembly.oligomeric_details 
_pdbx_struct_assembly.oligomeric_count 
1 author_and_software_defined_assembly PISA dimeric    2 
2 software_defined_assembly            PISA tetrameric 4 
# 
loop_
_pdbx_struct_assembly_prop.biol_id 
_pdbx_struct_assembly_prop.type 
_pdbx_struct_assembly_prop.value 
_pdbx_struct_assembly_prop.details 
1 'ABSA (A^2)' 2970  ? 
1 MORE         -80   ? 
1 'SSA (A^2)'  8570  ? 
2 'ABSA (A^2)' 6490  ? 
2 MORE         -177  ? 
2 'SSA (A^2)'  16670 ? 
# 
loop_
_pdbx_struct_assembly_gen.assembly_id 
_pdbx_struct_assembly_gen.oper_expression 
_pdbx_struct_assembly_gen.asym_id_list 
1 1   A,B,C,D,E,F,G,H,I 
2 1,2 A,B,C,D,E,F,G,H,I 
# 
loop_
_pdbx_struct_oper_list.id 
_pdbx_struct_oper_list.type 
_pdbx_struct_oper_list.name 
_pdbx_struct_oper_list.symmetry_operation 
_pdbx_struct_oper_list.matrix[1][1] 
_pdbx_struct_oper_list.matrix[1][2] 
_pdbx_struct_oper_list.matrix[1][3] 
_pdbx_struct_oper_list.vector[1] 
_pdbx_struct_oper_list.matrix[2][1] 
_pdbx_struct_oper_list.matrix[2][2] 
_pdbx_struct_oper_list.matrix[2][3] 
_pdbx_struct_oper_list.vector[2] 
_pdbx_struct_oper_list.matrix[3][1] 
_pdbx_struct_oper_list.matrix[3][2] 
_pdbx_struct_oper_list.matrix[3][3] 
_pdbx_struct_oper_list.vector[3] 
1 'identity operation'         1_555 x,y,z       1.0000000000  0.0000000000  0.0000000000  0.0000000000   0.0000000000  1.0000000000 0.0000000000 0.0000000000 0.0000000000  0.0000000000 1.0000000000  0.0000000000   
2 'crystal symmetry operation' 4_576 x,-y+2,-z+1 -0.8267294231 -0.4562750485 -0.3291375717 -38.1140329134 -0.4562750485 0.2015133994 0.8667210797 3.6576263772 -0.3291375717 0.8667210797 -0.3747839763 -25.1351557344 
# 
_struct_biol.id   1 
# 
loop_
_struct_conf.conf_type_id 
_struct_conf.id 
_struct_conf.pdbx_PDB_helix_id 
_struct_conf.beg_label_comp_id 
_struct_conf.beg_label_asym_id 
_struct_conf.beg_label_seq_id 
_struct_conf.pdbx_beg_PDB_ins_code 
_struct_conf.end_label_comp_id 
_struct_conf.end_label_asym_id 
_struct_conf.end_label_seq_id 
_struct_conf.pdbx_end_PDB_ins_code 
_struct_conf.beg_auth_comp_id 
_struct_conf.beg_auth_asym_id 
_struct_conf.beg_auth_seq_id 
_struct_conf.end_auth_comp_id 
_struct_conf.end_auth_asym_id 
_struct_conf.end_auth_seq_id 
_struct_conf.pdbx_PDB_helix_class 
_struct_conf.details 
_struct_conf.pdbx_PDB_helix_length 
HELX_P HELX_P1 1 GLU A 6   ? PHE A 19  ? GLU A 6   PHE A 19  1 ? 14 
HELX_P HELX_P2 2 THR A 29  ? SER A 38  ? THR A 29  SER A 38  1 ? 10 
HELX_P HELX_P3 3 GLU A 45  ? VAL A 55  ? GLU A 45  VAL A 55  1 ? 11 
HELX_P HELX_P4 4 PHE A 65  ? ALA A 73  ? PHE A 65  ALA A 73  1 ? 9  
HELX_P HELX_P5 5 GLU A 84  ? PHE A 92  ? GLU A 84  PHE A 92  1 ? 9  
HELX_P HELX_P6 6 ALA A 102 ? ASN A 111 ? ALA A 102 ASN A 111 1 ? 10 
HELX_P HELX_P7 7 ASP A 118 ? ALA A 128 ? ASP A 118 ALA A 128 1 ? 11 
HELX_P HELX_P8 8 TYR A 138 ? MET A 144 ? TYR A 138 MET A 144 1 ? 7  
HELX_P HELX_P9 9 ALA B 6   ? LEU B 19  ? ALA B 295 LEU B 308 1 ? 14 
# 
_struct_conf_type.id          HELX_P 
_struct_conf_type.criteria    ? 
_struct_conf_type.reference   ? 
# 
loop_
_struct_conn.id 
_struct_conn.conn_type_id 
_struct_conn.pdbx_leaving_atom_flag 
_struct_conn.pdbx_PDB_id 
_struct_conn.ptnr1_label_asym_id 
_struct_conn.ptnr1_label_comp_id 
_struct_conn.ptnr1_label_seq_id 
_struct_conn.ptnr1_label_atom_id 
_struct_conn.pdbx_ptnr1_label_alt_id 
_struct_conn.pdbx_ptnr1_PDB_ins_code 
_struct_conn.pdbx_ptnr1_standard_comp_id 
_struct_conn.ptnr1_symmetry 
_struct_conn.ptnr2_label_asym_id 
_struct_conn.ptnr2_label_comp_id 
_struct_conn.ptnr2_label_seq_id 
_struct_conn.ptnr2_label_atom_id 
_struct_conn.pdbx_ptnr2_label_alt_id 
_struct_conn.pdbx_ptnr2_PDB_ins_code 
_struct_conn.ptnr1_auth_asym_id 
_struct_conn.ptnr1_auth_comp_id 
_struct_conn.ptnr1_auth_seq_id 
_struct_conn.ptnr2_auth_asym_id 
_struct_conn.ptnr2_auth_comp_id 
_struct_conn.ptnr2_auth_seq_id 
_struct_conn.ptnr2_symmetry 
_struct_conn.pdbx_ptnr3_label_atom_id 
_struct_conn.pdbx_ptnr3_label_seq_id 
_struct_conn.pdbx_ptnr3_label_comp_id 
_struct_conn.pdbx_ptnr3_label_asym_id 
_struct_conn.pdbx_ptnr3_label_alt_id 
_struct_conn.pdbx_ptnr3_PDB_ins_code 
_struct_conn.details 
_struct_conn.pdbx_dist_value 
_struct_conn.pdbx_value_order 
_struct_conn.pdbx_role 
metalc1  metalc ? ? A ASP 20  OD1 ? ? ? 1_555 C CA  . CA ? ? A ASP 20  A CA  401 1_555 ? ? ? ? ? ? ? 2.592 ? ? 
metalc2  metalc ? ? A ASP 22  OD1 ? ? ? 1_555 C CA  . CA ? ? A ASP 22  A CA  401 1_555 ? ? ? ? ? ? ? 2.577 ? ? 
metalc3  metalc ? ? A ASP 24  OD1 ? ? ? 1_555 C CA  . CA ? ? A ASP 24  A CA  401 1_555 ? ? ? ? ? ? ? 2.607 ? ? 
metalc4  metalc ? ? A THR 26  O   ? ? ? 1_555 C CA  . CA ? ? A THR 26  A CA  401 1_555 ? ? ? ? ? ? ? 2.405 ? ? 
metalc5  metalc ? ? A GLU 31  OE1 ? ? ? 1_555 C CA  . CA ? ? A GLU 31  A CA  401 1_555 ? ? ? ? ? ? ? 2.622 ? ? 
metalc6  metalc ? ? A GLU 31  OE2 ? ? ? 1_555 C CA  . CA ? ? A GLU 31  A CA  401 1_555 ? ? ? ? ? ? ? 2.704 ? ? 
metalc7  metalc ? ? A ASP 56  OD1 ? ? ? 1_555 D CA  . CA ? ? A ASP 56  A CA  402 1_555 ? ? ? ? ? ? ? 2.598 ? ? 
metalc8  metalc ? ? A ASP 58  OD1 ? ? ? 1_555 D CA  . CA ? ? A ASP 58  A CA  402 1_555 ? ? ? ? ? ? ? 3.296 ? ? 
metalc9  metalc ? ? A ASP 58  OD2 ? ? ? 1_555 D CA  . CA ? ? A ASP 58  A CA  402 1_555 ? ? ? ? ? ? ? 2.801 ? ? 
metalc10 metalc ? ? A ASN 60  OD1 ? ? ? 1_555 D CA  . CA ? ? A ASN 60  A CA  402 1_555 ? ? ? ? ? ? ? 2.540 ? ? 
metalc11 metalc ? ? A THR 62  O   ? ? ? 1_555 D CA  . CA ? ? A THR 62  A CA  402 1_555 ? ? ? ? ? ? ? 2.566 ? ? 
metalc12 metalc ? ? A GLU 67  OE1 ? ? ? 1_555 D CA  . CA ? ? A GLU 67  A CA  402 1_555 ? ? ? ? ? ? ? 2.665 ? ? 
metalc13 metalc ? ? A GLU 67  OE2 ? ? ? 1_555 D CA  . CA ? ? A GLU 67  A CA  402 1_555 ? ? ? ? ? ? ? 2.700 ? ? 
metalc14 metalc ? ? A ASP 93  OD1 ? ? ? 1_555 E CA  . CA ? ? A ASP 93  A CA  403 1_555 ? ? ? ? ? ? ? 2.537 ? ? 
metalc15 metalc ? ? A ASP 95  OD1 ? ? ? 1_555 E CA  . CA ? ? A ASP 95  A CA  403 1_555 ? ? ? ? ? ? ? 2.602 ? ? 
metalc16 metalc ? ? A ASN 97  OD1 ? ? ? 1_555 E CA  . CA ? ? A ASN 97  A CA  403 1_555 ? ? ? ? ? ? ? 2.552 ? ? 
metalc17 metalc ? ? A TYR 99  O   ? ? ? 1_555 E CA  . CA ? ? A TYR 99  A CA  403 1_555 ? ? ? ? ? ? ? 2.466 ? ? 
metalc18 metalc ? ? A GLU 104 OE2 ? ? ? 1_555 E CA  . CA ? ? A GLU 104 A CA  403 1_555 ? ? ? ? ? ? ? 2.625 ? ? 
metalc19 metalc ? ? A GLU 104 OE1 ? ? ? 1_555 E CA  . CA ? ? A GLU 104 A CA  403 1_555 ? ? ? ? ? ? ? 2.589 ? ? 
metalc20 metalc ? ? A ASP 129 OD1 ? ? ? 1_555 F CA  . CA ? ? A ASP 129 A CA  404 1_555 ? ? ? ? ? ? ? 2.551 ? ? 
metalc21 metalc ? ? A ASP 131 OD1 ? ? ? 1_555 F CA  . CA ? ? A ASP 131 A CA  404 1_555 ? ? ? ? ? ? ? 2.652 ? ? 
metalc22 metalc ? ? A ASP 133 OD1 ? ? ? 1_555 F CA  . CA ? ? A ASP 133 A CA  404 1_555 ? ? ? ? ? ? ? 2.589 ? ? 
metalc23 metalc ? ? A ASP 133 OD2 ? ? ? 1_555 G CA  . CA ? ? A ASP 133 A CA  600 1_555 ? ? ? ? ? ? ? 3.073 ? ? 
metalc24 metalc ? ? A ASP 133 OD2 ? ? ? 4_576 G CA  . CA ? ? A ASP 133 A CA  600 1_555 ? ? ? ? ? ? ? 3.074 ? ? 
metalc25 metalc ? ? A GLN 135 O   ? ? ? 1_555 F CA  . CA ? ? A GLN 135 A CA  404 1_555 ? ? ? ? ? ? ? 2.483 ? ? 
metalc26 metalc ? ? A GLN 135 OE1 ? ? ? 1_555 G CA  . CA ? ? A GLN 135 A CA  600 1_555 ? ? ? ? ? ? ? 3.044 ? ? 
metalc27 metalc ? ? A GLN 135 OE1 ? ? ? 4_576 G CA  . CA ? ? A GLN 135 A CA  600 1_555 ? ? ? ? ? ? ? 3.044 ? ? 
metalc28 metalc ? ? A GLU 140 OE1 ? ? ? 1_555 F CA  . CA ? ? A GLU 140 A CA  404 1_555 ? ? ? ? ? ? ? 2.624 ? ? 
metalc29 metalc ? ? A GLU 140 OE2 ? ? ? 1_555 F CA  . CA ? ? A GLU 140 A CA  404 1_555 ? ? ? ? ? ? ? 2.722 ? ? 
metalc30 metalc ? ? C CA  .   CA  ? ? ? 1_555 H HOH . O  ? ? A CA  401 A HOH 533 1_555 ? ? ? ? ? ? ? 2.735 ? ? 
metalc31 metalc ? ? D CA  .   CA  ? ? ? 1_555 H HOH . O  ? ? A CA  402 A HOH 536 1_555 ? ? ? ? ? ? ? 2.770 ? ? 
metalc32 metalc ? ? E CA  .   CA  ? ? ? 1_555 H HOH . O  ? ? A CA  403 A HOH 511 1_555 ? ? ? ? ? ? ? 2.521 ? ? 
metalc33 metalc ? ? F CA  .   CA  ? ? ? 1_555 H HOH . O  ? ? A CA  404 A HOH 527 1_555 ? ? ? ? ? ? ? 2.667 ? ? 
# 
_struct_conn_type.id          metalc 
_struct_conn_type.criteria    ? 
_struct_conn_type.reference   ? 
# 
loop_
_pdbx_struct_conn_angle.id 
_pdbx_struct_conn_angle.ptnr1_label_atom_id 
_pdbx_struct_conn_angle.ptnr1_label_alt_id 
_pdbx_struct_conn_angle.ptnr1_label_asym_id 
_pdbx_struct_conn_angle.ptnr1_label_comp_id 
_pdbx_struct_conn_angle.ptnr1_label_seq_id 
_pdbx_struct_conn_angle.ptnr1_auth_atom_id 
_pdbx_struct_conn_angle.ptnr1_auth_asym_id 
_pdbx_struct_conn_angle.ptnr1_auth_comp_id 
_pdbx_struct_conn_angle.ptnr1_auth_seq_id 
_pdbx_struct_conn_angle.ptnr1_PDB_ins_code 
_pdbx_struct_conn_angle.ptnr1_symmetry 
_pdbx_struct_conn_angle.ptnr2_label_atom_id 
_pdbx_struct_conn_angle.ptnr2_label_alt_id 
_pdbx_struct_conn_angle.ptnr2_label_asym_id 
_pdbx_struct_conn_angle.ptnr2_label_comp_id 
_pdbx_struct_conn_angle.ptnr2_label_seq_id 
_pdbx_struct_conn_angle.ptnr2_auth_atom_id 
_pdbx_struct_conn_angle.ptnr2_auth_asym_id 
_pdbx_struct_conn_angle.ptnr2_auth_comp_id 
_pdbx_struct_conn_angle.ptnr2_auth_seq_id 
_pdbx_struct_conn_angle.ptnr2_PDB_ins_code 
_pdbx_struct_conn_angle.ptnr2_symmetry 
_pdbx_struct_conn_angle.ptnr3_label_atom_id 
_pdbx_struct_conn_angle.ptnr3_label_alt_id 
_pdbx_struct_conn_angle.ptnr3_label_asym_id 
_pdbx_struct_conn_angle.ptnr3_label_comp_id 
_pdbx_struct_conn_angle.ptnr3_label_seq_id 
_pdbx_struct_conn_angle.ptnr3_auth_atom_id 
_pdbx_struct_conn_angle.ptnr3_auth_asym_id 
_pdbx_struct_conn_angle.ptnr3_auth_comp_id 
_pdbx_struct_conn_angle.ptnr3_auth_seq_id 
_pdbx_struct_conn_angle.ptnr3_PDB_ins_code 
_pdbx_struct_conn_angle.ptnr3_symmetry 
_pdbx_struct_conn_angle.value 
_pdbx_struct_conn_angle.value_esd 
1  OD1 ? A ASP 20  ? A ASP 20  ? 1_555 CA ? C CA . ? A CA 401 ? 1_555 OD1 ? A ASP 22  ? A ASP 22  ? 1_555 79.3  ? 
2  OD1 ? A ASP 20  ? A ASP 20  ? 1_555 CA ? C CA . ? A CA 401 ? 1_555 OD1 ? A ASP 24  ? A ASP 24  ? 1_555 89.0  ? 
3  OD1 ? A ASP 22  ? A ASP 22  ? 1_555 CA ? C CA . ? A CA 401 ? 1_555 OD1 ? A ASP 24  ? A ASP 24  ? 1_555 80.7  ? 
4  OD1 ? A ASP 20  ? A ASP 20  ? 1_555 CA ? C CA . ? A CA 401 ? 1_555 O   ? A THR 26  ? A THR 26  ? 1_555 84.0  ? 
5  OD1 ? A ASP 22  ? A ASP 22  ? 1_555 CA ? C CA . ? A CA 401 ? 1_555 O   ? A THR 26  ? A THR 26  ? 1_555 153.1 ? 
6  OD1 ? A ASP 24  ? A ASP 24  ? 1_555 CA ? C CA . ? A CA 401 ? 1_555 O   ? A THR 26  ? A THR 26  ? 1_555 78.1  ? 
7  OD1 ? A ASP 20  ? A ASP 20  ? 1_555 CA ? C CA . ? A CA 401 ? 1_555 OE1 ? A GLU 31  ? A GLU 31  ? 1_555 110.0 ? 
8  OD1 ? A ASP 22  ? A ASP 22  ? 1_555 CA ? C CA . ? A CA 401 ? 1_555 OE1 ? A GLU 31  ? A GLU 31  ? 1_555 128.5 ? 
9  OD1 ? A ASP 24  ? A ASP 24  ? 1_555 CA ? C CA . ? A CA 401 ? 1_555 OE1 ? A GLU 31  ? A GLU 31  ? 1_555 146.7 ? 
10 O   ? A THR 26  ? A THR 26  ? 1_555 CA ? C CA . ? A CA 401 ? 1_555 OE1 ? A GLU 31  ? A GLU 31  ? 1_555 77.0  ? 
11 OD1 ? A ASP 20  ? A ASP 20  ? 1_555 CA ? C CA . ? A CA 401 ? 1_555 OE2 ? A GLU 31  ? A GLU 31  ? 1_555 96.7  ? 
12 OD1 ? A ASP 22  ? A ASP 22  ? 1_555 CA ? C CA . ? A CA 401 ? 1_555 OE2 ? A GLU 31  ? A GLU 31  ? 1_555 81.3  ? 
13 OD1 ? A ASP 24  ? A ASP 24  ? 1_555 CA ? C CA . ? A CA 401 ? 1_555 OE2 ? A GLU 31  ? A GLU 31  ? 1_555 159.8 ? 
14 O   ? A THR 26  ? A THR 26  ? 1_555 CA ? C CA . ? A CA 401 ? 1_555 OE2 ? A GLU 31  ? A GLU 31  ? 1_555 121.7 ? 
15 OE1 ? A GLU 31  ? A GLU 31  ? 1_555 CA ? C CA . ? A CA 401 ? 1_555 OE2 ? A GLU 31  ? A GLU 31  ? 1_555 47.9  ? 
16 OD1 ? A ASP 20  ? A ASP 20  ? 1_555 CA ? C CA . ? A CA 401 ? 1_555 O   ? H HOH .   ? A HOH 533 ? 1_555 155.8 ? 
17 OD1 ? A ASP 22  ? A ASP 22  ? 1_555 CA ? C CA . ? A CA 401 ? 1_555 O   ? H HOH .   ? A HOH 533 ? 1_555 78.7  ? 
18 OD1 ? A ASP 24  ? A ASP 24  ? 1_555 CA ? C CA . ? A CA 401 ? 1_555 O   ? H HOH .   ? A HOH 533 ? 1_555 77.4  ? 
19 O   ? A THR 26  ? A THR 26  ? 1_555 CA ? C CA . ? A CA 401 ? 1_555 O   ? H HOH .   ? A HOH 533 ? 1_555 112.1 ? 
20 OE1 ? A GLU 31  ? A GLU 31  ? 1_555 CA ? C CA . ? A CA 401 ? 1_555 O   ? H HOH .   ? A HOH 533 ? 1_555 91.8  ? 
21 OE2 ? A GLU 31  ? A GLU 31  ? 1_555 CA ? C CA . ? A CA 401 ? 1_555 O   ? H HOH .   ? A HOH 533 ? 1_555 90.1  ? 
22 OD1 ? A ASP 56  ? A ASP 56  ? 1_555 CA ? D CA . ? A CA 402 ? 1_555 OD1 ? A ASP 58  ? A ASP 58  ? 1_555 100.1 ? 
23 OD1 ? A ASP 56  ? A ASP 56  ? 1_555 CA ? D CA . ? A CA 402 ? 1_555 OD2 ? A ASP 58  ? A ASP 58  ? 1_555 113.7 ? 
24 OD1 ? A ASP 58  ? A ASP 58  ? 1_555 CA ? D CA . ? A CA 402 ? 1_555 OD2 ? A ASP 58  ? A ASP 58  ? 1_555 40.3  ? 
25 OD1 ? A ASP 56  ? A ASP 56  ? 1_555 CA ? D CA . ? A CA 402 ? 1_555 OD1 ? A ASN 60  ? A ASN 60  ? 1_555 95.3  ? 
26 OD1 ? A ASP 58  ? A ASP 58  ? 1_555 CA ? D CA . ? A CA 402 ? 1_555 OD1 ? A ASN 60  ? A ASN 60  ? 1_555 68.8  ? 
27 OD2 ? A ASP 58  ? A ASP 58  ? 1_555 CA ? D CA . ? A CA 402 ? 1_555 OD1 ? A ASN 60  ? A ASN 60  ? 1_555 105.2 ? 
28 OD1 ? A ASP 56  ? A ASP 56  ? 1_555 CA ? D CA . ? A CA 402 ? 1_555 O   ? A THR 62  ? A THR 62  ? 1_555 75.6  ? 
29 OD1 ? A ASP 58  ? A ASP 58  ? 1_555 CA ? D CA . ? A CA 402 ? 1_555 O   ? A THR 62  ? A THR 62  ? 1_555 154.8 ? 
30 OD2 ? A ASP 58  ? A ASP 58  ? 1_555 CA ? D CA . ? A CA 402 ? 1_555 O   ? A THR 62  ? A THR 62  ? 1_555 163.5 ? 
31 OD1 ? A ASN 60  ? A ASN 60  ? 1_555 CA ? D CA . ? A CA 402 ? 1_555 O   ? A THR 62  ? A THR 62  ? 1_555 86.7  ? 
32 OD1 ? A ASP 56  ? A ASP 56  ? 1_555 CA ? D CA . ? A CA 402 ? 1_555 OE1 ? A GLU 67  ? A GLU 67  ? 1_555 106.9 ? 
33 OD1 ? A ASP 58  ? A ASP 58  ? 1_555 CA ? D CA . ? A CA 402 ? 1_555 OE1 ? A GLU 67  ? A GLU 67  ? 1_555 130.4 ? 
34 OD2 ? A ASP 58  ? A ASP 58  ? 1_555 CA ? D CA . ? A CA 402 ? 1_555 OE1 ? A GLU 67  ? A GLU 67  ? 1_555 90.3  ? 
35 OD1 ? A ASN 60  ? A ASN 60  ? 1_555 CA ? D CA . ? A CA 402 ? 1_555 OE1 ? A GLU 67  ? A GLU 67  ? 1_555 145.1 ? 
36 O   ? A THR 62  ? A THR 62  ? 1_555 CA ? D CA . ? A CA 402 ? 1_555 OE1 ? A GLU 67  ? A GLU 67  ? 1_555 73.7  ? 
37 OD1 ? A ASP 56  ? A ASP 56  ? 1_555 CA ? D CA . ? A CA 402 ? 1_555 OE2 ? A GLU 67  ? A GLU 67  ? 1_555 79.6  ? 
38 OD1 ? A ASP 58  ? A ASP 58  ? 1_555 CA ? D CA . ? A CA 402 ? 1_555 OE2 ? A GLU 67  ? A GLU 67  ? 1_555 100.3 ? 
39 OD2 ? A ASP 58  ? A ASP 58  ? 1_555 CA ? D CA . ? A CA 402 ? 1_555 OE2 ? A GLU 67  ? A GLU 67  ? 1_555 66.8  ? 
40 OD1 ? A ASN 60  ? A ASN 60  ? 1_555 CA ? D CA . ? A CA 402 ? 1_555 OE2 ? A GLU 67  ? A GLU 67  ? 1_555 167.1 ? 
41 O   ? A THR 62  ? A THR 62  ? 1_555 CA ? D CA . ? A CA 402 ? 1_555 OE2 ? A GLU 67  ? A GLU 67  ? 1_555 103.3 ? 
42 OE1 ? A GLU 67  ? A GLU 67  ? 1_555 CA ? D CA . ? A CA 402 ? 1_555 OE2 ? A GLU 67  ? A GLU 67  ? 1_555 47.4  ? 
43 OD1 ? A ASP 56  ? A ASP 56  ? 1_555 CA ? D CA . ? A CA 402 ? 1_555 O   ? H HOH .   ? A HOH 536 ? 1_555 161.7 ? 
44 OD1 ? A ASP 58  ? A ASP 58  ? 1_555 CA ? D CA . ? A CA 402 ? 1_555 O   ? H HOH .   ? A HOH 536 ? 1_555 74.3  ? 
45 OD2 ? A ASP 58  ? A ASP 58  ? 1_555 CA ? D CA . ? A CA 402 ? 1_555 O   ? H HOH .   ? A HOH 536 ? 1_555 73.6  ? 
46 OD1 ? A ASN 60  ? A ASN 60  ? 1_555 CA ? D CA . ? A CA 402 ? 1_555 O   ? H HOH .   ? A HOH 536 ? 1_555 66.4  ? 
47 O   ? A THR 62  ? A THR 62  ? 1_555 CA ? D CA . ? A CA 402 ? 1_555 O   ? H HOH .   ? A HOH 536 ? 1_555 101.8 ? 
48 OE1 ? A GLU 67  ? A GLU 67  ? 1_555 CA ? D CA . ? A CA 402 ? 1_555 O   ? H HOH .   ? A HOH 536 ? 1_555 89.3  ? 
49 OE2 ? A GLU 67  ? A GLU 67  ? 1_555 CA ? D CA . ? A CA 402 ? 1_555 O   ? H HOH .   ? A HOH 536 ? 1_555 118.3 ? 
50 OD1 ? A ASP 93  ? A ASP 93  ? 1_555 CA ? E CA . ? A CA 403 ? 1_555 OD1 ? A ASP 95  ? A ASP 95  ? 1_555 90.9  ? 
51 OD1 ? A ASP 93  ? A ASP 93  ? 1_555 CA ? E CA . ? A CA 403 ? 1_555 OD1 ? A ASN 97  ? A ASN 97  ? 1_555 79.5  ? 
52 OD1 ? A ASP 95  ? A ASP 95  ? 1_555 CA ? E CA . ? A CA 403 ? 1_555 OD1 ? A ASN 97  ? A ASN 97  ? 1_555 73.7  ? 
53 OD1 ? A ASP 93  ? A ASP 93  ? 1_555 CA ? E CA . ? A CA 403 ? 1_555 O   ? A TYR 99  ? A TYR 99  ? 1_555 84.3  ? 
54 OD1 ? A ASP 95  ? A ASP 95  ? 1_555 CA ? E CA . ? A CA 403 ? 1_555 O   ? A TYR 99  ? A TYR 99  ? 1_555 149.7 ? 
55 OD1 ? A ASN 97  ? A ASN 97  ? 1_555 CA ? E CA . ? A CA 403 ? 1_555 O   ? A TYR 99  ? A TYR 99  ? 1_555 76.0  ? 
56 OD1 ? A ASP 93  ? A ASP 93  ? 1_555 CA ? E CA . ? A CA 403 ? 1_555 OE2 ? A GLU 104 ? A GLU 104 ? 1_555 103.2 ? 
57 OD1 ? A ASP 95  ? A ASP 95  ? 1_555 CA ? E CA . ? A CA 403 ? 1_555 OE2 ? A GLU 104 ? A GLU 104 ? 1_555 85.1  ? 
58 OD1 ? A ASN 97  ? A ASN 97  ? 1_555 CA ? E CA . ? A CA 403 ? 1_555 OE2 ? A GLU 104 ? A GLU 104 ? 1_555 158.8 ? 
59 O   ? A TYR 99  ? A TYR 99  ? 1_555 CA ? E CA . ? A CA 403 ? 1_555 OE2 ? A GLU 104 ? A GLU 104 ? 1_555 125.1 ? 
60 OD1 ? A ASP 93  ? A ASP 93  ? 1_555 CA ? E CA . ? A CA 403 ? 1_555 OE1 ? A GLU 104 ? A GLU 104 ? 1_555 113.3 ? 
61 OD1 ? A ASP 95  ? A ASP 95  ? 1_555 CA ? E CA . ? A CA 403 ? 1_555 OE1 ? A GLU 104 ? A GLU 104 ? 1_555 130.8 ? 
62 OD1 ? A ASN 97  ? A ASN 97  ? 1_555 CA ? E CA . ? A CA 403 ? 1_555 OE1 ? A GLU 104 ? A GLU 104 ? 1_555 149.4 ? 
63 O   ? A TYR 99  ? A TYR 99  ? 1_555 CA ? E CA . ? A CA 403 ? 1_555 OE1 ? A GLU 104 ? A GLU 104 ? 1_555 77.7  ? 
64 OE2 ? A GLU 104 ? A GLU 104 ? 1_555 CA ? E CA . ? A CA 403 ? 1_555 OE1 ? A GLU 104 ? A GLU 104 ? 1_555 49.0  ? 
65 OD1 ? A ASP 93  ? A ASP 93  ? 1_555 CA ? E CA . ? A CA 403 ? 1_555 O   ? H HOH .   ? A HOH 511 ? 1_555 169.5 ? 
66 OD1 ? A ASP 95  ? A ASP 95  ? 1_555 CA ? E CA . ? A CA 403 ? 1_555 O   ? H HOH .   ? A HOH 511 ? 1_555 83.3  ? 
67 OD1 ? A ASN 97  ? A ASN 97  ? 1_555 CA ? E CA . ? A CA 403 ? 1_555 O   ? H HOH .   ? A HOH 511 ? 1_555 90.5  ? 
68 O   ? A TYR 99  ? A TYR 99  ? 1_555 CA ? E CA . ? A CA 403 ? 1_555 O   ? H HOH .   ? A HOH 511 ? 1_555 96.3  ? 
69 OE2 ? A GLU 104 ? A GLU 104 ? 1_555 CA ? E CA . ? A CA 403 ? 1_555 O   ? H HOH .   ? A HOH 511 ? 1_555 85.1  ? 
70 OE1 ? A GLU 104 ? A GLU 104 ? 1_555 CA ? E CA . ? A CA 403 ? 1_555 O   ? H HOH .   ? A HOH 511 ? 1_555 77.0  ? 
71 OD1 ? A ASP 129 ? A ASP 129 ? 1_555 CA ? F CA . ? A CA 404 ? 1_555 OD1 ? A ASP 131 ? A ASP 131 ? 1_555 79.8  ? 
72 OD1 ? A ASP 129 ? A ASP 129 ? 1_555 CA ? F CA . ? A CA 404 ? 1_555 OD1 ? A ASP 133 ? A ASP 133 ? 1_555 92.5  ? 
73 OD1 ? A ASP 131 ? A ASP 131 ? 1_555 CA ? F CA . ? A CA 404 ? 1_555 OD1 ? A ASP 133 ? A ASP 133 ? 1_555 79.3  ? 
74 OD1 ? A ASP 129 ? A ASP 129 ? 1_555 CA ? F CA . ? A CA 404 ? 1_555 O   ? A GLN 135 ? A GLN 135 ? 1_555 89.1  ? 
75 OD1 ? A ASP 131 ? A ASP 131 ? 1_555 CA ? F CA . ? A CA 404 ? 1_555 O   ? A GLN 135 ? A GLN 135 ? 1_555 152.3 ? 
76 OD1 ? A ASP 133 ? A ASP 133 ? 1_555 CA ? F CA . ? A CA 404 ? 1_555 O   ? A GLN 135 ? A GLN 135 ? 1_555 75.9  ? 
77 OD1 ? A ASP 129 ? A ASP 129 ? 1_555 CA ? F CA . ? A CA 404 ? 1_555 OE1 ? A GLU 140 ? A GLU 140 ? 1_555 110.2 ? 
78 OD1 ? A ASP 131 ? A ASP 131 ? 1_555 CA ? F CA . ? A CA 404 ? 1_555 OE1 ? A GLU 140 ? A GLU 140 ? 1_555 127.2 ? 
79 OD1 ? A ASP 133 ? A ASP 133 ? 1_555 CA ? F CA . ? A CA 404 ? 1_555 OE1 ? A GLU 140 ? A GLU 140 ? 1_555 146.8 ? 
80 O   ? A GLN 135 ? A GLN 135 ? 1_555 CA ? F CA . ? A CA 404 ? 1_555 OE1 ? A GLU 140 ? A GLU 140 ? 1_555 80.5  ? 
81 OD1 ? A ASP 129 ? A ASP 129 ? 1_555 CA ? F CA . ? A CA 404 ? 1_555 OE2 ? A GLU 140 ? A GLU 140 ? 1_555 92.2  ? 
82 OD1 ? A ASP 131 ? A ASP 131 ? 1_555 CA ? F CA . ? A CA 404 ? 1_555 OE2 ? A GLU 140 ? A GLU 140 ? 1_555 81.4  ? 
83 OD1 ? A ASP 133 ? A ASP 133 ? 1_555 CA ? F CA . ? A CA 404 ? 1_555 OE2 ? A GLU 140 ? A GLU 140 ? 1_555 159.0 ? 
84 O   ? A GLN 135 ? A GLN 135 ? 1_555 CA ? F CA . ? A CA 404 ? 1_555 OE2 ? A GLU 140 ? A GLU 140 ? 1_555 124.7 ? 
85 OE1 ? A GLU 140 ? A GLU 140 ? 1_555 CA ? F CA . ? A CA 404 ? 1_555 OE2 ? A GLU 140 ? A GLU 140 ? 1_555 47.5  ? 
86 OD1 ? A ASP 129 ? A ASP 129 ? 1_555 CA ? F CA . ? A CA 404 ? 1_555 O   ? H HOH .   ? A HOH 527 ? 1_555 166.8 ? 
87 OD1 ? A ASP 131 ? A ASP 131 ? 1_555 CA ? F CA . ? A CA 404 ? 1_555 O   ? H HOH .   ? A HOH 527 ? 1_555 88.6  ? 
88 OD1 ? A ASP 133 ? A ASP 133 ? 1_555 CA ? F CA . ? A CA 404 ? 1_555 O   ? H HOH .   ? A HOH 527 ? 1_555 78.8  ? 
89 O   ? A GLN 135 ? A GLN 135 ? 1_555 CA ? F CA . ? A CA 404 ? 1_555 O   ? H HOH .   ? A HOH 527 ? 1_555 98.4  ? 
90 OE1 ? A GLU 140 ? A GLU 140 ? 1_555 CA ? F CA . ? A CA 404 ? 1_555 O   ? H HOH .   ? A HOH 527 ? 1_555 81.9  ? 
91 OE2 ? A GLU 140 ? A GLU 140 ? 1_555 CA ? F CA . ? A CA 404 ? 1_555 O   ? H HOH .   ? A HOH 527 ? 1_555 92.5  ? 
92 OD2 ? A ASP 133 ? A ASP 133 ? 1_555 CA ? G CA . ? A CA 600 ? 1_555 OD2 ? A ASP 133 ? A ASP 133 ? 4_576 115.7 ? 
93 OD2 ? A ASP 133 ? A ASP 133 ? 1_555 CA ? G CA . ? A CA 600 ? 1_555 OE1 ? A GLN 135 ? A GLN 135 ? 1_555 115.3 ? 
94 OD2 ? A ASP 133 ? A ASP 133 ? 4_576 CA ? G CA . ? A CA 600 ? 1_555 OE1 ? A GLN 135 ? A GLN 135 ? 1_555 110.4 ? 
95 OD2 ? A ASP 133 ? A ASP 133 ? 1_555 CA ? G CA . ? A CA 600 ? 1_555 OE1 ? A GLN 135 ? A GLN 135 ? 4_576 110.5 ? 
96 OD2 ? A ASP 133 ? A ASP 133 ? 4_576 CA ? G CA . ? A CA 600 ? 1_555 OE1 ? A GLN 135 ? A GLN 135 ? 4_576 115.3 ? 
97 OE1 ? A GLN 135 ? A GLN 135 ? 1_555 CA ? G CA . ? A CA 600 ? 1_555 OE1 ? A GLN 135 ? A GLN 135 ? 4_576 86.3  ? 
# 
_struct_sheet.id               A 
_struct_sheet.type             ? 
_struct_sheet.number_strands   2 
_struct_sheet.details          ? 
# 
_struct_sheet_order.sheet_id     A 
_struct_sheet_order.range_id_1   1 
_struct_sheet_order.range_id_2   2 
_struct_sheet_order.offset       ? 
_struct_sheet_order.sense        anti-parallel 
# 
loop_
_struct_sheet_range.sheet_id 
_struct_sheet_range.id 
_struct_sheet_range.beg_label_comp_id 
_struct_sheet_range.beg_label_asym_id 
_struct_sheet_range.beg_label_seq_id 
_struct_sheet_range.pdbx_beg_PDB_ins_code 
_struct_sheet_range.end_label_comp_id 
_struct_sheet_range.end_label_asym_id 
_struct_sheet_range.end_label_seq_id 
_struct_sheet_range.pdbx_end_PDB_ins_code 
_struct_sheet_range.beg_auth_comp_id 
_struct_sheet_range.beg_auth_asym_id 
_struct_sheet_range.beg_auth_seq_id 
_struct_sheet_range.end_auth_comp_id 
_struct_sheet_range.end_auth_asym_id 
_struct_sheet_range.end_auth_seq_id 
A 1 TYR A 99  ? ILE A 100 ? TYR A 99  ILE A 100 
A 2 VAL A 136 ? ASN A 137 ? VAL A 136 ASN A 137 
# 
_pdbx_struct_sheet_hbond.sheet_id                A 
_pdbx_struct_sheet_hbond.range_id_1              1 
_pdbx_struct_sheet_hbond.range_id_2              2 
_pdbx_struct_sheet_hbond.range_1_label_atom_id   N 
_pdbx_struct_sheet_hbond.range_1_label_comp_id   ILE 
_pdbx_struct_sheet_hbond.range_1_label_asym_id   A 
_pdbx_struct_sheet_hbond.range_1_label_seq_id    100 
_pdbx_struct_sheet_hbond.range_1_PDB_ins_code    ? 
_pdbx_struct_sheet_hbond.range_1_auth_atom_id    N 
_pdbx_struct_sheet_hbond.range_1_auth_comp_id    ILE 
_pdbx_struct_sheet_hbond.range_1_auth_asym_id    A 
_pdbx_struct_sheet_hbond.range_1_auth_seq_id     100 
_pdbx_struct_sheet_hbond.range_2_label_atom_id   O 
_pdbx_struct_sheet_hbond.range_2_label_comp_id   VAL 
_pdbx_struct_sheet_hbond.range_2_label_asym_id   A 
_pdbx_struct_sheet_hbond.range_2_label_seq_id    136 
_pdbx_struct_sheet_hbond.range_2_PDB_ins_code    ? 
_pdbx_struct_sheet_hbond.range_2_auth_atom_id    O 
_pdbx_struct_sheet_hbond.range_2_auth_comp_id    VAL 
_pdbx_struct_sheet_hbond.range_2_auth_asym_id    A 
_pdbx_struct_sheet_hbond.range_2_auth_seq_id     136 
# 
loop_
_struct_site.id 
_struct_site.pdbx_evidence_code 
_struct_site.pdbx_auth_asym_id 
_struct_site.pdbx_auth_comp_id 
_struct_site.pdbx_auth_seq_id 
_struct_site.pdbx_auth_ins_code 
_struct_site.pdbx_num_residues 
_struct_site.details 
AC1 Software A CA 401 ? 6 'BINDING SITE FOR RESIDUE CA A 401' 
AC2 Software A CA 402 ? 6 'BINDING SITE FOR RESIDUE CA A 402' 
AC3 Software A CA 403 ? 6 'BINDING SITE FOR RESIDUE CA A 403' 
AC4 Software A CA 404 ? 6 'BINDING SITE FOR RESIDUE CA A 404' 
AC5 Software A CA 600 ? 4 'BINDING SITE FOR RESIDUE CA A 600' 
# 
loop_
_struct_site_gen.id 
_struct_site_gen.site_id 
_struct_site_gen.pdbx_num_res 
_struct_site_gen.label_comp_id 
_struct_site_gen.label_asym_id 
_struct_site_gen.label_seq_id 
_struct_site_gen.pdbx_auth_ins_code 
_struct_site_gen.auth_comp_id 
_struct_site_gen.auth_asym_id 
_struct_site_gen.auth_seq_id 
_struct_site_gen.label_atom_id 
_struct_site_gen.label_alt_id 
_struct_site_gen.symmetry 
_struct_site_gen.details 
1  AC1 6 ASP A 20  ? ASP A 20  . ? 1_555 ? 
2  AC1 6 ASP A 22  ? ASP A 22  . ? 1_555 ? 
3  AC1 6 ASP A 24  ? ASP A 24  . ? 1_555 ? 
4  AC1 6 THR A 26  ? THR A 26  . ? 1_555 ? 
5  AC1 6 GLU A 31  ? GLU A 31  . ? 1_555 ? 
6  AC1 6 HOH H .   ? HOH A 533 . ? 1_555 ? 
7  AC2 6 ASP A 56  ? ASP A 56  . ? 1_555 ? 
8  AC2 6 ASP A 58  ? ASP A 58  . ? 1_555 ? 
9  AC2 6 ASN A 60  ? ASN A 60  . ? 1_555 ? 
10 AC2 6 THR A 62  ? THR A 62  . ? 1_555 ? 
11 AC2 6 GLU A 67  ? GLU A 67  . ? 1_555 ? 
12 AC2 6 HOH H .   ? HOH A 536 . ? 1_555 ? 
13 AC3 6 ASP A 93  ? ASP A 93  . ? 1_555 ? 
14 AC3 6 ASP A 95  ? ASP A 95  . ? 1_555 ? 
15 AC3 6 ASN A 97  ? ASN A 97  . ? 1_555 ? 
16 AC3 6 TYR A 99  ? TYR A 99  . ? 1_555 ? 
17 AC3 6 GLU A 104 ? GLU A 104 . ? 1_555 ? 
18 AC3 6 HOH H .   ? HOH A 511 . ? 1_555 ? 
19 AC4 6 ASP A 129 ? ASP A 129 . ? 1_555 ? 
20 AC4 6 ASP A 131 ? ASP A 131 . ? 1_555 ? 
21 AC4 6 ASP A 133 ? ASP A 133 . ? 1_555 ? 
22 AC4 6 GLN A 135 ? GLN A 135 . ? 1_555 ? 
23 AC4 6 GLU A 140 ? GLU A 140 . ? 1_555 ? 
24 AC4 6 HOH H .   ? HOH A 527 . ? 1_555 ? 
25 AC5 4 ASP A 133 ? ASP A 133 . ? 4_576 ? 
26 AC5 4 ASP A 133 ? ASP A 133 . ? 1_555 ? 
27 AC5 4 GLN A 135 ? GLN A 135 . ? 4_576 ? 
28 AC5 4 GLN A 135 ? GLN A 135 . ? 1_555 ? 
# 
_pdbx_validate_rmsd_bond.id                        1 
_pdbx_validate_rmsd_bond.PDB_model_num             1 
_pdbx_validate_rmsd_bond.auth_atom_id_1            NE2 
_pdbx_validate_rmsd_bond.auth_asym_id_1            A 
_pdbx_validate_rmsd_bond.auth_comp_id_1            HIS 
_pdbx_validate_rmsd_bond.auth_seq_id_1             107 
_pdbx_validate_rmsd_bond.PDB_ins_code_1            ? 
_pdbx_validate_rmsd_bond.label_alt_id_1            ? 
_pdbx_validate_rmsd_bond.auth_atom_id_2            CD2 
_pdbx_validate_rmsd_bond.auth_asym_id_2            A 
_pdbx_validate_rmsd_bond.auth_comp_id_2            HIS 
_pdbx_validate_rmsd_bond.auth_seq_id_2             107 
_pdbx_validate_rmsd_bond.PDB_ins_code_2            ? 
_pdbx_validate_rmsd_bond.label_alt_id_2            ? 
_pdbx_validate_rmsd_bond.bond_value                1.305 
_pdbx_validate_rmsd_bond.bond_target_value         1.373 
_pdbx_validate_rmsd_bond.bond_deviation            -0.068 
_pdbx_validate_rmsd_bond.bond_standard_deviation   0.011 
_pdbx_validate_rmsd_bond.linker_flag               N 
# 
loop_
_pdbx_validate_torsion.id 
_pdbx_validate_torsion.PDB_model_num 
_pdbx_validate_torsion.auth_comp_id 
_pdbx_validate_torsion.auth_asym_id 
_pdbx_validate_torsion.auth_seq_id 
_pdbx_validate_torsion.PDB_ins_code 
_pdbx_validate_torsion.label_alt_id 
_pdbx_validate_torsion.phi 
_pdbx_validate_torsion.psi 
1 1 ARG A 74 ? ? -101.69 79.92  
2 1 ASP A 80 ? ? -142.97 -30.51 
3 1 GLU A 83 ? ? -108.29 76.57  
# 
_pdbx_struct_special_symmetry.id              1 
_pdbx_struct_special_symmetry.PDB_model_num   1 
_pdbx_struct_special_symmetry.auth_asym_id    A 
_pdbx_struct_special_symmetry.auth_comp_id    CA 
_pdbx_struct_special_symmetry.auth_seq_id     600 
_pdbx_struct_special_symmetry.PDB_ins_code    ? 
_pdbx_struct_special_symmetry.label_asym_id   G 
_pdbx_struct_special_symmetry.label_comp_id   CA 
_pdbx_struct_special_symmetry.label_seq_id    . 
# 
loop_
_pdbx_unobs_or_zero_occ_residues.id 
_pdbx_unobs_or_zero_occ_residues.PDB_model_num 
_pdbx_unobs_or_zero_occ_residues.polymer_flag 
_pdbx_unobs_or_zero_occ_residues.occupancy_flag 
_pdbx_unobs_or_zero_occ_residues.auth_asym_id 
_pdbx_unobs_or_zero_occ_residues.auth_comp_id 
_pdbx_unobs_or_zero_occ_residues.auth_seq_id 
_pdbx_unobs_or_zero_occ_residues.PDB_ins_code 
_pdbx_unobs_or_zero_occ_residues.label_asym_id 
_pdbx_unobs_or_zero_occ_residues.label_comp_id 
_pdbx_unobs_or_zero_occ_residues.label_seq_id 
1  1 Y 1 A ALA 1   ? A ALA 1   
2  1 Y 1 A ASP 2   ? A ASP 2   
3  1 Y 1 A GLN 3   ? A GLN 3   
4  1 Y 1 A ALA 147 ? A ALA 147 
5  1 Y 1 A LYS 148 ? A LYS 148 
6  1 Y 1 B LEU 290 ? B LEU 1   
7  1 Y 1 B LYS 291 ? B LYS 2   
8  1 Y 1 B LYS 292 ? B LYS 3   
9  1 Y 1 B ARG 311 ? B ARG 22  
10 1 Y 1 B ASN 312 ? B ASN 23  
11 1 Y 1 B PHE 313 ? B PHE 24  
12 1 Y 1 B SER 314 ? B SER 25  
13 1 N 0 A HOH 514 ? H HOH ?   
# 
loop_
_chem_comp_atom.comp_id 
_chem_comp_atom.atom_id 
_chem_comp_atom.type_symbol 
_chem_comp_atom.pdbx_aromatic_flag 
_chem_comp_atom.pdbx_stereo_config 
_chem_comp_atom.pdbx_ordinal 
ALA N    N  N N 1   
ALA CA   C  N S 2   
ALA C    C  N N 3   
ALA O    O  N N 4   
ALA CB   C  N N 5   
ALA OXT  O  N N 6   
ALA H    H  N N 7   
ALA H2   H  N N 8   
ALA HA   H  N N 9   
ALA HB1  H  N N 10  
ALA HB2  H  N N 11  
ALA HB3  H  N N 12  
ALA HXT  H  N N 13  
ARG N    N  N N 14  
ARG CA   C  N S 15  
ARG C    C  N N 16  
ARG O    O  N N 17  
ARG CB   C  N N 18  
ARG CG   C  N N 19  
ARG CD   C  N N 20  
ARG NE   N  N N 21  
ARG CZ   C  N N 22  
ARG NH1  N  N N 23  
ARG NH2  N  N N 24  
ARG OXT  O  N N 25  
ARG H    H  N N 26  
ARG H2   H  N N 27  
ARG HA   H  N N 28  
ARG HB2  H  N N 29  
ARG HB3  H  N N 30  
ARG HG2  H  N N 31  
ARG HG3  H  N N 32  
ARG HD2  H  N N 33  
ARG HD3  H  N N 34  
ARG HE   H  N N 35  
ARG HH11 H  N N 36  
ARG HH12 H  N N 37  
ARG HH21 H  N N 38  
ARG HH22 H  N N 39  
ARG HXT  H  N N 40  
ASN N    N  N N 41  
ASN CA   C  N S 42  
ASN C    C  N N 43  
ASN O    O  N N 44  
ASN CB   C  N N 45  
ASN CG   C  N N 46  
ASN OD1  O  N N 47  
ASN ND2  N  N N 48  
ASN OXT  O  N N 49  
ASN H    H  N N 50  
ASN H2   H  N N 51  
ASN HA   H  N N 52  
ASN HB2  H  N N 53  
ASN HB3  H  N N 54  
ASN HD21 H  N N 55  
ASN HD22 H  N N 56  
ASN HXT  H  N N 57  
ASP N    N  N N 58  
ASP CA   C  N S 59  
ASP C    C  N N 60  
ASP O    O  N N 61  
ASP CB   C  N N 62  
ASP CG   C  N N 63  
ASP OD1  O  N N 64  
ASP OD2  O  N N 65  
ASP OXT  O  N N 66  
ASP H    H  N N 67  
ASP H2   H  N N 68  
ASP HA   H  N N 69  
ASP HB2  H  N N 70  
ASP HB3  H  N N 71  
ASP HD2  H  N N 72  
ASP HXT  H  N N 73  
CA  CA   CA N N 74  
GLN N    N  N N 75  
GLN CA   C  N S 76  
GLN C    C  N N 77  
GLN O    O  N N 78  
GLN CB   C  N N 79  
GLN CG   C  N N 80  
GLN CD   C  N N 81  
GLN OE1  O  N N 82  
GLN NE2  N  N N 83  
GLN OXT  O  N N 84  
GLN H    H  N N 85  
GLN H2   H  N N 86  
GLN HA   H  N N 87  
GLN HB2  H  N N 88  
GLN HB3  H  N N 89  
GLN HG2  H  N N 90  
GLN HG3  H  N N 91  
GLN HE21 H  N N 92  
GLN HE22 H  N N 93  
GLN HXT  H  N N 94  
GLU N    N  N N 95  
GLU CA   C  N S 96  
GLU C    C  N N 97  
GLU O    O  N N 98  
GLU CB   C  N N 99  
GLU CG   C  N N 100 
GLU CD   C  N N 101 
GLU OE1  O  N N 102 
GLU OE2  O  N N 103 
GLU OXT  O  N N 104 
GLU H    H  N N 105 
GLU H2   H  N N 106 
GLU HA   H  N N 107 
GLU HB2  H  N N 108 
GLU HB3  H  N N 109 
GLU HG2  H  N N 110 
GLU HG3  H  N N 111 
GLU HE2  H  N N 112 
GLU HXT  H  N N 113 
GLY N    N  N N 114 
GLY CA   C  N N 115 
GLY C    C  N N 116 
GLY O    O  N N 117 
GLY OXT  O  N N 118 
GLY H    H  N N 119 
GLY H2   H  N N 120 
GLY HA2  H  N N 121 
GLY HA3  H  N N 122 
GLY HXT  H  N N 123 
HIS N    N  N N 124 
HIS CA   C  N S 125 
HIS C    C  N N 126 
HIS O    O  N N 127 
HIS CB   C  N N 128 
HIS CG   C  Y N 129 
HIS ND1  N  Y N 130 
HIS CD2  C  Y N 131 
HIS CE1  C  Y N 132 
HIS NE2  N  Y N 133 
HIS OXT  O  N N 134 
HIS H    H  N N 135 
HIS H2   H  N N 136 
HIS HA   H  N N 137 
HIS HB2  H  N N 138 
HIS HB3  H  N N 139 
HIS HD1  H  N N 140 
HIS HD2  H  N N 141 
HIS HE1  H  N N 142 
HIS HE2  H  N N 143 
HIS HXT  H  N N 144 
HOH O    O  N N 145 
HOH H1   H  N N 146 
HOH H2   H  N N 147 
ILE N    N  N N 148 
ILE CA   C  N S 149 
ILE C    C  N N 150 
ILE O    O  N N 151 
ILE CB   C  N S 152 
ILE CG1  C  N N 153 
ILE CG2  C  N N 154 
ILE CD1  C  N N 155 
ILE OXT  O  N N 156 
ILE H    H  N N 157 
ILE H2   H  N N 158 
ILE HA   H  N N 159 
ILE HB   H  N N 160 
ILE HG12 H  N N 161 
ILE HG13 H  N N 162 
ILE HG21 H  N N 163 
ILE HG22 H  N N 164 
ILE HG23 H  N N 165 
ILE HD11 H  N N 166 
ILE HD12 H  N N 167 
ILE HD13 H  N N 168 
ILE HXT  H  N N 169 
LEU N    N  N N 170 
LEU CA   C  N S 171 
LEU C    C  N N 172 
LEU O    O  N N 173 
LEU CB   C  N N 174 
LEU CG   C  N N 175 
LEU CD1  C  N N 176 
LEU CD2  C  N N 177 
LEU OXT  O  N N 178 
LEU H    H  N N 179 
LEU H2   H  N N 180 
LEU HA   H  N N 181 
LEU HB2  H  N N 182 
LEU HB3  H  N N 183 
LEU HG   H  N N 184 
LEU HD11 H  N N 185 
LEU HD12 H  N N 186 
LEU HD13 H  N N 187 
LEU HD21 H  N N 188 
LEU HD22 H  N N 189 
LEU HD23 H  N N 190 
LEU HXT  H  N N 191 
LYS N    N  N N 192 
LYS CA   C  N S 193 
LYS C    C  N N 194 
LYS O    O  N N 195 
LYS CB   C  N N 196 
LYS CG   C  N N 197 
LYS CD   C  N N 198 
LYS CE   C  N N 199 
LYS NZ   N  N N 200 
LYS OXT  O  N N 201 
LYS H    H  N N 202 
LYS H2   H  N N 203 
LYS HA   H  N N 204 
LYS HB2  H  N N 205 
LYS HB3  H  N N 206 
LYS HG2  H  N N 207 
LYS HG3  H  N N 208 
LYS HD2  H  N N 209 
LYS HD3  H  N N 210 
LYS HE2  H  N N 211 
LYS HE3  H  N N 212 
LYS HZ1  H  N N 213 
LYS HZ2  H  N N 214 
LYS HZ3  H  N N 215 
LYS HXT  H  N N 216 
MET N    N  N N 217 
MET CA   C  N S 218 
MET C    C  N N 219 
MET O    O  N N 220 
MET CB   C  N N 221 
MET CG   C  N N 222 
MET SD   S  N N 223 
MET CE   C  N N 224 
MET OXT  O  N N 225 
MET H    H  N N 226 
MET H2   H  N N 227 
MET HA   H  N N 228 
MET HB2  H  N N 229 
MET HB3  H  N N 230 
MET HG2  H  N N 231 
MET HG3  H  N N 232 
MET HE1  H  N N 233 
MET HE2  H  N N 234 
MET HE3  H  N N 235 
MET HXT  H  N N 236 
PHE N    N  N N 237 
PHE CA   C  N S 238 
PHE C    C  N N 239 
PHE O    O  N N 240 
PHE CB   C  N N 241 
PHE CG   C  Y N 242 
PHE CD1  C  Y N 243 
PHE CD2  C  Y N 244 
PHE CE1  C  Y N 245 
PHE CE2  C  Y N 246 
PHE CZ   C  Y N 247 
PHE OXT  O  N N 248 
PHE H    H  N N 249 
PHE H2   H  N N 250 
PHE HA   H  N N 251 
PHE HB2  H  N N 252 
PHE HB3  H  N N 253 
PHE HD1  H  N N 254 
PHE HD2  H  N N 255 
PHE HE1  H  N N 256 
PHE HE2  H  N N 257 
PHE HZ   H  N N 258 
PHE HXT  H  N N 259 
PRO N    N  N N 260 
PRO CA   C  N S 261 
PRO C    C  N N 262 
PRO O    O  N N 263 
PRO CB   C  N N 264 
PRO CG   C  N N 265 
PRO CD   C  N N 266 
PRO OXT  O  N N 267 
PRO H    H  N N 268 
PRO HA   H  N N 269 
PRO HB2  H  N N 270 
PRO HB3  H  N N 271 
PRO HG2  H  N N 272 
PRO HG3  H  N N 273 
PRO HD2  H  N N 274 
PRO HD3  H  N N 275 
PRO HXT  H  N N 276 
SER N    N  N N 277 
SER CA   C  N S 278 
SER C    C  N N 279 
SER O    O  N N 280 
SER CB   C  N N 281 
SER OG   O  N N 282 
SER OXT  O  N N 283 
SER H    H  N N 284 
SER H2   H  N N 285 
SER HA   H  N N 286 
SER HB2  H  N N 287 
SER HB3  H  N N 288 
SER HG   H  N N 289 
SER HXT  H  N N 290 
THR N    N  N N 291 
THR CA   C  N S 292 
THR C    C  N N 293 
THR O    O  N N 294 
THR CB   C  N R 295 
THR OG1  O  N N 296 
THR CG2  C  N N 297 
THR OXT  O  N N 298 
THR H    H  N N 299 
THR H2   H  N N 300 
THR HA   H  N N 301 
THR HB   H  N N 302 
THR HG1  H  N N 303 
THR HG21 H  N N 304 
THR HG22 H  N N 305 
THR HG23 H  N N 306 
THR HXT  H  N N 307 
TYR N    N  N N 308 
TYR CA   C  N S 309 
TYR C    C  N N 310 
TYR O    O  N N 311 
TYR CB   C  N N 312 
TYR CG   C  Y N 313 
TYR CD1  C  Y N 314 
TYR CD2  C  Y N 315 
TYR CE1  C  Y N 316 
TYR CE2  C  Y N 317 
TYR CZ   C  Y N 318 
TYR OH   O  N N 319 
TYR OXT  O  N N 320 
TYR H    H  N N 321 
TYR H2   H  N N 322 
TYR HA   H  N N 323 
TYR HB2  H  N N 324 
TYR HB3  H  N N 325 
TYR HD1  H  N N 326 
TYR HD2  H  N N 327 
TYR HE1  H  N N 328 
TYR HE2  H  N N 329 
TYR HH   H  N N 330 
TYR HXT  H  N N 331 
VAL N    N  N N 332 
VAL CA   C  N S 333 
VAL C    C  N N 334 
VAL O    O  N N 335 
VAL CB   C  N N 336 
VAL CG1  C  N N 337 
VAL CG2  C  N N 338 
VAL OXT  O  N N 339 
VAL H    H  N N 340 
VAL H2   H  N N 341 
VAL HA   H  N N 342 
VAL HB   H  N N 343 
VAL HG11 H  N N 344 
VAL HG12 H  N N 345 
VAL HG13 H  N N 346 
VAL HG21 H  N N 347 
VAL HG22 H  N N 348 
VAL HG23 H  N N 349 
VAL HXT  H  N N 350 
# 
loop_
_chem_comp_bond.comp_id 
_chem_comp_bond.atom_id_1 
_chem_comp_bond.atom_id_2 
_chem_comp_bond.value_order 
_chem_comp_bond.pdbx_aromatic_flag 
_chem_comp_bond.pdbx_stereo_config 
_chem_comp_bond.pdbx_ordinal 
ALA N   CA   sing N N 1   
ALA N   H    sing N N 2   
ALA N   H2   sing N N 3   
ALA CA  C    sing N N 4   
ALA CA  CB   sing N N 5   
ALA CA  HA   sing N N 6   
ALA C   O    doub N N 7   
ALA C   OXT  sing N N 8   
ALA CB  HB1  sing N N 9   
ALA CB  HB2  sing N N 10  
ALA CB  HB3  sing N N 11  
ALA OXT HXT  sing N N 12  
ARG N   CA   sing N N 13  
ARG N   H    sing N N 14  
ARG N   H2   sing N N 15  
ARG CA  C    sing N N 16  
ARG CA  CB   sing N N 17  
ARG CA  HA   sing N N 18  
ARG C   O    doub N N 19  
ARG C   OXT  sing N N 20  
ARG CB  CG   sing N N 21  
ARG CB  HB2  sing N N 22  
ARG CB  HB3  sing N N 23  
ARG CG  CD   sing N N 24  
ARG CG  HG2  sing N N 25  
ARG CG  HG3  sing N N 26  
ARG CD  NE   sing N N 27  
ARG CD  HD2  sing N N 28  
ARG CD  HD3  sing N N 29  
ARG NE  CZ   sing N N 30  
ARG NE  HE   sing N N 31  
ARG CZ  NH1  sing N N 32  
ARG CZ  NH2  doub N N 33  
ARG NH1 HH11 sing N N 34  
ARG NH1 HH12 sing N N 35  
ARG NH2 HH21 sing N N 36  
ARG NH2 HH22 sing N N 37  
ARG OXT HXT  sing N N 38  
ASN N   CA   sing N N 39  
ASN N   H    sing N N 40  
ASN N   H2   sing N N 41  
ASN CA  C    sing N N 42  
ASN CA  CB   sing N N 43  
ASN CA  HA   sing N N 44  
ASN C   O    doub N N 45  
ASN C   OXT  sing N N 46  
ASN CB  CG   sing N N 47  
ASN CB  HB2  sing N N 48  
ASN CB  HB3  sing N N 49  
ASN CG  OD1  doub N N 50  
ASN CG  ND2  sing N N 51  
ASN ND2 HD21 sing N N 52  
ASN ND2 HD22 sing N N 53  
ASN OXT HXT  sing N N 54  
ASP N   CA   sing N N 55  
ASP N   H    sing N N 56  
ASP N   H2   sing N N 57  
ASP CA  C    sing N N 58  
ASP CA  CB   sing N N 59  
ASP CA  HA   sing N N 60  
ASP C   O    doub N N 61  
ASP C   OXT  sing N N 62  
ASP CB  CG   sing N N 63  
ASP CB  HB2  sing N N 64  
ASP CB  HB3  sing N N 65  
ASP CG  OD1  doub N N 66  
ASP CG  OD2  sing N N 67  
ASP OD2 HD2  sing N N 68  
ASP OXT HXT  sing N N 69  
GLN N   CA   sing N N 70  
GLN N   H    sing N N 71  
GLN N   H2   sing N N 72  
GLN CA  C    sing N N 73  
GLN CA  CB   sing N N 74  
GLN CA  HA   sing N N 75  
GLN C   O    doub N N 76  
GLN C   OXT  sing N N 77  
GLN CB  CG   sing N N 78  
GLN CB  HB2  sing N N 79  
GLN CB  HB3  sing N N 80  
GLN CG  CD   sing N N 81  
GLN CG  HG2  sing N N 82  
GLN CG  HG3  sing N N 83  
GLN CD  OE1  doub N N 84  
GLN CD  NE2  sing N N 85  
GLN NE2 HE21 sing N N 86  
GLN NE2 HE22 sing N N 87  
GLN OXT HXT  sing N N 88  
GLU N   CA   sing N N 89  
GLU N   H    sing N N 90  
GLU N   H2   sing N N 91  
GLU CA  C    sing N N 92  
GLU CA  CB   sing N N 93  
GLU CA  HA   sing N N 94  
GLU C   O    doub N N 95  
GLU C   OXT  sing N N 96  
GLU CB  CG   sing N N 97  
GLU CB  HB2  sing N N 98  
GLU CB  HB3  sing N N 99  
GLU CG  CD   sing N N 100 
GLU CG  HG2  sing N N 101 
GLU CG  HG3  sing N N 102 
GLU CD  OE1  doub N N 103 
GLU CD  OE2  sing N N 104 
GLU OE2 HE2  sing N N 105 
GLU OXT HXT  sing N N 106 
GLY N   CA   sing N N 107 
GLY N   H    sing N N 108 
GLY N   H2   sing N N 109 
GLY CA  C    sing N N 110 
GLY CA  HA2  sing N N 111 
GLY CA  HA3  sing N N 112 
GLY C   O    doub N N 113 
GLY C   OXT  sing N N 114 
GLY OXT HXT  sing N N 115 
HIS N   CA   sing N N 116 
HIS N   H    sing N N 117 
HIS N   H2   sing N N 118 
HIS CA  C    sing N N 119 
HIS CA  CB   sing N N 120 
HIS CA  HA   sing N N 121 
HIS C   O    doub N N 122 
HIS C   OXT  sing N N 123 
HIS CB  CG   sing N N 124 
HIS CB  HB2  sing N N 125 
HIS CB  HB3  sing N N 126 
HIS CG  ND1  sing Y N 127 
HIS CG  CD2  doub Y N 128 
HIS ND1 CE1  doub Y N 129 
HIS ND1 HD1  sing N N 130 
HIS CD2 NE2  sing Y N 131 
HIS CD2 HD2  sing N N 132 
HIS CE1 NE2  sing Y N 133 
HIS CE1 HE1  sing N N 134 
HIS NE2 HE2  sing N N 135 
HIS OXT HXT  sing N N 136 
HOH O   H1   sing N N 137 
HOH O   H2   sing N N 138 
ILE N   CA   sing N N 139 
ILE N   H    sing N N 140 
ILE N   H2   sing N N 141 
ILE CA  C    sing N N 142 
ILE CA  CB   sing N N 143 
ILE CA  HA   sing N N 144 
ILE C   O    doub N N 145 
ILE C   OXT  sing N N 146 
ILE CB  CG1  sing N N 147 
ILE CB  CG2  sing N N 148 
ILE CB  HB   sing N N 149 
ILE CG1 CD1  sing N N 150 
ILE CG1 HG12 sing N N 151 
ILE CG1 HG13 sing N N 152 
ILE CG2 HG21 sing N N 153 
ILE CG2 HG22 sing N N 154 
ILE CG2 HG23 sing N N 155 
ILE CD1 HD11 sing N N 156 
ILE CD1 HD12 sing N N 157 
ILE CD1 HD13 sing N N 158 
ILE OXT HXT  sing N N 159 
LEU N   CA   sing N N 160 
LEU N   H    sing N N 161 
LEU N   H2   sing N N 162 
LEU CA  C    sing N N 163 
LEU CA  CB   sing N N 164 
LEU CA  HA   sing N N 165 
LEU C   O    doub N N 166 
LEU C   OXT  sing N N 167 
LEU CB  CG   sing N N 168 
LEU CB  HB2  sing N N 169 
LEU CB  HB3  sing N N 170 
LEU CG  CD1  sing N N 171 
LEU CG  CD2  sing N N 172 
LEU CG  HG   sing N N 173 
LEU CD1 HD11 sing N N 174 
LEU CD1 HD12 sing N N 175 
LEU CD1 HD13 sing N N 176 
LEU CD2 HD21 sing N N 177 
LEU CD2 HD22 sing N N 178 
LEU CD2 HD23 sing N N 179 
LEU OXT HXT  sing N N 180 
LYS N   CA   sing N N 181 
LYS N   H    sing N N 182 
LYS N   H2   sing N N 183 
LYS CA  C    sing N N 184 
LYS CA  CB   sing N N 185 
LYS CA  HA   sing N N 186 
LYS C   O    doub N N 187 
LYS C   OXT  sing N N 188 
LYS CB  CG   sing N N 189 
LYS CB  HB2  sing N N 190 
LYS CB  HB3  sing N N 191 
LYS CG  CD   sing N N 192 
LYS CG  HG2  sing N N 193 
LYS CG  HG3  sing N N 194 
LYS CD  CE   sing N N 195 
LYS CD  HD2  sing N N 196 
LYS CD  HD3  sing N N 197 
LYS CE  NZ   sing N N 198 
LYS CE  HE2  sing N N 199 
LYS CE  HE3  sing N N 200 
LYS NZ  HZ1  sing N N 201 
LYS NZ  HZ2  sing N N 202 
LYS NZ  HZ3  sing N N 203 
LYS OXT HXT  sing N N 204 
MET N   CA   sing N N 205 
MET N   H    sing N N 206 
MET N   H2   sing N N 207 
MET CA  C    sing N N 208 
MET CA  CB   sing N N 209 
MET CA  HA   sing N N 210 
MET C   O    doub N N 211 
MET C   OXT  sing N N 212 
MET CB  CG   sing N N 213 
MET CB  HB2  sing N N 214 
MET CB  HB3  sing N N 215 
MET CG  SD   sing N N 216 
MET CG  HG2  sing N N 217 
MET CG  HG3  sing N N 218 
MET SD  CE   sing N N 219 
MET CE  HE1  sing N N 220 
MET CE  HE2  sing N N 221 
MET CE  HE3  sing N N 222 
MET OXT HXT  sing N N 223 
PHE N   CA   sing N N 224 
PHE N   H    sing N N 225 
PHE N   H2   sing N N 226 
PHE CA  C    sing N N 227 
PHE CA  CB   sing N N 228 
PHE CA  HA   sing N N 229 
PHE C   O    doub N N 230 
PHE C   OXT  sing N N 231 
PHE CB  CG   sing N N 232 
PHE CB  HB2  sing N N 233 
PHE CB  HB3  sing N N 234 
PHE CG  CD1  doub Y N 235 
PHE CG  CD2  sing Y N 236 
PHE CD1 CE1  sing Y N 237 
PHE CD1 HD1  sing N N 238 
PHE CD2 CE2  doub Y N 239 
PHE CD2 HD2  sing N N 240 
PHE CE1 CZ   doub Y N 241 
PHE CE1 HE1  sing N N 242 
PHE CE2 CZ   sing Y N 243 
PHE CE2 HE2  sing N N 244 
PHE CZ  HZ   sing N N 245 
PHE OXT HXT  sing N N 246 
PRO N   CA   sing N N 247 
PRO N   CD   sing N N 248 
PRO N   H    sing N N 249 
PRO CA  C    sing N N 250 
PRO CA  CB   sing N N 251 
PRO CA  HA   sing N N 252 
PRO C   O    doub N N 253 
PRO C   OXT  sing N N 254 
PRO CB  CG   sing N N 255 
PRO CB  HB2  sing N N 256 
PRO CB  HB3  sing N N 257 
PRO CG  CD   sing N N 258 
PRO CG  HG2  sing N N 259 
PRO CG  HG3  sing N N 260 
PRO CD  HD2  sing N N 261 
PRO CD  HD3  sing N N 262 
PRO OXT HXT  sing N N 263 
SER N   CA   sing N N 264 
SER N   H    sing N N 265 
SER N   H2   sing N N 266 
SER CA  C    sing N N 267 
SER CA  CB   sing N N 268 
SER CA  HA   sing N N 269 
SER C   O    doub N N 270 
SER C   OXT  sing N N 271 
SER CB  OG   sing N N 272 
SER CB  HB2  sing N N 273 
SER CB  HB3  sing N N 274 
SER OG  HG   sing N N 275 
SER OXT HXT  sing N N 276 
THR N   CA   sing N N 277 
THR N   H    sing N N 278 
THR N   H2   sing N N 279 
THR CA  C    sing N N 280 
THR CA  CB   sing N N 281 
THR CA  HA   sing N N 282 
THR C   O    doub N N 283 
THR C   OXT  sing N N 284 
THR CB  OG1  sing N N 285 
THR CB  CG2  sing N N 286 
THR CB  HB   sing N N 287 
THR OG1 HG1  sing N N 288 
THR CG2 HG21 sing N N 289 
THR CG2 HG22 sing N N 290 
THR CG2 HG23 sing N N 291 
THR OXT HXT  sing N N 292 
TYR N   CA   sing N N 293 
TYR N   H    sing N N 294 
TYR N   H2   sing N N 295 
TYR CA  C    sing N N 296 
TYR CA  CB   sing N N 297 
TYR CA  HA   sing N N 298 
TYR C   O    doub N N 299 
TYR C   OXT  sing N N 300 
TYR CB  CG   sing N N 301 
TYR CB  HB2  sing N N 302 
TYR CB  HB3  sing N N 303 
TYR CG  CD1  doub Y N 304 
TYR CG  CD2  sing Y N 305 
TYR CD1 CE1  sing Y N 306 
TYR CD1 HD1  sing N N 307 
TYR CD2 CE2  doub Y N 308 
TYR CD2 HD2  sing N N 309 
TYR CE1 CZ   doub Y N 310 
TYR CE1 HE1  sing N N 311 
TYR CE2 CZ   sing Y N 312 
TYR CE2 HE2  sing N N 313 
TYR CZ  OH   sing N N 314 
TYR OH  HH   sing N N 315 
TYR OXT HXT  sing N N 316 
VAL N   CA   sing N N 317 
VAL N   H    sing N N 318 
VAL N   H2   sing N N 319 
VAL CA  C    sing N N 320 
VAL CA  CB   sing N N 321 
VAL CA  HA   sing N N 322 
VAL C   O    doub N N 323 
VAL C   OXT  sing N N 324 
VAL CB  CG1  sing N N 325 
VAL CB  CG2  sing N N 326 
VAL CB  HB   sing N N 327 
VAL CG1 HG11 sing N N 328 
VAL CG1 HG12 sing N N 329 
VAL CG1 HG13 sing N N 330 
VAL CG2 HG21 sing N N 331 
VAL CG2 HG22 sing N N 332 
VAL CG2 HG23 sing N N 333 
VAL OXT HXT  sing N N 334 
# 
loop_
_pdbx_initial_refinement_model.id 
_pdbx_initial_refinement_model.entity_id_list 
_pdbx_initial_refinement_model.type 
_pdbx_initial_refinement_model.source_name 
_pdbx_initial_refinement_model.accession_code 
_pdbx_initial_refinement_model.details 
1 ? 'experimental model' PDB 1CDM 'PDB ENTRIES 1CDM AND 1CDL' 
2 ? 'experimental model' PDB 1CDL 'PDB ENTRIES 1CDM AND 1CDL' 
# 
_atom_sites.entry_id                    1CM1 
_atom_sites.fract_transf_matrix[1][1]   0.00759571 
_atom_sites.fract_transf_matrix[1][2]   -0.02000184 
_atom_sites.fract_transf_matrix[1][3]   -0.01442849 
_atom_sites.fract_transf_matrix[2][1]   -0.00573883 
_atom_sites.fract_transf_matrix[2][2]   0.00550665 
_atom_sites.fract_transf_matrix[2][3]   -0.01065487 
_atom_sites.fract_transf_matrix[3][1]   0.00710114 
_atom_sites.fract_transf_matrix[3][2]   0.00397409 
_atom_sites.fract_transf_matrix[3][3]   -0.00177086 
_atom_sites.fract_transf_vector[1]      0.505637 
_atom_sites.fract_transf_vector[2]      0.746637 
_atom_sites.fract_transf_vector[3]      0.605787 
# 
loop_
_atom_type.symbol 
C  
CA 
N  
O  
S  
# 
loop_
_atom_site.group_PDB 
_atom_site.id 
_atom_site.type_symbol 
_atom_site.label_atom_id 
_atom_site.label_alt_id 
_atom_site.label_comp_id 
_atom_site.label_asym_id 
_atom_site.label_entity_id 
_atom_site.label_seq_id 
_atom_site.pdbx_PDB_ins_code 
_atom_site.Cartn_x 
_atom_site.Cartn_y 
_atom_site.Cartn_z 
_atom_site.occupancy 
_atom_site.B_iso_or_equiv 
_atom_site.pdbx_formal_charge 
_atom_site.auth_seq_id 
_atom_site.auth_comp_id 
_atom_site.auth_asym_id 
_atom_site.auth_atom_id 
_atom_site.pdbx_PDB_model_num 
ATOM   1    N  N   . LEU A 1 4   ? 17.278  1.446   -8.687  1.00 46.10  ? 4   LEU A N   1 
ATOM   2    C  CA  . LEU A 1 4   ? 15.948  1.816   -8.255  1.00 47.60  ? 4   LEU A CA  1 
ATOM   3    C  C   . LEU A 1 4   ? 15.562  3.151   -8.869  1.00 48.40  ? 4   LEU A C   1 
ATOM   4    O  O   . LEU A 1 4   ? 16.126  4.196   -8.535  1.00 48.60  ? 4   LEU A O   1 
ATOM   5    C  CB  . LEU A 1 4   ? 15.911  1.912   -6.733  1.00 48.40  ? 4   LEU A CB  1 
ATOM   6    C  CG  . LEU A 1 4   ? 14.557  1.770   -6.036  1.00 47.40  ? 4   LEU A CG  1 
ATOM   7    C  CD1 . LEU A 1 4   ? 13.963  0.405   -6.359  1.00 47.40  ? 4   LEU A CD1 1 
ATOM   8    C  CD2 . LEU A 1 4   ? 14.732  1.898   -4.531  1.00 45.10  ? 4   LEU A CD2 1 
ATOM   9    N  N   . THR A 1 5   ? 14.555  3.099   -9.752  1.00 50.40  ? 5   THR A N   1 
ATOM   10   C  CA  . THR A 1 5   ? 14.094  4.264   -10.503 1.00 51.60  ? 5   THR A CA  1 
ATOM   11   C  C   . THR A 1 5   ? 13.428  5.364   -9.688  1.00 51.80  ? 5   THR A C   1 
ATOM   12   O  O   . THR A 1 5   ? 13.042  5.199   -8.533  1.00 51.40  ? 5   THR A O   1 
ATOM   13   C  CB  . THR A 1 5   ? 13.102  3.843   -11.633 1.00 52.50  ? 5   THR A CB  1 
ATOM   14   O  OG1 . THR A 1 5   ? 11.915  3.364   -11.012 1.00 53.90  ? 5   THR A OG1 1 
ATOM   15   C  CG2 . THR A 1 5   ? 13.694  2.791   -12.558 1.00 51.40  ? 5   THR A CG2 1 
ATOM   16   N  N   . GLU A 1 6   ? 13.312  6.502   -10.372 1.00 52.50  ? 6   GLU A N   1 
ATOM   17   C  CA  . GLU A 1 6   ? 12.722  7.724   -9.856  1.00 54.70  ? 6   GLU A CA  1 
ATOM   18   C  C   . GLU A 1 6   ? 11.260  7.545   -9.464  1.00 53.60  ? 6   GLU A C   1 
ATOM   19   O  O   . GLU A 1 6   ? 10.829  7.987   -8.394  1.00 52.40  ? 6   GLU A O   1 
ATOM   20   C  CB  . GLU A 1 6   ? 12.910  8.792   -10.950 1.00 58.80  ? 6   GLU A CB  1 
ATOM   21   C  CG  . GLU A 1 6   ? 12.420  10.214  -10.711 1.00 61.90  ? 6   GLU A CG  1 
ATOM   22   C  CD  . GLU A 1 6   ? 11.058  10.531  -11.321 1.00 64.30  ? 6   GLU A CD  1 
ATOM   23   O  OE1 . GLU A 1 6   ? 11.022  10.963  -12.472 1.00 65.30  ? 6   GLU A OE1 1 
ATOM   24   O  OE2 . GLU A 1 6   ? 10.044  10.374  -10.639 1.00 65.50  ? 6   GLU A OE2 1 
ATOM   25   N  N   . GLU A 1 7   ? 10.505  6.874   -10.347 1.00 52.10  ? 7   GLU A N   1 
ATOM   26   C  CA  . GLU A 1 7   ? 9.104   6.626   -10.087 1.00 50.00  ? 7   GLU A CA  1 
ATOM   27   C  C   . GLU A 1 7   ? 8.972   5.619   -8.956  1.00 46.70  ? 7   GLU A C   1 
ATOM   28   O  O   . GLU A 1 7   ? 8.077   5.777   -8.131  1.00 45.90  ? 7   GLU A O   1 
ATOM   29   C  CB  . GLU A 1 7   ? 8.404   6.102   -11.351 1.00 53.10  ? 7   GLU A CB  1 
ATOM   30   C  CG  . GLU A 1 7   ? 8.693   4.691   -11.861 1.00 59.90  ? 7   GLU A CG  1 
ATOM   31   C  CD  . GLU A 1 7   ? 7.674   4.171   -12.877 1.00 64.60  ? 7   GLU A CD  1 
ATOM   32   O  OE1 . GLU A 1 7   ? 6.491   4.055   -12.546 1.00 66.60  ? 7   GLU A OE1 1 
ATOM   33   O  OE2 . GLU A 1 7   ? 8.067   3.862   -14.001 1.00 67.20  ? 7   GLU A OE2 1 
ATOM   34   N  N   . GLN A 1 8   ? 9.877   4.627   -8.861  1.00 42.10  ? 8   GLN A N   1 
ATOM   35   C  CA  . GLN A 1 8   ? 9.822   3.656   -7.783  1.00 39.80  ? 8   GLN A CA  1 
ATOM   36   C  C   . GLN A 1 8   ? 10.142  4.273   -6.441  1.00 38.10  ? 8   GLN A C   1 
ATOM   37   O  O   . GLN A 1 8   ? 9.490   3.916   -5.466  1.00 38.60  ? 8   GLN A O   1 
ATOM   38   C  CB  . GLN A 1 8   ? 10.790  2.513   -8.017  1.00 41.00  ? 8   GLN A CB  1 
ATOM   39   C  CG  . GLN A 1 8   ? 10.266  1.477   -8.999  1.00 43.20  ? 8   GLN A CG  1 
ATOM   40   C  CD  . GLN A 1 8   ? 11.220  0.309   -9.206  1.00 45.90  ? 8   GLN A CD  1 
ATOM   41   O  OE1 . GLN A 1 8   ? 11.023  -0.789  -8.689  1.00 48.50  ? 8   GLN A OE1 1 
ATOM   42   N  NE2 . GLN A 1 8   ? 12.292  0.500   -9.966  1.00 47.10  ? 8   GLN A NE2 1 
ATOM   43   N  N   . ILE A 1 9   ? 11.078  5.226   -6.341  1.00 35.00  ? 9   ILE A N   1 
ATOM   44   C  CA  . ILE A 1 9   ? 11.371  5.863   -5.062  1.00 33.00  ? 9   ILE A CA  1 
ATOM   45   C  C   . ILE A 1 9   ? 10.219  6.779   -4.673  1.00 32.30  ? 9   ILE A C   1 
ATOM   46   O  O   . ILE A 1 9   ? 9.968   6.994   -3.484  1.00 32.90  ? 9   ILE A O   1 
ATOM   47   C  CB  . ILE A 1 9   ? 12.709  6.644   -5.177  1.00 35.30  ? 9   ILE A CB  1 
ATOM   48   C  CG1 . ILE A 1 9   ? 13.832  5.624   -5.353  1.00 36.80  ? 9   ILE A CG1 1 
ATOM   49   C  CG2 . ILE A 1 9   ? 13.004  7.474   -3.925  1.00 34.50  ? 9   ILE A CG2 1 
ATOM   50   C  CD1 . ILE A 1 9   ? 15.215  6.203   -5.723  1.00 39.90  ? 9   ILE A CD1 1 
ATOM   51   N  N   . ALA A 1 10  ? 9.486   7.292   -5.673  1.00 31.00  ? 10  ALA A N   1 
ATOM   52   C  CA  . ALA A 1 10  ? 8.323   8.139   -5.434  1.00 29.80  ? 10  ALA A CA  1 
ATOM   53   C  C   . ALA A 1 10  ? 7.078   7.354   -4.997  1.00 28.90  ? 10  ALA A C   1 
ATOM   54   O  O   . ALA A 1 10  ? 6.252   7.866   -4.239  1.00 28.90  ? 10  ALA A O   1 
ATOM   55   C  CB  . ALA A 1 10  ? 8.016   8.912   -6.702  1.00 30.30  ? 10  ALA A CB  1 
ATOM   56   N  N   . GLU A 1 11  ? 6.946   6.099   -5.461  1.00 27.80  ? 11  GLU A N   1 
ATOM   57   C  CA  . GLU A 1 11  ? 5.890   5.184   -5.036  1.00 27.60  ? 11  GLU A CA  1 
ATOM   58   C  C   . GLU A 1 11  ? 6.141   4.718   -3.618  1.00 26.40  ? 11  GLU A C   1 
ATOM   59   O  O   . GLU A 1 11  ? 5.209   4.692   -2.824  1.00 27.90  ? 11  GLU A O   1 
ATOM   60   C  CB  . GLU A 1 11  ? 5.835   3.957   -5.907  1.00 26.20  ? 11  GLU A CB  1 
ATOM   61   C  CG  . GLU A 1 11  ? 5.258   4.293   -7.258  1.00 30.40  ? 11  GLU A CG  1 
ATOM   62   C  CD  . GLU A 1 11  ? 5.680   3.388   -8.406  1.00 34.90  ? 11  GLU A CD  1 
ATOM   63   O  OE1 . GLU A 1 11  ? 6.186   2.281   -8.187  1.00 38.50  ? 11  GLU A OE1 1 
ATOM   64   O  OE2 . GLU A 1 11  ? 5.491   3.813   -9.546  1.00 39.50  ? 11  GLU A OE2 1 
ATOM   65   N  N   . PHE A 1 12  ? 7.393   4.365   -3.285  1.00 26.40  ? 12  PHE A N   1 
ATOM   66   C  CA  . PHE A 1 12  ? 7.762   3.956   -1.930  1.00 25.20  ? 12  PHE A CA  1 
ATOM   67   C  C   . PHE A 1 12  ? 7.633   5.117   -0.960  1.00 25.30  ? 12  PHE A C   1 
ATOM   68   O  O   . PHE A 1 12  ? 7.272   4.914   0.197   1.00 24.30  ? 12  PHE A O   1 
ATOM   69   C  CB  . PHE A 1 12  ? 9.195   3.440   -1.880  1.00 21.70  ? 12  PHE A CB  1 
ATOM   70   C  CG  . PHE A 1 12  ? 9.481   2.241   -2.771  1.00 23.80  ? 12  PHE A CG  1 
ATOM   71   C  CD1 . PHE A 1 12  ? 8.463   1.399   -3.227  1.00 24.30  ? 12  PHE A CD1 1 
ATOM   72   C  CD2 . PHE A 1 12  ? 10.798  1.992   -3.157  1.00 24.80  ? 12  PHE A CD2 1 
ATOM   73   C  CE1 . PHE A 1 12  ? 8.758   0.321   -4.066  1.00 24.40  ? 12  PHE A CE1 1 
ATOM   74   C  CE2 . PHE A 1 12  ? 11.085  0.911   -3.993  1.00 25.10  ? 12  PHE A CE2 1 
ATOM   75   C  CZ  . PHE A 1 12  ? 10.071  0.074   -4.451  1.00 24.30  ? 12  PHE A CZ  1 
ATOM   76   N  N   . LYS A 1 13  ? 7.871   6.350   -1.429  1.00 25.40  ? 13  LYS A N   1 
ATOM   77   C  CA  . LYS A 1 13  ? 7.701   7.530   -0.601  1.00 28.00  ? 13  LYS A CA  1 
ATOM   78   C  C   . LYS A 1 13  ? 6.225   7.731   -0.312  1.00 27.70  ? 13  LYS A C   1 
ATOM   79   O  O   . LYS A 1 13  ? 5.841   8.193   0.763   1.00 28.60  ? 13  LYS A O   1 
ATOM   80   C  CB  . LYS A 1 13  ? 8.230   8.776   -1.300  1.00 31.90  ? 13  LYS A CB  1 
ATOM   81   C  CG  . LYS A 1 13  ? 8.563   9.849   -0.278  1.00 38.60  ? 13  LYS A CG  1 
ATOM   82   C  CD  . LYS A 1 13  ? 8.939   11.164  -0.933  1.00 46.00  ? 13  LYS A CD  1 
ATOM   83   C  CE  . LYS A 1 13  ? 9.422   12.143  0.135   1.00 49.30  ? 13  LYS A CE  1 
ATOM   84   N  NZ  . LYS A 1 13  ? 10.758  11.792  0.598   1.00 55.20  ? 13  LYS A NZ  1 
ATOM   85   N  N   . GLU A 1 14  ? 5.403   7.369   -1.296  1.00 26.00  ? 14  GLU A N   1 
ATOM   86   C  CA  . GLU A 1 14  ? 3.974   7.452   -1.148  1.00 28.90  ? 14  GLU A CA  1 
ATOM   87   C  C   . GLU A 1 14  ? 3.479   6.392   -0.157  1.00 28.10  ? 14  GLU A C   1 
ATOM   88   O  O   . GLU A 1 14  ? 2.658   6.710   0.701   1.00 28.10  ? 14  GLU A O   1 
ATOM   89   C  CB  . GLU A 1 14  ? 3.354   7.273   -2.528  1.00 33.30  ? 14  GLU A CB  1 
ATOM   90   C  CG  . GLU A 1 14  ? 1.873   7.605   -2.573  1.00 41.60  ? 14  GLU A CG  1 
ATOM   91   C  CD  . GLU A 1 14  ? 1.550   8.987   -2.029  1.00 46.10  ? 14  GLU A CD  1 
ATOM   92   O  OE1 . GLU A 1 14  ? 2.101   9.966   -2.537  1.00 49.50  ? 14  GLU A OE1 1 
ATOM   93   O  OE2 . GLU A 1 14  ? 0.752   9.074   -1.093  1.00 50.00  ? 14  GLU A OE2 1 
ATOM   94   N  N   . ALA A 1 15  ? 3.995   5.153   -0.214  1.00 25.30  ? 15  ALA A N   1 
ATOM   95   C  CA  . ALA A 1 15  ? 3.628   4.098   0.720   1.00 24.70  ? 15  ALA A CA  1 
ATOM   96   C  C   . ALA A 1 15  ? 4.105   4.394   2.134   1.00 25.90  ? 15  ALA A C   1 
ATOM   97   O  O   . ALA A 1 15  ? 3.399   4.096   3.097   1.00 26.60  ? 15  ALA A O   1 
ATOM   98   C  CB  . ALA A 1 15  ? 4.234   2.777   0.294   1.00 21.00  ? 15  ALA A CB  1 
ATOM   99   N  N   . PHE A 1 16  ? 5.274   5.052   2.246   1.00 25.60  ? 16  PHE A N   1 
ATOM   100  C  CA  . PHE A 1 16  ? 5.852   5.470   3.514   1.00 23.20  ? 16  PHE A CA  1 
ATOM   101  C  C   . PHE A 1 16  ? 4.938   6.473   4.206   1.00 23.70  ? 16  PHE A C   1 
ATOM   102  O  O   . PHE A 1 16  ? 4.713   6.379   5.410   1.00 24.10  ? 16  PHE A O   1 
ATOM   103  C  CB  . PHE A 1 16  ? 7.233   6.106   3.269   1.00 21.10  ? 16  PHE A CB  1 
ATOM   104  C  CG  . PHE A 1 16  ? 7.935   6.512   4.555   1.00 17.90  ? 16  PHE A CG  1 
ATOM   105  C  CD1 . PHE A 1 16  ? 8.712   5.576   5.230   1.00 17.70  ? 16  PHE A CD1 1 
ATOM   106  C  CD2 . PHE A 1 16  ? 7.753   7.788   5.086   1.00 14.30  ? 16  PHE A CD2 1 
ATOM   107  C  CE1 . PHE A 1 16  ? 9.297   5.918   6.445   1.00 15.20  ? 16  PHE A CE1 1 
ATOM   108  C  CE2 . PHE A 1 16  ? 8.342   8.117   6.301   1.00 15.70  ? 16  PHE A CE2 1 
ATOM   109  C  CZ  . PHE A 1 16  ? 9.110   7.184   6.981   1.00 13.60  ? 16  PHE A CZ  1 
ATOM   110  N  N   . SER A 1 17  ? 4.422   7.447   3.451   1.00 25.10  ? 17  SER A N   1 
ATOM   111  C  CA  . SER A 1 17  ? 3.526   8.483   3.959   1.00 28.10  ? 17  SER A CA  1 
ATOM   112  C  C   . SER A 1 17  ? 2.211   7.992   4.544   1.00 28.30  ? 17  SER A C   1 
ATOM   113  O  O   . SER A 1 17  ? 1.624   8.686   5.377   1.00 30.80  ? 17  SER A O   1 
ATOM   114  C  CB  . SER A 1 17  ? 3.165   9.489   2.863   1.00 29.10  ? 17  SER A CB  1 
ATOM   115  O  OG  . SER A 1 17  ? 4.261   10.312  2.498   1.00 40.10  ? 17  SER A OG  1 
ATOM   116  N  N   . LEU A 1 18  ? 1.723   6.822   4.103   1.00 27.90  ? 18  LEU A N   1 
ATOM   117  C  CA  . LEU A 1 18  ? 0.470   6.261   4.595   1.00 26.80  ? 18  LEU A CA  1 
ATOM   118  C  C   . LEU A 1 18  ? 0.673   5.479   5.892   1.00 25.20  ? 18  LEU A C   1 
ATOM   119  O  O   . LEU A 1 18  ? -0.230  5.415   6.721   1.00 27.80  ? 18  LEU A O   1 
ATOM   120  C  CB  . LEU A 1 18  ? -0.124  5.376   3.493   1.00 23.80  ? 18  LEU A CB  1 
ATOM   121  C  CG  . LEU A 1 18  ? -0.380  6.071   2.145   1.00 20.90  ? 18  LEU A CG  1 
ATOM   122  C  CD1 . LEU A 1 18  ? -0.765  5.031   1.113   1.00 20.80  ? 18  LEU A CD1 1 
ATOM   123  C  CD2 . LEU A 1 18  ? -1.462  7.128   2.291   1.00 14.10  ? 18  LEU A CD2 1 
ATOM   124  N  N   . PHE A 1 19  ? 1.851   4.888   6.113   1.00 22.60  ? 19  PHE A N   1 
ATOM   125  C  CA  . PHE A 1 19  ? 2.165   4.250   7.378   1.00 21.80  ? 19  PHE A CA  1 
ATOM   126  C  C   . PHE A 1 19  ? 2.549   5.284   8.432   1.00 24.50  ? 19  PHE A C   1 
ATOM   127  O  O   . PHE A 1 19  ? 2.243   5.109   9.612   1.00 23.30  ? 19  PHE A O   1 
ATOM   128  C  CB  . PHE A 1 19  ? 3.322   3.286   7.232   1.00 21.00  ? 19  PHE A CB  1 
ATOM   129  C  CG  . PHE A 1 19  ? 3.021   1.986   6.501   1.00 22.50  ? 19  PHE A CG  1 
ATOM   130  C  CD1 . PHE A 1 19  ? 2.301   0.970   7.142   1.00 23.20  ? 19  PHE A CD1 1 
ATOM   131  C  CD2 . PHE A 1 19  ? 3.484   1.792   5.198   1.00 22.40  ? 19  PHE A CD2 1 
ATOM   132  C  CE1 . PHE A 1 19  ? 2.054   -0.229  6.469   1.00 22.30  ? 19  PHE A CE1 1 
ATOM   133  C  CE2 . PHE A 1 19  ? 3.233   0.594   4.534   1.00 22.70  ? 19  PHE A CE2 1 
ATOM   134  C  CZ  . PHE A 1 19  ? 2.518   -0.417  5.168   1.00 23.60  ? 19  PHE A CZ  1 
ATOM   135  N  N   . ASP A 1 20  ? 3.211   6.383   8.027   1.00 26.70  ? 20  ASP A N   1 
ATOM   136  C  CA  . ASP A 1 20  ? 3.644   7.440   8.939   1.00 28.40  ? 20  ASP A CA  1 
ATOM   137  C  C   . ASP A 1 20  ? 2.496   8.407   9.191   1.00 29.70  ? 20  ASP A C   1 
ATOM   138  O  O   . ASP A 1 20  ? 2.475   9.539   8.705   1.00 29.80  ? 20  ASP A O   1 
ATOM   139  C  CB  . ASP A 1 20  ? 4.871   8.144   8.313   1.00 28.10  ? 20  ASP A CB  1 
ATOM   140  C  CG  . ASP A 1 20  ? 5.494   9.323   9.061   1.00 27.90  ? 20  ASP A CG  1 
ATOM   141  O  OD1 . ASP A 1 20  ? 5.284   9.491   10.254  1.00 26.60  ? 20  ASP A OD1 1 
ATOM   142  O  OD2 . ASP A 1 20  ? 6.189   10.111  8.431   1.00 29.80  ? 20  ASP A OD2 1 
ATOM   143  N  N   . LYS A 1 21  ? 1.550   7.936   10.018  1.00 33.10  ? 21  LYS A N   1 
ATOM   144  C  CA  . LYS A 1 21  ? 0.315   8.661   10.297  1.00 35.00  ? 21  LYS A CA  1 
ATOM   145  C  C   . LYS A 1 21  ? 0.416   10.043  10.916  1.00 35.50  ? 21  LYS A C   1 
ATOM   146  O  O   . LYS A 1 21  ? -0.425  10.892  10.607  1.00 36.10  ? 21  LYS A O   1 
ATOM   147  C  CB  . LYS A 1 21  ? -0.579  7.813   11.180  1.00 36.40  ? 21  LYS A CB  1 
ATOM   148  C  CG  . LYS A 1 21  ? -1.171  6.687   10.363  1.00 41.50  ? 21  LYS A CG  1 
ATOM   149  C  CD  . LYS A 1 21  ? -2.500  6.277   10.969  1.00 47.00  ? 21  LYS A CD  1 
ATOM   150  C  CE  . LYS A 1 21  ? -3.331  5.471   9.972   1.00 50.80  ? 21  LYS A CE  1 
ATOM   151  N  NZ  . LYS A 1 21  ? -3.652  6.244   8.782   1.00 53.60  ? 21  LYS A NZ  1 
ATOM   152  N  N   . ASP A 1 22  ? 1.410   10.293  11.781  1.00 35.30  ? 22  ASP A N   1 
ATOM   153  C  CA  . ASP A 1 22  ? 1.588   11.629  12.330  1.00 36.20  ? 22  ASP A CA  1 
ATOM   154  C  C   . ASP A 1 22  ? 2.514   12.510  11.488  1.00 37.10  ? 22  ASP A C   1 
ATOM   155  O  O   . ASP A 1 22  ? 2.616   13.717  11.704  1.00 39.50  ? 22  ASP A O   1 
ATOM   156  C  CB  . ASP A 1 22  ? 2.115   11.532  13.772  1.00 35.00  ? 22  ASP A CB  1 
ATOM   157  C  CG  . ASP A 1 22  ? 3.451   10.855  14.040  1.00 36.50  ? 22  ASP A CG  1 
ATOM   158  O  OD1 . ASP A 1 22  ? 4.278   10.726  13.145  1.00 35.00  ? 22  ASP A OD1 1 
ATOM   159  O  OD2 . ASP A 1 22  ? 3.668   10.463  15.182  1.00 36.80  ? 22  ASP A OD2 1 
ATOM   160  N  N   . GLY A 1 23  ? 3.212   11.885  10.531  1.00 38.10  ? 23  GLY A N   1 
ATOM   161  C  CA  . GLY A 1 23  ? 4.080   12.582  9.604   1.00 38.70  ? 23  GLY A CA  1 
ATOM   162  C  C   . GLY A 1 23  ? 5.377   13.036  10.239  1.00 39.30  ? 23  GLY A C   1 
ATOM   163  O  O   . GLY A 1 23  ? 5.835   14.125  9.896   1.00 41.20  ? 23  GLY A O   1 
ATOM   164  N  N   . ASP A 1 24  ? 5.988   12.261  11.152  1.00 38.30  ? 24  ASP A N   1 
ATOM   165  C  CA  . ASP A 1 24  ? 7.234   12.703  11.767  1.00 35.30  ? 24  ASP A CA  1 
ATOM   166  C  C   . ASP A 1 24  ? 8.494   12.127  11.137  1.00 34.40  ? 24  ASP A C   1 
ATOM   167  O  O   . ASP A 1 24  ? 9.606   12.390  11.606  1.00 36.90  ? 24  ASP A O   1 
ATOM   168  C  CB  . ASP A 1 24  ? 7.223   12.389  13.289  1.00 35.90  ? 24  ASP A CB  1 
ATOM   169  C  CG  . ASP A 1 24  ? 7.422   10.968  13.819  1.00 34.50  ? 24  ASP A CG  1 
ATOM   170  O  OD1 . ASP A 1 24  ? 7.558   10.025  13.050  1.00 35.90  ? 24  ASP A OD1 1 
ATOM   171  O  OD2 . ASP A 1 24  ? 7.451   10.805  15.034  1.00 34.30  ? 24  ASP A OD2 1 
ATOM   172  N  N   . GLY A 1 25  ? 8.326   11.307  10.094  1.00 30.40  ? 25  GLY A N   1 
ATOM   173  C  CA  . GLY A 1 25  ? 9.454   10.750  9.370   1.00 28.20  ? 25  GLY A CA  1 
ATOM   174  C  C   . GLY A 1 25  ? 9.897   9.382   9.846   1.00 28.50  ? 25  GLY A C   1 
ATOM   175  O  O   . GLY A 1 25  ? 10.852  8.831   9.304   1.00 29.60  ? 25  GLY A O   1 
ATOM   176  N  N   . THR A 1 26  ? 9.267   8.811   10.871  1.00 27.40  ? 26  THR A N   1 
ATOM   177  C  CA  . THR A 1 26  ? 9.595   7.465   11.311  1.00 26.80  ? 26  THR A CA  1 
ATOM   178  C  C   . THR A 1 26  ? 8.319   6.656   11.418  1.00 25.50  ? 26  THR A C   1 
ATOM   179  O  O   . THR A 1 26  ? 7.252   7.191   11.680  1.00 25.00  ? 26  THR A O   1 
ATOM   180  C  CB  . THR A 1 26  ? 10.297  7.437   12.693  1.00 27.70  ? 26  THR A CB  1 
ATOM   181  O  OG1 . THR A 1 26  ? 9.555   8.262   13.578  1.00 29.60  ? 26  THR A OG1 1 
ATOM   182  C  CG2 . THR A 1 26  ? 11.738  7.891   12.605  1.00 30.50  ? 26  THR A CG2 1 
ATOM   183  N  N   . ILE A 1 27  ? 8.389   5.354   11.193  1.00 23.30  ? 27  ILE A N   1 
ATOM   184  C  CA  . ILE A 1 27  ? 7.226   4.520   11.359  1.00 21.70  ? 27  ILE A CA  1 
ATOM   185  C  C   . ILE A 1 27  ? 7.503   3.711   12.616  1.00 21.80  ? 27  ILE A C   1 
ATOM   186  O  O   . ILE A 1 27  ? 8.493   2.983   12.708  1.00 21.60  ? 27  ILE A O   1 
ATOM   187  C  CB  . ILE A 1 27  ? 7.047   3.595   10.147  1.00 22.60  ? 27  ILE A CB  1 
ATOM   188  C  CG1 . ILE A 1 27  ? 6.902   4.381   8.856   1.00 20.10  ? 27  ILE A CG1 1 
ATOM   189  C  CG2 . ILE A 1 27  ? 5.785   2.766   10.363  1.00 21.20  ? 27  ILE A CG2 1 
ATOM   190  C  CD1 . ILE A 1 27  ? 7.048   3.450   7.642   1.00 20.90  ? 27  ILE A CD1 1 
ATOM   191  N  N   . THR A 1 28  ? 6.624   3.867   13.606  1.00 22.90  ? 28  THR A N   1 
ATOM   192  C  CA  . THR A 1 28  ? 6.718   3.100   14.840  1.00 21.70  ? 28  THR A CA  1 
ATOM   193  C  C   . THR A 1 28  ? 5.961   1.789   14.703  1.00 23.00  ? 28  THR A C   1 
ATOM   194  O  O   . THR A 1 28  ? 5.293   1.538   13.696  1.00 22.60  ? 28  THR A O   1 
ATOM   195  C  CB  . THR A 1 28  ? 6.132   3.902   16.007  1.00 22.00  ? 28  THR A CB  1 
ATOM   196  O  OG1 . THR A 1 28  ? 4.757   4.106   15.726  1.00 23.00  ? 28  THR A OG1 1 
ATOM   197  C  CG2 . THR A 1 28  ? 6.820   5.246   16.191  1.00 22.60  ? 28  THR A CG2 1 
ATOM   198  N  N   . THR A 1 29  ? 6.062   0.929   15.720  1.00 20.90  ? 29  THR A N   1 
ATOM   199  C  CA  . THR A 1 29  ? 5.286   -0.305  15.747  1.00 21.30  ? 29  THR A CA  1 
ATOM   200  C  C   . THR A 1 29  ? 3.787   -0.007  15.895  1.00 19.10  ? 29  THR A C   1 
ATOM   201  O  O   . THR A 1 29  ? 2.948   -0.749  15.383  1.00 19.30  ? 29  THR A O   1 
ATOM   202  C  CB  . THR A 1 29  ? 5.743   -1.212  16.913  1.00 21.00  ? 29  THR A CB  1 
ATOM   203  O  OG1 . THR A 1 29  ? 5.812   -0.385  18.066  1.00 23.50  ? 29  THR A OG1 1 
ATOM   204  C  CG2 . THR A 1 29  ? 7.059   -1.908  16.641  1.00 22.00  ? 29  THR A CG2 1 
ATOM   205  N  N   . LYS A 1 30  ? 3.463   1.107   16.569  1.00 17.50  ? 30  LYS A N   1 
ATOM   206  C  CA  . LYS A 1 30  ? 2.096   1.550   16.762  1.00 19.50  ? 30  LYS A CA  1 
ATOM   207  C  C   . LYS A 1 30  ? 1.407   1.946   15.474  1.00 21.50  ? 30  LYS A C   1 
ATOM   208  O  O   . LYS A 1 30  ? 0.231   1.643   15.302  1.00 22.10  ? 30  LYS A O   1 
ATOM   209  C  CB  . LYS A 1 30  ? 2.040   2.739   17.685  1.00 21.10  ? 30  LYS A CB  1 
ATOM   210  C  CG  . LYS A 1 30  ? 2.461   2.491   19.119  1.00 25.00  ? 30  LYS A CG  1 
ATOM   211  C  CD  . LYS A 1 30  ? 2.275   3.814   19.838  1.00 29.60  ? 30  LYS A CD  1 
ATOM   212  C  CE  . LYS A 1 30  ? 2.949   3.851   21.198  1.00 32.50  ? 30  LYS A CE  1 
ATOM   213  N  NZ  . LYS A 1 30  ? 4.387   3.658   21.094  1.00 33.30  ? 30  LYS A NZ  1 
ATOM   214  N  N   . GLU A 1 31  ? 2.113   2.637   14.570  1.00 20.30  ? 31  GLU A N   1 
ATOM   215  C  CA  . GLU A 1 31  ? 1.563   3.024   13.279  1.00 19.10  ? 31  GLU A CA  1 
ATOM   216  C  C   . GLU A 1 31  ? 1.439   1.844   12.346  1.00 19.50  ? 31  GLU A C   1 
ATOM   217  O  O   . GLU A 1 31  ? 0.514   1.778   11.537  1.00 21.80  ? 31  GLU A O   1 
ATOM   218  C  CB  . GLU A 1 31  ? 2.435   4.057   12.631  1.00 17.70  ? 31  GLU A CB  1 
ATOM   219  C  CG  . GLU A 1 31  ? 2.345   5.358   13.396  1.00 20.20  ? 31  GLU A CG  1 
ATOM   220  C  CD  . GLU A 1 31  ? 3.339   6.408   12.925  1.00 25.10  ? 31  GLU A CD  1 
ATOM   221  O  OE1 . GLU A 1 31  ? 4.501   6.070   12.687  1.00 23.80  ? 31  GLU A OE1 1 
ATOM   222  O  OE2 . GLU A 1 31  ? 2.948   7.570   12.806  1.00 26.50  ? 31  GLU A OE2 1 
ATOM   223  N  N   . LEU A 1 32  ? 2.383   0.907   12.449  1.00 19.70  ? 32  LEU A N   1 
ATOM   224  C  CA  . LEU A 1 32  ? 2.300   -0.342  11.713  1.00 22.80  ? 32  LEU A CA  1 
ATOM   225  C  C   . LEU A 1 32  ? 1.065   -1.134  12.132  1.00 23.80  ? 32  LEU A C   1 
ATOM   226  O  O   . LEU A 1 32  ? 0.351   -1.656  11.279  1.00 24.50  ? 32  LEU A O   1 
ATOM   227  C  CB  . LEU A 1 32  ? 3.508   -1.226  11.970  1.00 26.00  ? 32  LEU A CB  1 
ATOM   228  C  CG  . LEU A 1 32  ? 4.819   -0.950  11.281  1.00 29.80  ? 32  LEU A CG  1 
ATOM   229  C  CD1 . LEU A 1 32  ? 5.831   -1.995  11.701  1.00 31.50  ? 32  LEU A CD1 1 
ATOM   230  C  CD2 . LEU A 1 32  ? 4.629   -1.015  9.779   1.00 32.30  ? 32  LEU A CD2 1 
ATOM   231  N  N   . GLY A 1 33  ? 0.811   -1.190  13.448  1.00 21.70  ? 33  GLY A N   1 
ATOM   232  C  CA  . GLY A 1 33  ? -0.321  -1.910  14.018  1.00 22.90  ? 33  GLY A CA  1 
ATOM   233  C  C   . GLY A 1 33  ? -1.662  -1.289  13.653  1.00 21.60  ? 33  GLY A C   1 
ATOM   234  O  O   . GLY A 1 33  ? -2.580  -1.994  13.241  1.00 21.40  ? 33  GLY A O   1 
ATOM   235  N  N   . THR A 1 34  ? -1.760  0.036   13.790  1.00 19.30  ? 34  THR A N   1 
ATOM   236  C  CA  . THR A 1 34  ? -2.960  0.785   13.479  1.00 21.60  ? 34  THR A CA  1 
ATOM   237  C  C   . THR A 1 34  ? -3.323  0.713   11.996  1.00 23.80  ? 34  THR A C   1 
ATOM   238  O  O   . THR A 1 34  ? -4.503  0.585   11.676  1.00 24.70  ? 34  THR A O   1 
ATOM   239  C  CB  . THR A 1 34  ? -2.733  2.230   13.950  1.00 18.00  ? 34  THR A CB  1 
ATOM   240  O  OG1 . THR A 1 34  ? -2.623  2.167   15.365  1.00 23.50  ? 34  THR A OG1 1 
ATOM   241  C  CG2 . THR A 1 34  ? -3.864  3.173   13.632  1.00 24.10  ? 34  THR A CG2 1 
ATOM   242  N  N   . VAL A 1 35  ? -2.357  0.751   11.065  1.00 23.80  ? 35  VAL A N   1 
ATOM   243  C  CA  . VAL A 1 35  ? -2.644  0.644   9.636   1.00 24.80  ? 35  VAL A CA  1 
ATOM   244  C  C   . VAL A 1 35  ? -3.016  -0.800  9.266   1.00 25.20  ? 35  VAL A C   1 
ATOM   245  O  O   . VAL A 1 35  ? -3.927  -1.011  8.464   1.00 26.10  ? 35  VAL A O   1 
ATOM   246  C  CB  . VAL A 1 35  ? -1.402  1.133   8.805   1.00 23.80  ? 35  VAL A CB  1 
ATOM   247  C  CG1 . VAL A 1 35  ? -1.623  0.967   7.307   1.00 25.10  ? 35  VAL A CG1 1 
ATOM   248  C  CG2 . VAL A 1 35  ? -1.211  2.619   9.009   1.00 21.40  ? 35  VAL A CG2 1 
ATOM   249  N  N   . MET A 1 36  ? -2.353  -1.816  9.830   1.00 24.40  ? 36  MET A N   1 
ATOM   250  C  CA  . MET A 1 36  ? -2.716  -3.203  9.579   1.00 26.20  ? 36  MET A CA  1 
ATOM   251  C  C   . MET A 1 36  ? -4.090  -3.587  10.129  1.00 26.50  ? 36  MET A C   1 
ATOM   252  O  O   . MET A 1 36  ? -4.819  -4.334  9.479   1.00 26.40  ? 36  MET A O   1 
ATOM   253  C  CB  . MET A 1 36  ? -1.682  -4.117  10.184  1.00 28.70  ? 36  MET A CB  1 
ATOM   254  C  CG  . MET A 1 36  ? -0.452  -4.193  9.318   1.00 34.00  ? 36  MET A CG  1 
ATOM   255  S  SD  . MET A 1 36  ? 0.759   -5.292  10.078  1.00 37.30  ? 36  MET A SD  1 
ATOM   256  C  CE  . MET A 1 36  ? 2.092   -4.133  10.056  1.00 41.90  ? 36  MET A CE  1 
ATOM   257  N  N   . ARG A 1 37  ? -4.486  -3.056  11.294  1.00 25.30  ? 37  ARG A N   1 
ATOM   258  C  CA  . ARG A 1 37  ? -5.799  -3.326  11.857  1.00 26.30  ? 37  ARG A CA  1 
ATOM   259  C  C   . ARG A 1 37  ? -6.928  -2.658  11.088  1.00 27.80  ? 37  ARG A C   1 
ATOM   260  O  O   . ARG A 1 37  ? -8.013  -3.229  10.994  1.00 28.80  ? 37  ARG A O   1 
ATOM   261  C  CB  . ARG A 1 37  ? -5.855  -2.872  13.306  1.00 20.60  ? 37  ARG A CB  1 
ATOM   262  C  CG  . ARG A 1 37  ? -5.061  -3.822  14.177  1.00 19.90  ? 37  ARG A CG  1 
ATOM   263  C  CD  . ARG A 1 37  ? -5.330  -3.561  15.647  1.00 20.70  ? 37  ARG A CD  1 
ATOM   264  N  NE  . ARG A 1 37  ? -4.882  -2.242  16.070  1.00 20.00  ? 37  ARG A NE  1 
ATOM   265  C  CZ  . ARG A 1 37  ? -3.682  -2.022  16.619  1.00 17.50  ? 37  ARG A CZ  1 
ATOM   266  N  NH1 . ARG A 1 37  ? -2.793  -3.004  16.767  1.00 19.60  ? 37  ARG A NH1 1 
ATOM   267  N  NH2 . ARG A 1 37  ? -3.355  -0.782  16.988  1.00 16.10  ? 37  ARG A NH2 1 
ATOM   268  N  N   . SER A 1 38  ? -6.670  -1.474  10.500  1.00 29.10  ? 38  SER A N   1 
ATOM   269  C  CA  . SER A 1 38  ? -7.653  -0.761  9.694   1.00 31.30  ? 38  SER A CA  1 
ATOM   270  C  C   . SER A 1 38  ? -7.922  -1.452  8.358   1.00 33.30  ? 38  SER A C   1 
ATOM   271  O  O   . SER A 1 38  ? -8.883  -1.127  7.659   1.00 35.70  ? 38  SER A O   1 
ATOM   272  C  CB  . SER A 1 38  ? -7.180  0.665   9.424   1.00 30.70  ? 38  SER A CB  1 
ATOM   273  O  OG  . SER A 1 38  ? -6.133  0.719   8.460   1.00 33.50  ? 38  SER A OG  1 
ATOM   274  N  N   . LEU A 1 39  ? -7.027  -2.377  7.989   1.00 34.10  ? 39  LEU A N   1 
ATOM   275  C  CA  . LEU A 1 39  ? -7.187  -3.191  6.800   1.00 38.20  ? 39  LEU A CA  1 
ATOM   276  C  C   . LEU A 1 39  ? -7.547  -4.631  7.165   1.00 39.60  ? 39  LEU A C   1 
ATOM   277  O  O   . LEU A 1 39  ? -7.323  -5.573  6.403   1.00 41.60  ? 39  LEU A O   1 
ATOM   278  C  CB  . LEU A 1 39  ? -5.894  -3.155  5.976   1.00 39.10  ? 39  LEU A CB  1 
ATOM   279  C  CG  . LEU A 1 39  ? -5.453  -1.797  5.426   1.00 41.50  ? 39  LEU A CG  1 
ATOM   280  C  CD1 . LEU A 1 39  ? -4.151  -1.978  4.683   1.00 41.80  ? 39  LEU A CD1 1 
ATOM   281  C  CD2 . LEU A 1 39  ? -6.509  -1.214  4.494   1.00 42.50  ? 39  LEU A CD2 1 
ATOM   282  N  N   . GLY A 1 40  ? -8.107  -4.798  8.370   1.00 40.90  ? 40  GLY A N   1 
ATOM   283  C  CA  . GLY A 1 40  ? -8.643  -6.065  8.832   1.00 41.70  ? 40  GLY A CA  1 
ATOM   284  C  C   . GLY A 1 40  ? -7.633  -7.123  9.225   1.00 43.80  ? 40  GLY A C   1 
ATOM   285  O  O   . GLY A 1 40  ? -7.962  -8.313  9.218   1.00 45.10  ? 40  GLY A O   1 
ATOM   286  N  N   . GLN A 1 41  ? -6.411  -6.712  9.571   1.00 44.70  ? 41  GLN A N   1 
ATOM   287  C  CA  . GLN A 1 41  ? -5.386  -7.657  9.999   1.00 45.80  ? 41  GLN A CA  1 
ATOM   288  C  C   . GLN A 1 41  ? -5.178  -7.503  11.501  1.00 44.60  ? 41  GLN A C   1 
ATOM   289  O  O   . GLN A 1 41  ? -5.533  -6.470  12.066  1.00 44.30  ? 41  GLN A O   1 
ATOM   290  C  CB  . GLN A 1 41  ? -4.094  -7.366  9.242   1.00 48.60  ? 41  GLN A CB  1 
ATOM   291  C  CG  . GLN A 1 41  ? -3.216  -8.581  8.953   1.00 53.00  ? 41  GLN A CG  1 
ATOM   292  C  CD  . GLN A 1 41  ? -3.811  -9.557  7.942   1.00 54.80  ? 41  GLN A CD  1 
ATOM   293  O  OE1 . GLN A 1 41  ? -4.364  -9.181  6.905   1.00 54.90  ? 41  GLN A OE1 1 
ATOM   294  N  NE2 . GLN A 1 41  ? -3.700  -10.851 8.236   1.00 55.70  ? 41  GLN A NE2 1 
ATOM   295  N  N   . ASN A 1 42  ? -4.620  -8.501  12.194  1.00 45.40  ? 42  ASN A N   1 
ATOM   296  C  CA  . ASN A 1 42  ? -4.428  -8.388  13.632  1.00 47.10  ? 42  ASN A CA  1 
ATOM   297  C  C   . ASN A 1 42  ? -3.062  -8.879  14.108  1.00 46.80  ? 42  ASN A C   1 
ATOM   298  O  O   . ASN A 1 42  ? -2.950  -9.949  14.715  1.00 46.20  ? 42  ASN A O   1 
ATOM   299  C  CB  . ASN A 1 42  ? -5.542  -9.158  14.324  1.00 50.90  ? 42  ASN A CB  1 
ATOM   300  C  CG  . ASN A 1 42  ? -6.284  -8.279  15.308  1.00 56.50  ? 42  ASN A CG  1 
ATOM   301  O  OD1 . ASN A 1 42  ? -5.793  -7.970  16.393  1.00 60.50  ? 42  ASN A OD1 1 
ATOM   302  N  ND2 . ASN A 1 42  ? -7.487  -7.846  14.935  1.00 59.10  ? 42  ASN A ND2 1 
ATOM   303  N  N   . PRO A 1 43  ? -1.977  -8.112  13.870  1.00 46.50  ? 43  PRO A N   1 
ATOM   304  C  CA  . PRO A 1 43  ? -0.617  -8.474  14.263  1.00 45.00  ? 43  PRO A CA  1 
ATOM   305  C  C   . PRO A 1 43  ? -0.363  -8.427  15.764  1.00 43.90  ? 43  PRO A C   1 
ATOM   306  O  O   . PRO A 1 43  ? -0.976  -7.643  16.493  1.00 44.80  ? 43  PRO A O   1 
ATOM   307  C  CB  . PRO A 1 43  ? 0.236   -7.512  13.470  1.00 44.80  ? 43  PRO A CB  1 
ATOM   308  C  CG  . PRO A 1 43  ? -0.606  -6.255  13.446  1.00 45.50  ? 43  PRO A CG  1 
ATOM   309  C  CD  . PRO A 1 43  ? -1.981  -6.829  13.159  1.00 45.70  ? 43  PRO A CD  1 
ATOM   310  N  N   . THR A 1 44  ? 0.529   -9.287  16.250  1.00 42.30  ? 44  THR A N   1 
ATOM   311  C  CA  . THR A 1 44  ? 0.865   -9.264  17.663  1.00 43.50  ? 44  THR A CA  1 
ATOM   312  C  C   . THR A 1 44  ? 2.032   -8.311  17.902  1.00 42.30  ? 44  THR A C   1 
ATOM   313  O  O   . THR A 1 44  ? 2.716   -7.921  16.957  1.00 40.60  ? 44  THR A O   1 
ATOM   314  C  CB  . THR A 1 44  ? 1.222   -10.688 18.149  1.00 44.60  ? 44  THR A CB  1 
ATOM   315  O  OG1 . THR A 1 44  ? 2.378   -11.095 17.442  1.00 46.00  ? 44  THR A OG1 1 
ATOM   316  C  CG2 . THR A 1 44  ? 0.084   -11.679 17.934  1.00 44.90  ? 44  THR A CG2 1 
ATOM   317  N  N   . GLU A 1 45  ? 2.268   -7.914  19.157  1.00 41.10  ? 45  GLU A N   1 
ATOM   318  C  CA  . GLU A 1 45  ? 3.367   -7.021  19.502  1.00 41.30  ? 45  GLU A CA  1 
ATOM   319  C  C   . GLU A 1 45  ? 4.740   -7.571  19.108  1.00 39.20  ? 45  GLU A C   1 
ATOM   320  O  O   . GLU A 1 45  ? 5.622   -6.817  18.706  1.00 38.50  ? 45  GLU A O   1 
ATOM   321  C  CB  . GLU A 1 45  ? 3.324   -6.737  21.014  1.00 44.90  ? 45  GLU A CB  1 
ATOM   322  C  CG  . GLU A 1 45  ? 3.770   -7.819  22.016  1.00 51.80  ? 45  GLU A CG  1 
ATOM   323  C  CD  . GLU A 1 45  ? 3.003   -9.145  22.004  1.00 57.20  ? 45  GLU A CD  1 
ATOM   324  O  OE1 . GLU A 1 45  ? 1.820   -9.164  22.351  1.00 60.10  ? 45  GLU A OE1 1 
ATOM   325  O  OE2 . GLU A 1 45  ? 3.599   -10.168 21.667  1.00 59.30  ? 45  GLU A OE2 1 
ATOM   326  N  N   . ALA A 1 46  ? 4.894   -8.901  19.180  1.00 37.20  ? 46  ALA A N   1 
ATOM   327  C  CA  . ALA A 1 46  ? 6.116   -9.603  18.837  1.00 35.20  ? 46  ALA A CA  1 
ATOM   328  C  C   . ALA A 1 46  ? 6.325   -9.673  17.336  1.00 34.30  ? 46  ALA A C   1 
ATOM   329  O  O   . ALA A 1 46  ? 7.462   -9.624  16.880  1.00 34.60  ? 46  ALA A O   1 
ATOM   330  C  CB  . ALA A 1 46  ? 6.077   -11.026 19.365  1.00 35.70  ? 46  ALA A CB  1 
ATOM   331  N  N   . GLU A 1 47  ? 5.248   -9.798  16.552  1.00 33.60  ? 47  GLU A N   1 
ATOM   332  C  CA  . GLU A 1 47  ? 5.342   -9.820  15.096  1.00 33.40  ? 47  GLU A CA  1 
ATOM   333  C  C   . GLU A 1 47  ? 5.664   -8.439  14.552  1.00 31.40  ? 47  GLU A C   1 
ATOM   334  O  O   . GLU A 1 47  ? 6.377   -8.311  13.561  1.00 30.60  ? 47  GLU A O   1 
ATOM   335  C  CB  . GLU A 1 47  ? 4.029   -10.293 14.473  1.00 36.60  ? 47  GLU A CB  1 
ATOM   336  C  CG  . GLU A 1 47  ? 3.749   -11.779 14.696  1.00 42.00  ? 47  GLU A CG  1 
ATOM   337  C  CD  . GLU A 1 47  ? 2.372   -12.276 14.257  1.00 45.30  ? 47  GLU A CD  1 
ATOM   338  O  OE1 . GLU A 1 47  ? 1.370   -11.593 14.470  1.00 44.10  ? 47  GLU A OE1 1 
ATOM   339  O  OE2 . GLU A 1 47  ? 2.306   -13.377 13.709  1.00 51.10  ? 47  GLU A OE2 1 
ATOM   340  N  N   . LEU A 1 48  ? 5.132   -7.407  15.223  1.00 30.60  ? 48  LEU A N   1 
ATOM   341  C  CA  . LEU A 1 48  ? 5.357   -6.017  14.862  1.00 31.30  ? 48  LEU A CA  1 
ATOM   342  C  C   . LEU A 1 48  ? 6.771   -5.583  15.188  1.00 34.00  ? 48  LEU A C   1 
ATOM   343  O  O   . LEU A 1 48  ? 7.378   -4.820  14.429  1.00 35.00  ? 48  LEU A O   1 
ATOM   344  C  CB  . LEU A 1 48  ? 4.372   -5.111  15.603  1.00 25.80  ? 48  LEU A CB  1 
ATOM   345  C  CG  . LEU A 1 48  ? 2.946   -5.073  15.059  1.00 24.60  ? 48  LEU A CG  1 
ATOM   346  C  CD1 . LEU A 1 48  ? 2.037   -4.408  16.070  1.00 22.20  ? 48  LEU A CD1 1 
ATOM   347  C  CD2 . LEU A 1 48  ? 2.924   -4.344  13.724  1.00 20.20  ? 48  LEU A CD2 1 
ATOM   348  N  N   . GLN A 1 49  ? 7.288   -6.102  16.314  1.00 34.90  ? 49  GLN A N   1 
ATOM   349  C  CA  . GLN A 1 49  ? 8.646   -5.813  16.739  1.00 37.20  ? 49  GLN A CA  1 
ATOM   350  C  C   . GLN A 1 49  ? 9.645   -6.525  15.831  1.00 35.90  ? 49  GLN A C   1 
ATOM   351  O  O   . GLN A 1 49  ? 10.668  -5.927  15.519  1.00 34.80  ? 49  GLN A O   1 
ATOM   352  C  CB  . GLN A 1 49  ? 8.839   -6.246  18.206  1.00 39.20  ? 49  GLN A CB  1 
ATOM   353  C  CG  . GLN A 1 49  ? 10.124  -5.753  18.883  1.00 43.90  ? 49  GLN A CG  1 
ATOM   354  C  CD  . GLN A 1 49  ? 10.325  -4.238  18.893  1.00 46.40  ? 49  GLN A CD  1 
ATOM   355  O  OE1 . GLN A 1 49  ? 9.849   -3.529  19.782  1.00 47.80  ? 49  GLN A OE1 1 
ATOM   356  N  NE2 . GLN A 1 49  ? 11.043  -3.695  17.909  1.00 47.90  ? 49  GLN A NE2 1 
ATOM   357  N  N   . ASP A 1 50  ? 9.377   -7.749  15.347  1.00 36.70  ? 50  ASP A N   1 
ATOM   358  C  CA  . ASP A 1 50  ? 10.277  -8.436  14.429  1.00 38.40  ? 50  ASP A CA  1 
ATOM   359  C  C   . ASP A 1 50  ? 10.304  -7.772  13.069  1.00 38.70  ? 50  ASP A C   1 
ATOM   360  O  O   . ASP A 1 50  ? 11.342  -7.755  12.422  1.00 38.50  ? 50  ASP A O   1 
ATOM   361  C  CB  . ASP A 1 50  ? 9.872   -9.891  14.209  1.00 42.90  ? 50  ASP A CB  1 
ATOM   362  C  CG  . ASP A 1 50  ? 9.910   -10.783 15.451  1.00 50.10  ? 50  ASP A CG  1 
ATOM   363  O  OD1 . ASP A 1 50  ? 10.769  -10.593 16.315  1.00 53.40  ? 50  ASP A OD1 1 
ATOM   364  O  OD2 . ASP A 1 50  ? 9.071   -11.682 15.553  1.00 53.20  ? 50  ASP A OD2 1 
ATOM   365  N  N   . MET A 1 51  ? 9.171   -7.202  12.652  1.00 40.10  ? 51  MET A N   1 
ATOM   366  C  CA  . MET A 1 51  ? 9.022   -6.524  11.372  1.00 43.30  ? 51  MET A CA  1 
ATOM   367  C  C   . MET A 1 51  ? 9.900   -5.291  11.277  1.00 42.00  ? 51  MET A C   1 
ATOM   368  O  O   . MET A 1 51  ? 10.499  -5.031  10.236  1.00 44.20  ? 51  MET A O   1 
ATOM   369  C  CB  . MET A 1 51  ? 7.568   -6.130  11.191  1.00 47.90  ? 51  MET A CB  1 
ATOM   370  C  CG  . MET A 1 51  ? 7.180   -5.642  9.804   1.00 54.40  ? 51  MET A CG  1 
ATOM   371  S  SD  . MET A 1 51  ? 5.388   -5.404  9.676   1.00 61.20  ? 51  MET A SD  1 
ATOM   372  C  CE  . MET A 1 51  ? 4.847   -7.092  9.753   1.00 55.90  ? 51  MET A CE  1 
ATOM   373  N  N   . ILE A 1 52  ? 9.955   -4.527  12.369  1.00 40.80  ? 52  ILE A N   1 
ATOM   374  C  CA  . ILE A 1 52  ? 10.843  -3.389  12.457  1.00 40.50  ? 52  ILE A CA  1 
ATOM   375  C  C   . ILE A 1 52  ? 12.273  -3.859  12.669  1.00 43.60  ? 52  ILE A C   1 
ATOM   376  O  O   . ILE A 1 52  ? 13.146  -3.327  11.999  1.00 44.30  ? 52  ILE A O   1 
ATOM   377  C  CB  . ILE A 1 52  ? 10.386  -2.461  13.607  1.00 38.10  ? 52  ILE A CB  1 
ATOM   378  C  CG1 . ILE A 1 52  ? 9.199   -1.683  13.061  1.00 37.30  ? 52  ILE A CG1 1 
ATOM   379  C  CG2 . ILE A 1 52  ? 11.496  -1.547  14.121  1.00 36.40  ? 52  ILE A CG2 1 
ATOM   380  C  CD1 . ILE A 1 52  ? 8.789   -0.426  13.844  1.00 38.50  ? 52  ILE A CD1 1 
ATOM   381  N  N   . ASN A 1 53  ? 12.554  -4.854  13.526  1.00 46.20  ? 53  ASN A N   1 
ATOM   382  C  CA  . ASN A 1 53  ? 13.916  -5.322  13.787  1.00 49.00  ? 53  ASN A CA  1 
ATOM   383  C  C   . ASN A 1 53  ? 14.647  -5.828  12.551  1.00 51.40  ? 53  ASN A C   1 
ATOM   384  O  O   . ASN A 1 53  ? 15.877  -5.784  12.502  1.00 52.00  ? 53  ASN A O   1 
ATOM   385  C  CB  . ASN A 1 53  ? 13.925  -6.450  14.843  1.00 49.10  ? 53  ASN A CB  1 
ATOM   386  C  CG  . ASN A 1 53  ? 13.667  -6.036  16.299  1.00 49.50  ? 53  ASN A CG  1 
ATOM   387  O  OD1 . ASN A 1 53  ? 13.162  -6.826  17.100  1.00 47.20  ? 53  ASN A OD1 1 
ATOM   388  N  ND2 . ASN A 1 53  ? 14.002  -4.813  16.716  1.00 48.90  ? 53  ASN A ND2 1 
ATOM   389  N  N   . GLU A 1 54  ? 13.878  -6.297  11.554  1.00 54.90  ? 54  GLU A N   1 
ATOM   390  C  CA  . GLU A 1 54  ? 14.397  -6.741  10.265  1.00 58.80  ? 54  GLU A CA  1 
ATOM   391  C  C   . GLU A 1 54  ? 14.888  -5.574  9.416   1.00 59.30  ? 54  GLU A C   1 
ATOM   392  O  O   . GLU A 1 54  ? 15.947  -5.645  8.790   1.00 61.80  ? 54  GLU A O   1 
ATOM   393  C  CB  . GLU A 1 54  ? 13.320  -7.464  9.471   1.00 62.40  ? 54  GLU A CB  1 
ATOM   394  C  CG  . GLU A 1 54  ? 12.980  -8.872  9.932   1.00 71.20  ? 54  GLU A CG  1 
ATOM   395  C  CD  . GLU A 1 54  ? 11.603  -9.356  9.479   1.00 76.50  ? 54  GLU A CD  1 
ATOM   396  O  OE1 . GLU A 1 54  ? 11.294  -9.288  8.286   1.00 79.10  ? 54  GLU A OE1 1 
ATOM   397  O  OE2 . GLU A 1 54  ? 10.833  -9.806  10.332  1.00 79.00  ? 54  GLU A OE2 1 
ATOM   398  N  N   . VAL A 1 55  ? 14.111  -4.485  9.415   1.00 58.00  ? 55  VAL A N   1 
ATOM   399  C  CA  . VAL A 1 55  ? 14.382  -3.298  8.609   1.00 57.10  ? 55  VAL A CA  1 
ATOM   400  C  C   . VAL A 1 55  ? 15.381  -2.326  9.244   1.00 55.70  ? 55  VAL A C   1 
ATOM   401  O  O   . VAL A 1 55  ? 16.134  -1.643  8.549   1.00 55.90  ? 55  VAL A O   1 
ATOM   402  C  CB  . VAL A 1 55  ? 13.025  -2.585  8.340   1.00 56.80  ? 55  VAL A CB  1 
ATOM   403  C  CG1 . VAL A 1 55  ? 13.180  -1.468  7.329   1.00 57.60  ? 55  VAL A CG1 1 
ATOM   404  C  CG2 . VAL A 1 55  ? 12.030  -3.579  7.777   1.00 58.60  ? 55  VAL A CG2 1 
ATOM   405  N  N   . ASP A 1 56  ? 15.411  -2.311  10.583  1.00 55.30  ? 56  ASP A N   1 
ATOM   406  C  CA  . ASP A 1 56  ? 16.165  -1.368  11.402  1.00 53.30  ? 56  ASP A CA  1 
ATOM   407  C  C   . ASP A 1 56  ? 17.676  -1.560  11.362  1.00 53.60  ? 56  ASP A C   1 
ATOM   408  O  O   . ASP A 1 56  ? 18.275  -2.385  12.055  1.00 54.10  ? 56  ASP A O   1 
ATOM   409  C  CB  . ASP A 1 56  ? 15.608  -1.499  12.826  1.00 50.20  ? 56  ASP A CB  1 
ATOM   410  C  CG  . ASP A 1 56  ? 15.866  -0.381  13.820  1.00 48.00  ? 56  ASP A CG  1 
ATOM   411  O  OD1 . ASP A 1 56  ? 16.155  0.740   13.426  1.00 44.70  ? 56  ASP A OD1 1 
ATOM   412  O  OD2 . ASP A 1 56  ? 15.754  -0.643  15.013  1.00 48.30  ? 56  ASP A OD2 1 
ATOM   413  N  N   . ALA A 1 57  ? 18.272  -0.767  10.471  1.00 53.30  ? 57  ALA A N   1 
ATOM   414  C  CA  . ALA A 1 57  ? 19.709  -0.757  10.272  1.00 52.40  ? 57  ALA A CA  1 
ATOM   415  C  C   . ALA A 1 57  ? 20.437  -0.008  11.384  1.00 51.80  ? 57  ALA A C   1 
ATOM   416  O  O   . ALA A 1 57  ? 21.352  -0.573  11.986  1.00 51.30  ? 57  ALA A O   1 
ATOM   417  C  CB  . ALA A 1 57  ? 20.030  -0.102  8.933   1.00 51.70  ? 57  ALA A CB  1 
ATOM   418  N  N   . ASP A 1 58  ? 20.030  1.229   11.716  1.00 51.70  ? 58  ASP A N   1 
ATOM   419  C  CA  . ASP A 1 58  ? 20.714  2.003   12.742  1.00 51.20  ? 58  ASP A CA  1 
ATOM   420  C  C   . ASP A 1 58  ? 20.324  1.724   14.186  1.00 51.30  ? 58  ASP A C   1 
ATOM   421  O  O   . ASP A 1 58  ? 20.870  2.351   15.093  1.00 53.80  ? 58  ASP A O   1 
ATOM   422  C  CB  . ASP A 1 58  ? 20.540  3.504   12.478  1.00 53.30  ? 58  ASP A CB  1 
ATOM   423  C  CG  . ASP A 1 58  ? 19.139  4.081   12.618  1.00 55.10  ? 58  ASP A CG  1 
ATOM   424  O  OD1 . ASP A 1 58  ? 18.752  4.453   13.724  1.00 55.40  ? 58  ASP A OD1 1 
ATOM   425  O  OD2 . ASP A 1 58  ? 18.448  4.186   11.610  1.00 61.30  ? 58  ASP A OD2 1 
ATOM   426  N  N   . GLY A 1 59  ? 19.350  0.842   14.423  1.00 50.30  ? 59  GLY A N   1 
ATOM   427  C  CA  . GLY A 1 59  ? 18.981  0.426   15.770  1.00 47.30  ? 59  GLY A CA  1 
ATOM   428  C  C   . GLY A 1 59  ? 18.251  1.420   16.670  1.00 45.70  ? 59  GLY A C   1 
ATOM   429  O  O   . GLY A 1 59  ? 18.323  1.220   17.881  1.00 46.70  ? 59  GLY A O   1 
ATOM   430  N  N   . ASN A 1 60  ? 17.555  2.482   16.227  1.00 44.60  ? 60  ASN A N   1 
ATOM   431  C  CA  . ASN A 1 60  ? 16.831  3.320   17.183  1.00 43.60  ? 60  ASN A CA  1 
ATOM   432  C  C   . ASN A 1 60  ? 15.401  2.834   17.455  1.00 43.50  ? 60  ASN A C   1 
ATOM   433  O  O   . ASN A 1 60  ? 14.632  3.466   18.187  1.00 43.40  ? 60  ASN A O   1 
ATOM   434  C  CB  . ASN A 1 60  ? 16.803  4.792   16.698  1.00 42.70  ? 60  ASN A CB  1 
ATOM   435  C  CG  . ASN A 1 60  ? 15.979  5.131   15.465  1.00 40.40  ? 60  ASN A CG  1 
ATOM   436  O  OD1 . ASN A 1 60  ? 15.554  4.259   14.718  1.00 40.10  ? 60  ASN A OD1 1 
ATOM   437  N  ND2 . ASN A 1 60  ? 15.732  6.414   15.215  1.00 37.40  ? 60  ASN A ND2 1 
ATOM   438  N  N   . GLY A 1 61  ? 15.039  1.693   16.856  1.00 43.00  ? 61  GLY A N   1 
ATOM   439  C  CA  . GLY A 1 61  ? 13.741  1.073   17.080  1.00 44.50  ? 61  GLY A CA  1 
ATOM   440  C  C   . GLY A 1 61  ? 12.649  1.447   16.083  1.00 43.50  ? 61  GLY A C   1 
ATOM   441  O  O   . GLY A 1 61  ? 11.578  0.832   16.109  1.00 43.20  ? 61  GLY A O   1 
ATOM   442  N  N   . THR A 1 62  ? 12.881  2.461   15.227  1.00 41.00  ? 62  THR A N   1 
ATOM   443  C  CA  . THR A 1 62  ? 11.907  2.892   14.226  1.00 37.90  ? 62  THR A CA  1 
ATOM   444  C  C   . THR A 1 62  ? 12.425  2.745   12.799  1.00 36.20  ? 62  THR A C   1 
ATOM   445  O  O   . THR A 1 62  ? 13.560  2.340   12.567  1.00 35.60  ? 62  THR A O   1 
ATOM   446  C  CB  . THR A 1 62  ? 11.493  4.369   14.460  1.00 37.90  ? 62  THR A CB  1 
ATOM   447  O  OG1 . THR A 1 62  ? 12.664  5.170   14.369  1.00 38.60  ? 62  THR A OG1 1 
ATOM   448  C  CG2 . THR A 1 62  ? 10.792  4.555   15.794  1.00 35.70  ? 62  THR A CG2 1 
ATOM   449  N  N   . ILE A 1 63  ? 11.576  3.020   11.810  1.00 33.50  ? 63  ILE A N   1 
ATOM   450  C  CA  . ILE A 1 63  ? 11.971  2.917   10.418  1.00 32.10  ? 63  ILE A CA  1 
ATOM   451  C  C   . ILE A 1 63  ? 11.857  4.301   9.807   1.00 31.40  ? 63  ILE A C   1 
ATOM   452  O  O   . ILE A 1 63  ? 10.773  4.865   9.722   1.00 31.00  ? 63  ILE A O   1 
ATOM   453  C  CB  . ILE A 1 63  ? 11.048  1.923   9.671   1.00 32.30  ? 63  ILE A CB  1 
ATOM   454  C  CG1 . ILE A 1 63  ? 11.213  0.540   10.257  1.00 35.00  ? 63  ILE A CG1 1 
ATOM   455  C  CG2 . ILE A 1 63  ? 11.389  1.874   8.190   1.00 28.80  ? 63  ILE A CG2 1 
ATOM   456  C  CD1 . ILE A 1 63  ? 10.132  -0.428  9.727   1.00 39.60  ? 63  ILE A CD1 1 
ATOM   457  N  N   . ASP A 1 64  ? 12.985  4.900   9.422   1.00 31.00  ? 64  ASP A N   1 
ATOM   458  C  CA  . ASP A 1 64  ? 12.959  6.149   8.672   1.00 27.30  ? 64  ASP A CA  1 
ATOM   459  C  C   . ASP A 1 64  ? 12.815  5.806   7.189   1.00 24.30  ? 64  ASP A C   1 
ATOM   460  O  O   . ASP A 1 64  ? 12.792  4.623   6.828   1.00 21.80  ? 64  ASP A O   1 
ATOM   461  C  CB  . ASP A 1 64  ? 14.261  6.966   8.931   1.00 27.80  ? 64  ASP A CB  1 
ATOM   462  C  CG  . ASP A 1 64  ? 15.627  6.313   8.695   1.00 28.30  ? 64  ASP A CG  1 
ATOM   463  O  OD1 . ASP A 1 64  ? 15.791  5.492   7.791   1.00 29.60  ? 64  ASP A OD1 1 
ATOM   464  O  OD2 . ASP A 1 64  ? 16.556  6.651   9.425   1.00 33.90  ? 64  ASP A OD2 1 
ATOM   465  N  N   . PHE A 1 65  ? 12.753  6.794   6.289   1.00 24.70  ? 65  PHE A N   1 
ATOM   466  C  CA  . PHE A 1 65  ? 12.595  6.495   4.873   1.00 26.30  ? 65  PHE A CA  1 
ATOM   467  C  C   . PHE A 1 65  ? 13.792  5.818   4.196   1.00 25.70  ? 65  PHE A C   1 
ATOM   468  O  O   . PHE A 1 65  ? 13.515  4.925   3.395   1.00 24.70  ? 65  PHE A O   1 
ATOM   469  C  CB  . PHE A 1 65  ? 12.199  7.810   4.149   1.00 30.60  ? 65  PHE A CB  1 
ATOM   470  C  CG  . PHE A 1 65  ? 11.862  7.633   2.670   1.00 33.80  ? 65  PHE A CG  1 
ATOM   471  C  CD1 . PHE A 1 65  ? 11.027  6.588   2.250   1.00 32.80  ? 65  PHE A CD1 1 
ATOM   472  C  CD2 . PHE A 1 65  ? 12.442  8.491   1.729   1.00 33.50  ? 65  PHE A CD2 1 
ATOM   473  C  CE1 . PHE A 1 65  ? 10.788  6.404   0.893   1.00 35.20  ? 65  PHE A CE1 1 
ATOM   474  C  CE2 . PHE A 1 65  ? 12.192  8.295   0.372   1.00 35.10  ? 65  PHE A CE2 1 
ATOM   475  C  CZ  . PHE A 1 65  ? 11.369  7.253   -0.048  1.00 35.40  ? 65  PHE A CZ  1 
ATOM   476  N  N   . PRO A 1 66  ? 15.096  6.093   4.426   1.00 26.60  ? 66  PRO A N   1 
ATOM   477  C  CA  . PRO A 1 66  ? 16.203  5.256   3.960   1.00 25.90  ? 66  PRO A CA  1 
ATOM   478  C  C   . PRO A 1 66  ? 16.089  3.772   4.290   1.00 25.20  ? 66  PRO A C   1 
ATOM   479  O  O   . PRO A 1 66  ? 16.364  2.937   3.433   1.00 26.90  ? 66  PRO A O   1 
ATOM   480  C  CB  . PRO A 1 66  ? 17.422  5.922   4.566   1.00 24.50  ? 66  PRO A CB  1 
ATOM   481  C  CG  . PRO A 1 66  ? 17.069  7.373   4.402   1.00 23.80  ? 66  PRO A CG  1 
ATOM   482  C  CD  . PRO A 1 66  ? 15.631  7.374   4.901   1.00 27.50  ? 66  PRO A CD  1 
ATOM   483  N  N   . GLU A 1 67  ? 15.640  3.399   5.492   1.00 26.20  ? 67  GLU A N   1 
ATOM   484  C  CA  . GLU A 1 67  ? 15.497  1.987   5.847   1.00 26.50  ? 67  GLU A CA  1 
ATOM   485  C  C   . GLU A 1 67  ? 14.360  1.295   5.122   1.00 25.70  ? 67  GLU A C   1 
ATOM   486  O  O   . GLU A 1 67  ? 14.509  0.153   4.690   1.00 24.80  ? 67  GLU A O   1 
ATOM   487  C  CB  . GLU A 1 67  ? 15.261  1.846   7.317   1.00 26.60  ? 67  GLU A CB  1 
ATOM   488  C  CG  . GLU A 1 67  ? 16.473  2.289   8.088   1.00 26.70  ? 67  GLU A CG  1 
ATOM   489  C  CD  . GLU A 1 67  ? 16.193  2.362   9.564   1.00 28.00  ? 67  GLU A CD  1 
ATOM   490  O  OE1 . GLU A 1 67  ? 15.177  2.936   9.946   1.00 26.00  ? 67  GLU A OE1 1 
ATOM   491  O  OE2 . GLU A 1 67  ? 16.999  1.850   10.333  1.00 31.20  ? 67  GLU A OE2 1 
ATOM   492  N  N   . PHE A 1 68  ? 13.234  2.013   4.987   1.00 28.70  ? 68  PHE A N   1 
ATOM   493  C  CA  . PHE A 1 68  ? 12.050  1.558   4.254   1.00 30.10  ? 68  PHE A CA  1 
ATOM   494  C  C   . PHE A 1 68  ? 12.420  1.274   2.803   1.00 30.60  ? 68  PHE A C   1 
ATOM   495  O  O   . PHE A 1 68  ? 11.950  0.312   2.200   1.00 32.80  ? 68  PHE A O   1 
ATOM   496  C  CB  . PHE A 1 68  ? 10.973  2.648   4.321   1.00 32.30  ? 68  PHE A CB  1 
ATOM   497  C  CG  . PHE A 1 68  ? 9.603   2.276   3.754   1.00 36.30  ? 68  PHE A CG  1 
ATOM   498  C  CD1 . PHE A 1 68  ? 9.311   2.486   2.400   1.00 36.70  ? 68  PHE A CD1 1 
ATOM   499  C  CD2 . PHE A 1 68  ? 8.630   1.732   4.599   1.00 37.00  ? 68  PHE A CD2 1 
ATOM   500  C  CE1 . PHE A 1 68  ? 8.051   2.147   1.900   1.00 36.90  ? 68  PHE A CE1 1 
ATOM   501  C  CE2 . PHE A 1 68  ? 7.373   1.398   4.089   1.00 35.60  ? 68  PHE A CE2 1 
ATOM   502  C  CZ  . PHE A 1 68  ? 7.084   1.606   2.744   1.00 35.40  ? 68  PHE A CZ  1 
ATOM   503  N  N   . LEU A 1 69  ? 13.303  2.123   2.267   1.00 30.80  ? 69  LEU A N   1 
ATOM   504  C  CA  . LEU A 1 69  ? 13.804  2.036   0.911   1.00 30.60  ? 69  LEU A CA  1 
ATOM   505  C  C   . LEU A 1 69  ? 14.642  0.777   0.729   1.00 31.80  ? 69  LEU A C   1 
ATOM   506  O  O   . LEU A 1 69  ? 14.558  0.125   -0.311  1.00 32.90  ? 69  LEU A O   1 
ATOM   507  C  CB  . LEU A 1 69  ? 14.604  3.302   0.667   1.00 32.00  ? 69  LEU A CB  1 
ATOM   508  C  CG  . LEU A 1 69  ? 14.685  3.967   -0.687  1.00 35.40  ? 69  LEU A CG  1 
ATOM   509  C  CD1 . LEU A 1 69  ? 13.305  4.357   -1.180  1.00 37.70  ? 69  LEU A CD1 1 
ATOM   510  C  CD2 . LEU A 1 69  ? 15.517  5.225   -0.554  1.00 34.50  ? 69  LEU A CD2 1 
ATOM   511  N  N   . THR A 1 70  ? 15.411  0.383   1.754   1.00 34.10  ? 70  THR A N   1 
ATOM   512  C  CA  . THR A 1 70  ? 16.252  -0.813  1.704   1.00 36.60  ? 70  THR A CA  1 
ATOM   513  C  C   . THR A 1 70  ? 15.404  -2.081  1.709   1.00 39.10  ? 70  THR A C   1 
ATOM   514  O  O   . THR A 1 70  ? 15.700  -3.048  1.005   1.00 38.70  ? 70  THR A O   1 
ATOM   515  C  CB  . THR A 1 70  ? 17.202  -0.851  2.910   1.00 35.60  ? 70  THR A CB  1 
ATOM   516  O  OG1 . THR A 1 70  ? 17.796  0.432   3.003   1.00 37.90  ? 70  THR A OG1 1 
ATOM   517  C  CG2 . THR A 1 70  ? 18.282  -1.913  2.773   1.00 34.50  ? 70  THR A CG2 1 
ATOM   518  N  N   . MET A 1 71  ? 14.349  -2.050  2.534   1.00 42.90  ? 71  MET A N   1 
ATOM   519  C  CA  . MET A 1 71  ? 13.369  -3.118  2.652   1.00 48.20  ? 71  MET A CA  1 
ATOM   520  C  C   . MET A 1 71  ? 12.731  -3.414  1.302   1.00 51.60  ? 71  MET A C   1 
ATOM   521  O  O   . MET A 1 71  ? 12.709  -4.561  0.863   1.00 52.30  ? 71  MET A O   1 
ATOM   522  C  CB  . MET A 1 71  ? 12.304  -2.689  3.669   1.00 50.10  ? 71  MET A CB  1 
ATOM   523  C  CG  . MET A 1 71  ? 10.950  -3.413  3.663   1.00 52.30  ? 71  MET A CG  1 
ATOM   524  S  SD  . MET A 1 71  ? 9.776   -2.666  4.823   1.00 55.00  ? 71  MET A SD  1 
ATOM   525  C  CE  . MET A 1 71  ? 9.147   -4.110  5.634   1.00 56.80  ? 71  MET A CE  1 
ATOM   526  N  N   . MET A 1 72  ? 12.259  -2.359  0.626   1.00 55.00  ? 72  MET A N   1 
ATOM   527  C  CA  . MET A 1 72  ? 11.572  -2.493  -0.646  1.00 58.90  ? 72  MET A CA  1 
ATOM   528  C  C   . MET A 1 72  ? 12.438  -2.990  -1.794  1.00 64.50  ? 72  MET A C   1 
ATOM   529  O  O   . MET A 1 72  ? 11.949  -3.671  -2.696  1.00 64.50  ? 72  MET A O   1 
ATOM   530  C  CB  . MET A 1 72  ? 10.962  -1.153  -1.013  1.00 55.70  ? 72  MET A CB  1 
ATOM   531  C  CG  . MET A 1 72  ? 9.892   -0.665  -0.047  1.00 52.50  ? 72  MET A CG  1 
ATOM   532  S  SD  . MET A 1 72  ? 8.648   -1.930  0.302   1.00 50.80  ? 72  MET A SD  1 
ATOM   533  C  CE  . MET A 1 72  ? 7.670   -1.802  -1.165  1.00 49.80  ? 72  MET A CE  1 
ATOM   534  N  N   . ALA A 1 73  ? 13.735  -2.667  -1.746  1.00 72.40  ? 73  ALA A N   1 
ATOM   535  C  CA  . ALA A 1 73  ? 14.693  -3.115  -2.745  1.00 81.20  ? 73  ALA A CA  1 
ATOM   536  C  C   . ALA A 1 73  ? 14.997  -4.610  -2.617  1.00 87.80  ? 73  ALA A C   1 
ATOM   537  O  O   . ALA A 1 73  ? 14.917  -5.358  -3.594  1.00 88.70  ? 73  ALA A O   1 
ATOM   538  C  CB  . ALA A 1 73  ? 15.983  -2.324  -2.588  1.00 80.40  ? 73  ALA A CB  1 
ATOM   539  N  N   . ARG A 1 74  ? 15.342  -5.065  -1.406  1.00 95.70  ? 74  ARG A N   1 
ATOM   540  C  CA  . ARG A 1 74  ? 15.558  -6.477  -1.142  1.00 104.10 ? 74  ARG A CA  1 
ATOM   541  C  C   . ARG A 1 74  ? 14.265  -6.894  -0.448  1.00 109.30 ? 74  ARG A C   1 
ATOM   542  O  O   . ARG A 1 74  ? 14.163  -6.979  0.779   1.00 110.30 ? 74  ARG A O   1 
ATOM   543  C  CB  . ARG A 1 74  ? 16.778  -6.639  -0.234  1.00 105.90 ? 74  ARG A CB  1 
ATOM   544  C  CG  . ARG A 1 74  ? 17.268  -8.069  -0.004  1.00 108.90 ? 74  ARG A CG  1 
ATOM   545  C  CD  . ARG A 1 74  ? 17.849  -8.711  -1.264  1.00 111.20 ? 74  ARG A CD  1 
ATOM   546  N  NE  . ARG A 1 74  ? 18.464  -9.992  -0.939  1.00 112.50 ? 74  ARG A NE  1 
ATOM   547  C  CZ  . ARG A 1 74  ? 19.145  -10.724 -1.828  1.00 113.10 ? 74  ARG A CZ  1 
ATOM   548  N  NH1 . ARG A 1 74  ? 19.313  -10.337 -3.094  1.00 113.40 ? 74  ARG A NH1 1 
ATOM   549  N  NH2 . ARG A 1 74  ? 19.689  -11.872 -1.430  1.00 113.30 ? 74  ARG A NH2 1 
ATOM   550  N  N   . LYS A 1 75  ? 13.262  -7.109  -1.313  1.00 115.50 ? 75  LYS A N   1 
ATOM   551  C  CA  . LYS A 1 75  ? 11.882  -7.406  -0.939  1.00 121.80 ? 75  LYS A CA  1 
ATOM   552  C  C   . LYS A 1 75  ? 11.646  -8.568  0.033   1.00 126.20 ? 75  LYS A C   1 
ATOM   553  O  O   . LYS A 1 75  ? 12.379  -9.562  0.051   1.00 127.00 ? 75  LYS A O   1 
ATOM   554  C  CB  . LYS A 1 75  ? 11.102  -7.624  -2.247  1.00 121.30 ? 75  LYS A CB  1 
ATOM   555  C  CG  . LYS A 1 75  ? 9.580   -7.659  -2.140  1.00 121.60 ? 75  LYS A CG  1 
ATOM   556  C  CD  . LYS A 1 75  ? 9.024   -6.316  -1.667  1.00 122.00 ? 75  LYS A CD  1 
ATOM   557  C  CE  . LYS A 1 75  ? 7.531   -6.405  -1.368  1.00 122.00 ? 75  LYS A CE  1 
ATOM   558  N  NZ  . LYS A 1 75  ? 7.270   -7.269  -0.231  1.00 121.00 ? 75  LYS A NZ  1 
ATOM   559  N  N   . MET A 1 76  ? 10.598  -8.404  0.859   1.00 131.00 ? 76  MET A N   1 
ATOM   560  C  CA  . MET A 1 76  ? 10.213  -9.380  1.874   1.00 135.30 ? 76  MET A CA  1 
ATOM   561  C  C   . MET A 1 76  ? 9.617   -10.657 1.283   1.00 137.00 ? 76  MET A C   1 
ATOM   562  O  O   . MET A 1 76  ? 8.773   -10.632 0.381   1.00 137.60 ? 76  MET A O   1 
ATOM   563  C  CB  . MET A 1 76  ? 9.201   -8.740  2.828   1.00 137.00 ? 76  MET A CB  1 
ATOM   564  C  CG  . MET A 1 76  ? 9.301   -9.169  4.298   1.00 139.20 ? 76  MET A CG  1 
ATOM   565  S  SD  . MET A 1 76  ? 9.096   -10.937 4.654   1.00 141.10 ? 76  MET A SD  1 
ATOM   566  C  CE  . MET A 1 76  ? 10.708  -11.329 5.279   1.00 139.70 ? 76  MET A CE  1 
ATOM   567  N  N   . LYS A 1 77  ? 10.085  -11.784 1.835   1.00 138.40 ? 77  LYS A N   1 
ATOM   568  C  CA  . LYS A 1 77  ? 9.694   -13.115 1.394   1.00 139.60 ? 77  LYS A CA  1 
ATOM   569  C  C   . LYS A 1 77  ? 8.352   -13.661 1.867   1.00 140.20 ? 77  LYS A C   1 
ATOM   570  O  O   . LYS A 1 77  ? 7.844   -13.364 2.952   1.00 139.80 ? 77  LYS A O   1 
ATOM   571  N  N   . ASP A 1 78  ? 7.802   -14.493 0.977   1.00 140.90 ? 78  ASP A N   1 
ATOM   572  C  CA  . ASP A 1 78  ? 6.542   -15.172 1.215   1.00 141.20 ? 78  ASP A CA  1 
ATOM   573  C  C   . ASP A 1 78  ? 6.727   -16.457 2.008   1.00 141.50 ? 78  ASP A C   1 
ATOM   574  O  O   . ASP A 1 78  ? 7.619   -17.269 1.743   1.00 141.80 ? 78  ASP A O   1 
ATOM   575  C  CB  . ASP A 1 78  ? 5.860   -15.479 -0.127  1.00 141.10 ? 78  ASP A CB  1 
ATOM   576  C  CG  . ASP A 1 78  ? 6.634   -16.349 -1.115  1.00 141.00 ? 78  ASP A CG  1 
ATOM   577  O  OD1 . ASP A 1 78  ? 7.472   -15.817 -1.843  1.00 140.80 ? 78  ASP A OD1 1 
ATOM   578  O  OD2 . ASP A 1 78  ? 6.390   -17.555 -1.160  1.00 140.80 ? 78  ASP A OD2 1 
ATOM   579  N  N   . THR A 1 79  ? 5.882   -16.611 3.027   1.00 141.60 ? 79  THR A N   1 
ATOM   580  C  CA  . THR A 1 79  ? 5.887   -17.806 3.861   1.00 141.10 ? 79  THR A CA  1 
ATOM   581  C  C   . THR A 1 79  ? 4.849   -18.805 3.369   1.00 139.60 ? 79  THR A C   1 
ATOM   582  O  O   . THR A 1 79  ? 5.111   -20.004 3.255   1.00 139.10 ? 79  THR A O   1 
ATOM   583  C  CB  . THR A 1 79  ? 5.607   -17.426 5.337   1.00 142.10 ? 79  THR A CB  1 
ATOM   584  O  OG1 . THR A 1 79  ? 4.436   -16.613 5.358   1.00 143.20 ? 79  THR A OG1 1 
ATOM   585  C  CG2 . THR A 1 79  ? 6.796   -16.719 5.977   1.00 142.50 ? 79  THR A CG2 1 
ATOM   586  N  N   . ASP A 1 80  ? 3.661   -18.266 3.069   1.00 138.10 ? 80  ASP A N   1 
ATOM   587  C  CA  . ASP A 1 80  ? 2.538   -19.029 2.548   1.00 135.80 ? 80  ASP A CA  1 
ATOM   588  C  C   . ASP A 1 80  ? 1.783   -18.188 1.520   1.00 134.00 ? 80  ASP A C   1 
ATOM   589  O  O   . ASP A 1 80  ? 1.207   -18.719 0.571   1.00 134.10 ? 80  ASP A O   1 
ATOM   590  C  CB  . ASP A 1 80  ? 1.601   -19.435 3.707   1.00 135.10 ? 80  ASP A CB  1 
ATOM   591  C  CG  . ASP A 1 80  ? 0.777   -18.329 4.364   1.00 134.40 ? 80  ASP A CG  1 
ATOM   592  O  OD1 . ASP A 1 80  ? 1.340   -17.317 4.785   1.00 134.30 ? 80  ASP A OD1 1 
ATOM   593  O  OD2 . ASP A 1 80  ? -0.440  -18.486 4.446   1.00 133.80 ? 80  ASP A OD2 1 
ATOM   594  N  N   . SER A 1 81  ? 1.798   -16.860 1.706   1.00 131.70 ? 81  SER A N   1 
ATOM   595  C  CA  . SER A 1 81  ? 1.125   -15.932 0.813   1.00 129.10 ? 81  SER A CA  1 
ATOM   596  C  C   . SER A 1 81  ? 2.071   -15.402 -0.261  1.00 126.90 ? 81  SER A C   1 
ATOM   597  O  O   . SER A 1 81  ? 2.744   -14.381 -0.095  1.00 126.90 ? 81  SER A O   1 
ATOM   598  C  CB  . SER A 1 81  ? 0.554   -14.777 1.638   1.00 129.40 ? 81  SER A CB  1 
ATOM   599  O  OG  . SER A 1 81  ? -0.389  -15.220 2.603   1.00 129.50 ? 81  SER A OG  1 
ATOM   600  N  N   . GLU A 1 82  ? 2.135   -16.146 -1.374  1.00 124.30 ? 82  GLU A N   1 
ATOM   601  C  CA  . GLU A 1 82  ? 2.958   -15.787 -2.532  1.00 121.10 ? 82  GLU A CA  1 
ATOM   602  C  C   . GLU A 1 82  ? 2.281   -14.794 -3.476  1.00 117.30 ? 82  GLU A C   1 
ATOM   603  O  O   . GLU A 1 82  ? 2.938   -14.063 -4.225  1.00 116.80 ? 82  GLU A O   1 
ATOM   604  C  CB  . GLU A 1 82  ? 3.344   -17.054 -3.330  1.00 123.00 ? 82  GLU A CB  1 
ATOM   605  C  CG  . GLU A 1 82  ? 2.274   -17.831 -4.120  1.00 124.60 ? 82  GLU A CG  1 
ATOM   606  C  CD  . GLU A 1 82  ? 1.150   -18.444 -3.292  1.00 125.90 ? 82  GLU A CD  1 
ATOM   607  O  OE1 . GLU A 1 82  ? 1.413   -19.356 -2.507  1.00 126.40 ? 82  GLU A OE1 1 
ATOM   608  O  OE2 . GLU A 1 82  ? 0.010   -17.999 -3.430  1.00 126.80 ? 82  GLU A OE2 1 
ATOM   609  N  N   . GLU A 1 83  ? 0.940   -14.796 -3.427  1.00 112.10 ? 83  GLU A N   1 
ATOM   610  C  CA  . GLU A 1 83  ? 0.126   -13.903 -4.225  1.00 105.50 ? 83  GLU A CA  1 
ATOM   611  C  C   . GLU A 1 83  ? -0.507  -12.837 -3.345  1.00 100.00 ? 83  GLU A C   1 
ATOM   612  O  O   . GLU A 1 83  ? -1.686  -12.885 -2.983  1.00 100.50 ? 83  GLU A O   1 
ATOM   613  C  CB  . GLU A 1 83  ? -0.955  -14.711 -4.944  1.00 107.30 ? 83  GLU A CB  1 
ATOM   614  C  CG  . GLU A 1 83  ? -0.945  -14.498 -6.453  1.00 109.70 ? 83  GLU A CG  1 
ATOM   615  C  CD  . GLU A 1 83  ? 0.342   -14.953 -7.132  1.00 111.50 ? 83  GLU A CD  1 
ATOM   616  O  OE1 . GLU A 1 83  ? 0.582   -16.161 -7.202  1.00 112.90 ? 83  GLU A OE1 1 
ATOM   617  O  OE2 . GLU A 1 83  ? 1.105   -14.099 -7.586  1.00 112.10 ? 83  GLU A OE2 1 
ATOM   618  N  N   . GLU A 1 84  ? 0.339   -11.866 -2.980  1.00 92.80  ? 84  GLU A N   1 
ATOM   619  C  CA  . GLU A 1 84  ? -0.088  -10.698 -2.216  1.00 84.50  ? 84  GLU A CA  1 
ATOM   620  C  C   . GLU A 1 84  ? -0.936  -9.768  -3.074  1.00 77.20  ? 84  GLU A C   1 
ATOM   621  O  O   . GLU A 1 84  ? -1.614  -8.888  -2.545  1.00 77.00  ? 84  GLU A O   1 
ATOM   622  C  CB  . GLU A 1 84  ? 1.108   -9.898  -1.709  1.00 86.00  ? 84  GLU A CB  1 
ATOM   623  C  CG  . GLU A 1 84  ? 1.937   -10.556 -0.618  1.00 87.70  ? 84  GLU A CG  1 
ATOM   624  C  CD  . GLU A 1 84  ? 3.202   -9.770  -0.297  1.00 88.20  ? 84  GLU A CD  1 
ATOM   625  O  OE1 . GLU A 1 84  ? 3.117   -8.775  0.420   1.00 88.30  ? 84  GLU A OE1 1 
ATOM   626  O  OE2 . GLU A 1 84  ? 4.271   -10.154 -0.770  1.00 88.60  ? 84  GLU A OE2 1 
ATOM   627  N  N   . ILE A 1 85  ? -0.895  -9.964  -4.401  1.00 68.20  ? 85  ILE A N   1 
ATOM   628  C  CA  . ILE A 1 85  ? -1.669  -9.180  -5.349  1.00 60.50  ? 85  ILE A CA  1 
ATOM   629  C  C   . ILE A 1 85  ? -3.144  -9.507  -5.163  1.00 55.10  ? 85  ILE A C   1 
ATOM   630  O  O   . ILE A 1 85  ? -3.951  -8.588  -5.088  1.00 54.40  ? 85  ILE A O   1 
ATOM   631  C  CB  . ILE A 1 85  ? -1.247  -9.498  -6.808  1.00 60.10  ? 85  ILE A CB  1 
ATOM   632  C  CG1 . ILE A 1 85  ? 0.266   -9.442  -7.015  1.00 59.10  ? 85  ILE A CG1 1 
ATOM   633  C  CG2 . ILE A 1 85  ? -1.916  -8.472  -7.708  1.00 58.70  ? 85  ILE A CG2 1 
ATOM   634  C  CD1 . ILE A 1 85  ? 0.949   -8.087  -6.734  1.00 61.00  ? 85  ILE A CD1 1 
ATOM   635  N  N   . ARG A 1 86  ? -3.517  -10.789 -5.060  1.00 49.30  ? 86  ARG A N   1 
ATOM   636  C  CA  . ARG A 1 86  ? -4.903  -11.186 -4.849  1.00 44.50  ? 86  ARG A CA  1 
ATOM   637  C  C   . ARG A 1 86  ? -5.424  -10.763 -3.477  1.00 40.60  ? 86  ARG A C   1 
ATOM   638  O  O   . ARG A 1 86  ? -6.561  -10.306 -3.372  1.00 39.90  ? 86  ARG A O   1 
ATOM   639  C  CB  . ARG A 1 86  ? -4.994  -12.712 -5.043  1.00 46.00  ? 86  ARG A CB  1 
ATOM   640  C  CG  . ARG A 1 86  ? -6.330  -13.401 -4.742  1.00 46.20  ? 86  ARG A CG  1 
ATOM   641  C  CD  . ARG A 1 86  ? -7.495  -12.989 -5.639  1.00 46.00  ? 86  ARG A CD  1 
ATOM   642  N  NE  . ARG A 1 86  ? -7.423  -13.559 -6.977  1.00 45.20  ? 86  ARG A NE  1 
ATOM   643  C  CZ  . ARG A 1 86  ? -8.363  -13.315 -7.897  1.00 42.80  ? 86  ARG A CZ  1 
ATOM   644  N  NH1 . ARG A 1 86  ? -9.400  -12.511 -7.648  1.00 42.10  ? 86  ARG A NH1 1 
ATOM   645  N  NH2 . ARG A 1 86  ? -8.247  -13.864 -9.100  1.00 39.30  ? 86  ARG A NH2 1 
ATOM   646  N  N   . GLU A 1 87  ? -4.596  -10.867 -2.429  1.00 36.60  ? 87  GLU A N   1 
ATOM   647  C  CA  . GLU A 1 87  ? -4.945  -10.450 -1.073  1.00 33.30  ? 87  GLU A CA  1 
ATOM   648  C  C   . GLU A 1 87  ? -5.256  -8.961  -0.992  1.00 29.70  ? 87  GLU A C   1 
ATOM   649  O  O   . GLU A 1 87  ? -6.224  -8.536  -0.362  1.00 26.50  ? 87  GLU A O   1 
ATOM   650  C  CB  . GLU A 1 87  ? -3.792  -10.748 -0.119  1.00 37.50  ? 87  GLU A CB  1 
ATOM   651  C  CG  . GLU A 1 87  ? -3.391  -12.211 0.012   1.00 43.30  ? 87  GLU A CG  1 
ATOM   652  C  CD  . GLU A 1 87  ? -4.205  -13.004 1.025   1.00 48.60  ? 87  GLU A CD  1 
ATOM   653  O  OE1 . GLU A 1 87  ? -5.409  -13.168 0.826   1.00 48.60  ? 87  GLU A OE1 1 
ATOM   654  O  OE2 . GLU A 1 87  ? -3.623  -13.455 2.013   1.00 50.20  ? 87  GLU A OE2 1 
ATOM   655  N  N   . ALA A 1 88  ? -4.402  -8.171  -1.657  1.00 26.50  ? 88  ALA A N   1 
ATOM   656  C  CA  . ALA A 1 88  ? -4.550  -6.727  -1.727  1.00 24.40  ? 88  ALA A CA  1 
ATOM   657  C  C   . ALA A 1 88  ? -5.725  -6.356  -2.616  1.00 22.50  ? 88  ALA A C   1 
ATOM   658  O  O   . ALA A 1 88  ? -6.435  -5.409  -2.308  1.00 23.80  ? 88  ALA A O   1 
ATOM   659  C  CB  . ALA A 1 88  ? -3.303  -6.095  -2.307  1.00 23.00  ? 88  ALA A CB  1 
ATOM   660  N  N   . PHE A 1 89  ? -5.966  -7.120  -3.692  1.00 23.00  ? 89  PHE A N   1 
ATOM   661  C  CA  . PHE A 1 89  ? -7.076  -6.888  -4.614  1.00 25.00  ? 89  PHE A CA  1 
ATOM   662  C  C   . PHE A 1 89  ? -8.401  -7.045  -3.887  1.00 25.30  ? 89  PHE A C   1 
ATOM   663  O  O   . PHE A 1 89  ? -9.326  -6.283  -4.146  1.00 24.20  ? 89  PHE A O   1 
ATOM   664  C  CB  . PHE A 1 89  ? -7.029  -7.883  -5.795  1.00 24.20  ? 89  PHE A CB  1 
ATOM   665  C  CG  . PHE A 1 89  ? -8.172  -7.715  -6.796  1.00 26.40  ? 89  PHE A CG  1 
ATOM   666  C  CD1 . PHE A 1 89  ? -8.165  -6.647  -7.697  1.00 24.90  ? 89  PHE A CD1 1 
ATOM   667  C  CD2 . PHE A 1 89  ? -9.252  -8.605  -6.785  1.00 25.00  ? 89  PHE A CD2 1 
ATOM   668  C  CE1 . PHE A 1 89  ? -9.236  -6.469  -8.572  1.00 23.50  ? 89  PHE A CE1 1 
ATOM   669  C  CE2 . PHE A 1 89  ? -10.315 -8.415  -7.665  1.00 23.10  ? 89  PHE A CE2 1 
ATOM   670  C  CZ  . PHE A 1 89  ? -10.308 -7.349  -8.556  1.00 22.20  ? 89  PHE A CZ  1 
ATOM   671  N  N   . ARG A 1 90  ? -8.472  -8.019  -2.972  1.00 27.20  ? 90  ARG A N   1 
ATOM   672  C  CA  . ARG A 1 90  ? -9.661  -8.256  -2.173  1.00 30.40  ? 90  ARG A CA  1 
ATOM   673  C  C   . ARG A 1 90  ? -9.937  -7.160  -1.168  1.00 28.40  ? 90  ARG A C   1 
ATOM   674  O  O   . ARG A 1 90  ? -11.089 -6.986  -0.767  1.00 29.10  ? 90  ARG A O   1 
ATOM   675  C  CB  . ARG A 1 90  ? -9.518  -9.596  -1.470  1.00 38.80  ? 90  ARG A CB  1 
ATOM   676  C  CG  . ARG A 1 90  ? -10.150 -10.669 -2.358  1.00 51.50  ? 90  ARG A CG  1 
ATOM   677  C  CD  . ARG A 1 90  ? -9.453  -12.023 -2.325  1.00 59.50  ? 90  ARG A CD  1 
ATOM   678  N  NE  . ARG A 1 90  ? -9.416  -12.615 -0.999  1.00 69.70  ? 90  ARG A NE  1 
ATOM   679  C  CZ  . ARG A 1 90  ? -8.440  -13.459 -0.631  1.00 75.60  ? 90  ARG A CZ  1 
ATOM   680  N  NH1 . ARG A 1 90  ? -7.435  -13.801 -1.448  1.00 76.60  ? 90  ARG A NH1 1 
ATOM   681  N  NH2 . ARG A 1 90  ? -8.466  -13.968 0.601   1.00 79.80  ? 90  ARG A NH2 1 
ATOM   682  N  N   . VAL A 1 91  ? -8.910  -6.387  -0.776  1.00 26.00  ? 91  VAL A N   1 
ATOM   683  C  CA  . VAL A 1 91  ? -9.111  -5.261  0.125   1.00 22.50  ? 91  VAL A CA  1 
ATOM   684  C  C   . VAL A 1 91  ? -9.769  -4.132  -0.667  1.00 21.60  ? 91  VAL A C   1 
ATOM   685  O  O   . VAL A 1 91  ? -10.588 -3.395  -0.115  1.00 22.40  ? 91  VAL A O   1 
ATOM   686  C  CB  . VAL A 1 91  ? -7.751  -4.781  0.726   1.00 25.60  ? 91  VAL A CB  1 
ATOM   687  C  CG1 . VAL A 1 91  ? -7.985  -3.672  1.740   1.00 23.80  ? 91  VAL A CG1 1 
ATOM   688  C  CG2 . VAL A 1 91  ? -7.054  -5.922  1.449   1.00 23.90  ? 91  VAL A CG2 1 
ATOM   689  N  N   . PHE A 1 92  ? -9.447  -3.990  -1.964  1.00 20.60  ? 92  PHE A N   1 
ATOM   690  C  CA  . PHE A 1 92  ? -10.024 -2.940  -2.803  1.00 19.30  ? 92  PHE A CA  1 
ATOM   691  C  C   . PHE A 1 92  ? -11.404 -3.277  -3.364  1.00 18.70  ? 92  PHE A C   1 
ATOM   692  O  O   . PHE A 1 92  ? -12.288 -2.424  -3.404  1.00 19.20  ? 92  PHE A O   1 
ATOM   693  C  CB  . PHE A 1 92  ? -9.075  -2.640  -3.956  1.00 19.80  ? 92  PHE A CB  1 
ATOM   694  C  CG  . PHE A 1 92  ? -7.817  -1.864  -3.574  1.00 21.20  ? 92  PHE A CG  1 
ATOM   695  C  CD1 . PHE A 1 92  ? -6.691  -2.535  -3.099  1.00 19.80  ? 92  PHE A CD1 1 
ATOM   696  C  CD2 . PHE A 1 92  ? -7.794  -0.469  -3.698  1.00 23.40  ? 92  PHE A CD2 1 
ATOM   697  C  CE1 . PHE A 1 92  ? -5.548  -1.820  -2.744  1.00 21.70  ? 92  PHE A CE1 1 
ATOM   698  C  CE2 . PHE A 1 92  ? -6.642  0.241   -3.342  1.00 24.50  ? 92  PHE A CE2 1 
ATOM   699  C  CZ  . PHE A 1 92  ? -5.520  -0.433  -2.864  1.00 21.60  ? 92  PHE A CZ  1 
ATOM   700  N  N   . ASP A 1 93  ? -11.584 -4.532  -3.788  1.00 19.90  ? 93  ASP A N   1 
ATOM   701  C  CA  . ASP A 1 93  ? -12.834 -5.073  -4.333  1.00 19.80  ? 93  ASP A CA  1 
ATOM   702  C  C   . ASP A 1 93  ? -13.755 -5.524  -3.194  1.00 18.30  ? 93  ASP A C   1 
ATOM   703  O  O   . ASP A 1 93  ? -13.925 -6.700  -2.879  1.00 18.00  ? 93  ASP A O   1 
ATOM   704  C  CB  . ASP A 1 93  ? -12.480 -6.243  -5.266  1.00 15.80  ? 93  ASP A CB  1 
ATOM   705  C  CG  . ASP A 1 93  ? -13.654 -6.943  -5.947  1.00 17.50  ? 93  ASP A CG  1 
ATOM   706  O  OD1 . ASP A 1 93  ? -14.657 -6.311  -6.240  1.00 15.90  ? 93  ASP A OD1 1 
ATOM   707  O  OD2 . ASP A 1 93  ? -13.569 -8.137  -6.198  1.00 18.20  ? 93  ASP A OD2 1 
ATOM   708  N  N   . LYS A 1 94  ? -14.363 -4.517  -2.586  1.00 20.70  ? 94  LYS A N   1 
ATOM   709  C  CA  . LYS A 1 94  ? -15.198 -4.690  -1.417  1.00 28.20  ? 94  LYS A CA  1 
ATOM   710  C  C   . LYS A 1 94  ? -16.386 -5.609  -1.569  1.00 29.20  ? 94  LYS A C   1 
ATOM   711  O  O   . LYS A 1 94  ? -16.627 -6.417  -0.675  1.00 33.10  ? 94  LYS A O   1 
ATOM   712  C  CB  . LYS A 1 94  ? -15.706 -3.347  -0.954  1.00 34.20  ? 94  LYS A CB  1 
ATOM   713  C  CG  . LYS A 1 94  ? -14.610 -2.408  -0.474  1.00 42.40  ? 94  LYS A CG  1 
ATOM   714  C  CD  . LYS A 1 94  ? -15.179 -1.245  0.329   1.00 51.30  ? 94  LYS A CD  1 
ATOM   715  C  CE  . LYS A 1 94  ? -16.206 -0.403  -0.432  1.00 55.50  ? 94  LYS A CE  1 
ATOM   716  N  NZ  . LYS A 1 94  ? -17.576 -0.804  -0.166  1.00 58.60  ? 94  LYS A NZ  1 
ATOM   717  N  N   . ASP A 1 95  ? -17.134 -5.531  -2.670  1.00 28.10  ? 95  ASP A N   1 
ATOM   718  C  CA  . ASP A 1 95  ? -18.257 -6.429  -2.822  1.00 26.50  ? 95  ASP A CA  1 
ATOM   719  C  C   . ASP A 1 95  ? -17.898 -7.751  -3.484  1.00 26.50  ? 95  ASP A C   1 
ATOM   720  O  O   . ASP A 1 95  ? -18.776 -8.573  -3.754  1.00 30.90  ? 95  ASP A O   1 
ATOM   721  C  CB  . ASP A 1 95  ? -19.373 -5.711  -3.599  1.00 28.10  ? 95  ASP A CB  1 
ATOM   722  C  CG  . ASP A 1 95  ? -19.080 -5.205  -5.003  1.00 27.10  ? 95  ASP A CG  1 
ATOM   723  O  OD1 . ASP A 1 95  ? -18.236 -5.768  -5.685  1.00 26.60  ? 95  ASP A OD1 1 
ATOM   724  O  OD2 . ASP A 1 95  ? -19.722 -4.252  -5.426  1.00 30.50  ? 95  ASP A OD2 1 
ATOM   725  N  N   . GLY A 1 96  ? -16.612 -7.948  -3.808  1.00 22.90  ? 96  GLY A N   1 
ATOM   726  C  CA  . GLY A 1 96  ? -16.118 -9.213  -4.330  1.00 18.00  ? 96  GLY A CA  1 
ATOM   727  C  C   . GLY A 1 96  ? -16.535 -9.568  -5.741  1.00 18.40  ? 96  GLY A C   1 
ATOM   728  O  O   . GLY A 1 96  ? -16.371 -10.726 -6.122  1.00 19.90  ? 96  GLY A O   1 
ATOM   729  N  N   . ASN A 1 97  ? -17.036 -8.636  -6.563  1.00 19.70  ? 97  ASN A N   1 
ATOM   730  C  CA  . ASN A 1 97  ? -17.469 -9.000  -7.908  1.00 21.10  ? 97  ASN A CA  1 
ATOM   731  C  C   . ASN A 1 97  ? -16.356 -9.107  -8.944  1.00 20.80  ? 97  ASN A C   1 
ATOM   732  O  O   . ASN A 1 97  ? -16.617 -9.437  -10.094 1.00 21.20  ? 97  ASN A O   1 
ATOM   733  C  CB  . ASN A 1 97  ? -18.542 -7.998  -8.382  1.00 21.90  ? 97  ASN A CB  1 
ATOM   734  C  CG  . ASN A 1 97  ? -18.081 -6.618  -8.828  1.00 22.60  ? 97  ASN A CG  1 
ATOM   735  O  OD1 . ASN A 1 97  ? -16.998 -6.155  -8.493  1.00 24.10  ? 97  ASN A OD1 1 
ATOM   736  N  ND2 . ASN A 1 97  ? -18.895 -5.915  -9.603  1.00 18.50  ? 97  ASN A ND2 1 
ATOM   737  N  N   . GLY A 1 98  ? -15.100 -8.837  -8.572  1.00 22.10  ? 98  GLY A N   1 
ATOM   738  C  CA  . GLY A 1 98  ? -13.962 -8.957  -9.477  1.00 18.30  ? 98  GLY A CA  1 
ATOM   739  C  C   . GLY A 1 98  ? -13.574 -7.655  -10.167 1.00 18.00  ? 98  GLY A C   1 
ATOM   740  O  O   . GLY A 1 98  ? -12.717 -7.664  -11.046 1.00 20.70  ? 98  GLY A O   1 
ATOM   741  N  N   . TYR A 1 99  ? -14.176 -6.515  -9.808  1.00 16.40  ? 99  TYR A N   1 
ATOM   742  C  CA  . TYR A 1 99  ? -13.916 -5.243  -10.475 1.00 17.60  ? 99  TYR A CA  1 
ATOM   743  C  C   . TYR A 1 99  ? -13.858 -4.142  -9.450  1.00 18.60  ? 99  TYR A C   1 
ATOM   744  O  O   . TYR A 1 99  ? -14.790 -4.002  -8.676  1.00 20.40  ? 99  TYR A O   1 
ATOM   745  C  CB  . TYR A 1 99  ? -15.023 -4.852  -11.476 1.00 14.10  ? 99  TYR A CB  1 
ATOM   746  C  CG  . TYR A 1 99  ? -15.148 -5.804  -12.651 1.00 17.30  ? 99  TYR A CG  1 
ATOM   747  C  CD1 . TYR A 1 99  ? -15.825 -7.024  -12.497 1.00 17.30  ? 99  TYR A CD1 1 
ATOM   748  C  CD2 . TYR A 1 99  ? -14.523 -5.489  -13.859 1.00 14.60  ? 99  TYR A CD2 1 
ATOM   749  C  CE1 . TYR A 1 99  ? -15.857 -7.940  -13.553 1.00 20.30  ? 99  TYR A CE1 1 
ATOM   750  C  CE2 . TYR A 1 99  ? -14.560 -6.397  -14.915 1.00 18.50  ? 99  TYR A CE2 1 
ATOM   751  C  CZ  . TYR A 1 99  ? -15.223 -7.616  -14.755 1.00 21.60  ? 99  TYR A CZ  1 
ATOM   752  O  OH  . TYR A 1 99  ? -15.208 -8.532  -15.783 1.00 23.20  ? 99  TYR A OH  1 
ATOM   753  N  N   . ILE A 1 100 ? -12.797 -3.338  -9.408  1.00 19.40  ? 100 ILE A N   1 
ATOM   754  C  CA  . ILE A 1 100 ? -12.723 -2.207  -8.497  1.00 17.20  ? 100 ILE A CA  1 
ATOM   755  C  C   . ILE A 1 100 ? -13.344 -1.041  -9.246  1.00 17.60  ? 100 ILE A C   1 
ATOM   756  O  O   . ILE A 1 100 ? -12.985 -0.717  -10.376 1.00 17.60  ? 100 ILE A O   1 
ATOM   757  C  CB  . ILE A 1 100 ? -11.252 -1.865  -8.123  1.00 17.70  ? 100 ILE A CB  1 
ATOM   758  C  CG1 . ILE A 1 100 ? -10.543 -3.074  -7.529  1.00 16.90  ? 100 ILE A CG1 1 
ATOM   759  C  CG2 . ILE A 1 100 ? -11.238 -0.742  -7.091  1.00 15.50  ? 100 ILE A CG2 1 
ATOM   760  C  CD1 . ILE A 1 100 ? -9.006  -2.901  -7.527  1.00 19.60  ? 100 ILE A CD1 1 
ATOM   761  N  N   . SER A 1 101 ? -14.332 -0.435  -8.603  1.00 19.10  ? 101 SER A N   1 
ATOM   762  C  CA  . SER A 1 101 ? -15.004 0.733   -9.147  1.00 20.60  ? 101 SER A CA  1 
ATOM   763  C  C   . SER A 1 101 ? -14.425 1.958   -8.453  1.00 19.50  ? 101 SER A C   1 
ATOM   764  O  O   . SER A 1 101 ? -13.762 1.850   -7.417  1.00 19.70  ? 101 SER A O   1 
ATOM   765  C  CB  . SER A 1 101 ? -16.505 0.655   -8.871  1.00 19.00  ? 101 SER A CB  1 
ATOM   766  O  OG  . SER A 1 101 ? -16.791 0.767   -7.479  1.00 19.50  ? 101 SER A OG  1 
ATOM   767  N  N   . ALA A 1 102 ? -14.726 3.139   -8.999  1.00 21.70  ? 102 ALA A N   1 
ATOM   768  C  CA  . ALA A 1 102 ? -14.259 4.392   -8.431  1.00 24.30  ? 102 ALA A CA  1 
ATOM   769  C  C   . ALA A 1 102 ? -14.745 4.598   -7.006  1.00 25.70  ? 102 ALA A C   1 
ATOM   770  O  O   . ALA A 1 102 ? -14.031 5.166   -6.184  1.00 28.30  ? 102 ALA A O   1 
ATOM   771  C  CB  . ALA A 1 102 ? -14.744 5.563   -9.278  1.00 25.20  ? 102 ALA A CB  1 
ATOM   772  N  N   . ALA A 1 103 ? -15.943 4.075   -6.707  1.00 26.80  ? 103 ALA A N   1 
ATOM   773  C  CA  . ALA A 1 103 ? -16.550 4.170   -5.387  1.00 25.90  ? 103 ALA A CA  1 
ATOM   774  C  C   . ALA A 1 103 ? -15.781 3.389   -4.336  1.00 23.40  ? 103 ALA A C   1 
ATOM   775  O  O   . ALA A 1 103 ? -15.570 3.872   -3.227  1.00 24.60  ? 103 ALA A O   1 
ATOM   776  C  CB  . ALA A 1 103 ? -17.976 3.634   -5.420  1.00 26.70  ? 103 ALA A CB  1 
ATOM   777  N  N   . GLU A 1 104 ? -15.350 2.182   -4.705  1.00 23.50  ? 104 GLU A N   1 
ATOM   778  C  CA  . GLU A 1 104 ? -14.575 1.333   -3.816  1.00 23.50  ? 104 GLU A CA  1 
ATOM   779  C  C   . GLU A 1 104 ? -13.171 1.858   -3.604  1.00 24.40  ? 104 GLU A C   1 
ATOM   780  O  O   . GLU A 1 104 ? -12.675 1.814   -2.479  1.00 23.60  ? 104 GLU A O   1 
ATOM   781  C  CB  . GLU A 1 104 ? -14.481 -0.053  -4.374  1.00 21.20  ? 104 GLU A CB  1 
ATOM   782  C  CG  . GLU A 1 104 ? -15.842 -0.712  -4.377  1.00 23.70  ? 104 GLU A CG  1 
ATOM   783  C  CD  . GLU A 1 104 ? -15.825 -2.047  -5.084  1.00 25.10  ? 104 GLU A CD  1 
ATOM   784  O  OE1 . GLU A 1 104 ? -15.333 -2.082  -6.207  1.00 24.80  ? 104 GLU A OE1 1 
ATOM   785  O  OE2 . GLU A 1 104 ? -16.309 -3.038  -4.531  1.00 24.20  ? 104 GLU A OE2 1 
ATOM   786  N  N   . LEU A 1 105 ? -12.541 2.371   -4.675  1.00 26.20  ? 105 LEU A N   1 
ATOM   787  C  CA  . LEU A 1 105 ? -11.213 2.946   -4.566  1.00 28.60  ? 105 LEU A CA  1 
ATOM   788  C  C   . LEU A 1 105 ? -11.265 4.172   -3.660  1.00 30.40  ? 105 LEU A C   1 
ATOM   789  O  O   . LEU A 1 105 ? -10.418 4.292   -2.779  1.00 30.60  ? 105 LEU A O   1 
ATOM   790  C  CB  . LEU A 1 105 ? -10.687 3.325   -5.959  1.00 27.30  ? 105 LEU A CB  1 
ATOM   791  C  CG  . LEU A 1 105 ? -9.258  3.880   -6.052  1.00 28.60  ? 105 LEU A CG  1 
ATOM   792  C  CD1 . LEU A 1 105 ? -8.268  2.939   -5.380  1.00 25.30  ? 105 LEU A CD1 1 
ATOM   793  C  CD2 . LEU A 1 105 ? -8.883  4.047   -7.512  1.00 28.20  ? 105 LEU A CD2 1 
ATOM   794  N  N   . ARG A 1 106 ? -12.288 5.027   -3.799  1.00 32.90  ? 106 ARG A N   1 
ATOM   795  C  CA  . ARG A 1 106 ? -12.480 6.195   -2.944  1.00 35.70  ? 106 ARG A CA  1 
ATOM   796  C  C   . ARG A 1 106 ? -12.628 5.755   -1.493  1.00 35.90  ? 106 ARG A C   1 
ATOM   797  O  O   . ARG A 1 106 ? -12.099 6.407   -0.597  1.00 36.80  ? 106 ARG A O   1 
ATOM   798  C  CB  . ARG A 1 106 ? -13.732 6.950   -3.357  1.00 39.90  ? 106 ARG A CB  1 
ATOM   799  C  CG  . ARG A 1 106 ? -13.872 8.369   -2.803  1.00 47.60  ? 106 ARG A CG  1 
ATOM   800  C  CD  . ARG A 1 106 ? -15.245 8.984   -3.121  1.00 55.90  ? 106 ARG A CD  1 
ATOM   801  N  NE  . ARG A 1 106 ? -15.566 8.957   -4.547  1.00 62.70  ? 106 ARG A NE  1 
ATOM   802  C  CZ  . ARG A 1 106 ? -16.654 8.338   -5.040  1.00 65.10  ? 106 ARG A CZ  1 
ATOM   803  N  NH1 . ARG A 1 106 ? -17.536 7.708   -4.259  1.00 65.20  ? 106 ARG A NH1 1 
ATOM   804  N  NH2 . ARG A 1 106 ? -16.866 8.357   -6.356  1.00 65.80  ? 106 ARG A NH2 1 
ATOM   805  N  N   . HIS A 1 107 ? -13.316 4.629   -1.258  1.00 35.50  ? 107 HIS A N   1 
ATOM   806  C  CA  . HIS A 1 107 ? -13.475 4.092   0.079   1.00 36.50  ? 107 HIS A CA  1 
ATOM   807  C  C   . HIS A 1 107 ? -12.159 3.644   0.697   1.00 34.20  ? 107 HIS A C   1 
ATOM   808  O  O   . HIS A 1 107 ? -11.926 3.919   1.871   1.00 33.20  ? 107 HIS A O   1 
ATOM   809  C  CB  . HIS A 1 107 ? -14.412 2.901   0.069   1.00 42.60  ? 107 HIS A CB  1 
ATOM   810  C  CG  . HIS A 1 107 ? -15.872 3.169   0.395   1.00 49.20  ? 107 HIS A CG  1 
ATOM   811  N  ND1 . HIS A 1 107 ? -16.523 2.724   1.463   1.00 53.10  ? 107 HIS A ND1 1 
ATOM   812  C  CD2 . HIS A 1 107 ? -16.763 3.868   -0.381  1.00 52.20  ? 107 HIS A CD2 1 
ATOM   813  C  CE1 . HIS A 1 107 ? -17.768 3.115   1.364   1.00 54.70  ? 107 HIS A CE1 1 
ATOM   814  N  NE2 . HIS A 1 107 ? -17.902 3.800   0.253   1.00 54.60  ? 107 HIS A NE2 1 
ATOM   815  N  N   . VAL A 1 108 ? -11.283 2.977   -0.067  1.00 32.30  ? 108 VAL A N   1 
ATOM   816  C  CA  . VAL A 1 108 ? -9.998  2.507   0.447   1.00 31.50  ? 108 VAL A CA  1 
ATOM   817  C  C   . VAL A 1 108 ? -9.048  3.663   0.739   1.00 31.60  ? 108 VAL A C   1 
ATOM   818  O  O   . VAL A 1 108 ? -8.271  3.596   1.689   1.00 32.00  ? 108 VAL A O   1 
ATOM   819  C  CB  . VAL A 1 108 ? -9.349  1.527   -0.572  1.00 32.50  ? 108 VAL A CB  1 
ATOM   820  C  CG1 . VAL A 1 108 ? -7.969  1.055   -0.120  1.00 32.20  ? 108 VAL A CG1 1 
ATOM   821  C  CG2 . VAL A 1 108 ? -10.217 0.291   -0.669  1.00 31.30  ? 108 VAL A CG2 1 
ATOM   822  N  N   . MET A 1 109 ? -9.110  4.749   -0.030  1.00 32.50  ? 109 MET A N   1 
ATOM   823  C  CA  . MET A 1 109 ? -8.245  5.901   0.188   1.00 34.90  ? 109 MET A CA  1 
ATOM   824  C  C   . MET A 1 109 ? -8.626  6.673   1.443   1.00 38.20  ? 109 MET A C   1 
ATOM   825  O  O   . MET A 1 109 ? -7.770  7.184   2.159   1.00 41.60  ? 109 MET A O   1 
ATOM   826  C  CB  . MET A 1 109 ? -8.315  6.833   -1.008  1.00 33.30  ? 109 MET A CB  1 
ATOM   827  C  CG  . MET A 1 109 ? -7.902  6.150   -2.287  1.00 30.40  ? 109 MET A CG  1 
ATOM   828  S  SD  . MET A 1 109 ? -6.294  5.359   -2.109  1.00 35.00  ? 109 MET A SD  1 
ATOM   829  C  CE  . MET A 1 109 ? -5.616  5.874   -3.658  1.00 37.80  ? 109 MET A CE  1 
ATOM   830  N  N   . THR A 1 110 ? -9.927  6.743   1.725   1.00 39.60  ? 110 THR A N   1 
ATOM   831  C  CA  . THR A 1 110 ? -10.447 7.387   2.917   1.00 39.70  ? 110 THR A CA  1 
ATOM   832  C  C   . THR A 1 110 ? -10.114 6.563   4.158   1.00 40.60  ? 110 THR A C   1 
ATOM   833  O  O   . THR A 1 110 ? -9.794  7.147   5.190   1.00 42.90  ? 110 THR A O   1 
ATOM   834  C  CB  . THR A 1 110 ? -11.960 7.558   2.708   1.00 41.20  ? 110 THR A CB  1 
ATOM   835  O  OG1 . THR A 1 110 ? -12.044 8.405   1.568   1.00 42.50  ? 110 THR A OG1 1 
ATOM   836  C  CG2 . THR A 1 110 ? -12.727 8.178   3.867   1.00 41.40  ? 110 THR A CG2 1 
ATOM   837  N  N   . ASN A 1 111 ? -10.146 5.220   4.084   1.00 41.00  ? 111 ASN A N   1 
ATOM   838  C  CA  . ASN A 1 111 ? -9.794  4.332   5.193   1.00 42.70  ? 111 ASN A CA  1 
ATOM   839  C  C   . ASN A 1 111 ? -8.302  4.463   5.500   1.00 42.30  ? 111 ASN A C   1 
ATOM   840  O  O   . ASN A 1 111 ? -7.895  4.419   6.659   1.00 40.40  ? 111 ASN A O   1 
ATOM   841  C  CB  . ASN A 1 111 ? -10.141 2.879   4.809   1.00 46.60  ? 111 ASN A CB  1 
ATOM   842  C  CG  . ASN A 1 111 ? -10.071 1.806   5.902   1.00 51.00  ? 111 ASN A CG  1 
ATOM   843  O  OD1 . ASN A 1 111 ? -9.384  1.915   6.919   1.00 55.00  ? 111 ASN A OD1 1 
ATOM   844  N  ND2 . ASN A 1 111 ? -10.793 0.703   5.718   1.00 50.60  ? 111 ASN A ND2 1 
ATOM   845  N  N   . LEU A 1 112 ? -7.490  4.658   4.449   1.00 43.50  ? 112 LEU A N   1 
ATOM   846  C  CA  . LEU A 1 112 ? -6.057  4.894   4.579   1.00 46.00  ? 112 LEU A CA  1 
ATOM   847  C  C   . LEU A 1 112 ? -5.725  6.328   4.994   1.00 49.50  ? 112 LEU A C   1 
ATOM   848  O  O   . LEU A 1 112 ? -4.556  6.704   5.104   1.00 50.20  ? 112 LEU A O   1 
ATOM   849  C  CB  . LEU A 1 112 ? -5.350  4.586   3.258   1.00 42.00  ? 112 LEU A CB  1 
ATOM   850  C  CG  . LEU A 1 112 ? -5.200  3.134   2.831   1.00 40.70  ? 112 LEU A CG  1 
ATOM   851  C  CD1 . LEU A 1 112 ? -4.700  3.102   1.399   1.00 38.80  ? 112 LEU A CD1 1 
ATOM   852  C  CD2 . LEU A 1 112 ? -4.252  2.399   3.771   1.00 41.00  ? 112 LEU A CD2 1 
ATOM   853  N  N   . GLY A 1 113 ? -6.759  7.151   5.202   1.00 53.70  ? 113 GLY A N   1 
ATOM   854  C  CA  . GLY A 1 113 ? -6.606  8.497   5.722   1.00 58.00  ? 113 GLY A CA  1 
ATOM   855  C  C   . GLY A 1 113 ? -6.282  9.582   4.709   1.00 61.70  ? 113 GLY A C   1 
ATOM   856  O  O   . GLY A 1 113 ? -5.377  10.378  4.956   1.00 64.80  ? 113 GLY A O   1 
ATOM   857  N  N   . GLU A 1 114 ? -6.974  9.647   3.569   1.00 63.80  ? 114 GLU A N   1 
ATOM   858  C  CA  . GLU A 1 114 ? -6.757  10.741  2.636   1.00 66.60  ? 114 GLU A CA  1 
ATOM   859  C  C   . GLU A 1 114 ? -7.971  11.121  1.814   1.00 66.70  ? 114 GLU A C   1 
ATOM   860  O  O   . GLU A 1 114 ? -8.674  10.291  1.231   1.00 68.60  ? 114 GLU A O   1 
ATOM   861  C  CB  . GLU A 1 114 ? -5.593  10.433  1.678   1.00 69.10  ? 114 GLU A CB  1 
ATOM   862  C  CG  . GLU A 1 114 ? -5.423  9.013   1.161   1.00 74.60  ? 114 GLU A CG  1 
ATOM   863  C  CD  . GLU A 1 114 ? -4.291  8.837   0.157   1.00 79.30  ? 114 GLU A CD  1 
ATOM   864  O  OE1 . GLU A 1 114 ? -3.178  9.319   0.390   1.00 80.90  ? 114 GLU A OE1 1 
ATOM   865  O  OE2 . GLU A 1 114 ? -4.529  8.204   -0.869  1.00 83.00  ? 114 GLU A OE2 1 
ATOM   866  N  N   . LYS A 1 115 ? -8.211  12.436  1.860   1.00 66.50  ? 115 LYS A N   1 
ATOM   867  C  CA  . LYS A 1 115 ? -9.296  13.078  1.136   1.00 64.40  ? 115 LYS A CA  1 
ATOM   868  C  C   . LYS A 1 115 ? -8.852  13.403  -0.283  1.00 62.80  ? 115 LYS A C   1 
ATOM   869  O  O   . LYS A 1 115 ? -7.888  14.138  -0.510  1.00 63.00  ? 115 LYS A O   1 
ATOM   870  N  N   . LEU A 1 116 ? -9.568  12.816  -1.245  1.00 61.00  ? 116 LEU A N   1 
ATOM   871  C  CA  . LEU A 1 116 ? -9.283  12.985  -2.665  1.00 58.00  ? 116 LEU A CA  1 
ATOM   872  C  C   . LEU A 1 116 ? -10.531 13.401  -3.442  1.00 56.90  ? 116 LEU A C   1 
ATOM   873  O  O   . LEU A 1 116 ? -11.658 13.018  -3.108  1.00 56.10  ? 116 LEU A O   1 
ATOM   874  C  CB  . LEU A 1 116 ? -8.733  11.668  -3.229  1.00 55.50  ? 116 LEU A CB  1 
ATOM   875  C  CG  . LEU A 1 116 ? -7.432  11.113  -2.656  1.00 52.90  ? 116 LEU A CG  1 
ATOM   876  C  CD1 . LEU A 1 116 ? -7.329  9.663   -3.014  1.00 51.30  ? 116 LEU A CD1 1 
ATOM   877  C  CD2 . LEU A 1 116 ? -6.238  11.872  -3.194  1.00 53.10  ? 116 LEU A CD2 1 
ATOM   878  N  N   . THR A 1 117 ? -10.328 14.204  -4.496  1.00 55.80  ? 117 THR A N   1 
ATOM   879  C  CA  . THR A 1 117 ? -11.414 14.662  -5.358  1.00 55.20  ? 117 THR A CA  1 
ATOM   880  C  C   . THR A 1 117 ? -11.898 13.493  -6.210  1.00 53.90  ? 117 THR A C   1 
ATOM   881  O  O   . THR A 1 117 ? -11.147 12.558  -6.483  1.00 52.90  ? 117 THR A O   1 
ATOM   882  C  CB  . THR A 1 117 ? -10.918 15.815  -6.274  1.00 56.10  ? 117 THR A CB  1 
ATOM   883  O  OG1 . THR A 1 117 ? -10.399 16.803  -5.398  1.00 58.90  ? 117 THR A OG1 1 
ATOM   884  C  CG2 . THR A 1 117 ? -12.002 16.464  -7.128  1.00 58.40  ? 117 THR A CG2 1 
ATOM   885  N  N   . ASP A 1 118 ? -13.164 13.534  -6.632  1.00 53.70  ? 118 ASP A N   1 
ATOM   886  C  CA  . ASP A 1 118 ? -13.736 12.500  -7.484  1.00 53.40  ? 118 ASP A CA  1 
ATOM   887  C  C   . ASP A 1 118 ? -13.032 12.430  -8.836  1.00 52.60  ? 118 ASP A C   1 
ATOM   888  O  O   . ASP A 1 118 ? -12.945 11.354  -9.428  1.00 53.40  ? 118 ASP A O   1 
ATOM   889  C  CB  . ASP A 1 118 ? -15.223 12.780  -7.680  1.00 56.40  ? 118 ASP A CB  1 
ATOM   890  C  CG  . ASP A 1 118 ? -15.975 12.881  -6.358  1.00 59.30  ? 118 ASP A CG  1 
ATOM   891  O  OD1 . ASP A 1 118 ? -16.230 11.849  -5.735  1.00 59.40  ? 118 ASP A OD1 1 
ATOM   892  O  OD2 . ASP A 1 118 ? -16.286 14.003  -5.950  1.00 62.00  ? 118 ASP A OD2 1 
ATOM   893  N  N   . GLU A 1 119 ? -12.500 13.572  -9.308  1.00 49.40  ? 119 GLU A N   1 
ATOM   894  C  CA  . GLU A 1 119 ? -11.712 13.637  -10.530 1.00 48.50  ? 119 GLU A CA  1 
ATOM   895  C  C   . GLU A 1 119 ? -10.378 12.923  -10.354 1.00 44.70  ? 119 GLU A C   1 
ATOM   896  O  O   . GLU A 1 119 ? -9.906  12.266  -11.280 1.00 43.50  ? 119 GLU A O   1 
ATOM   897  C  CB  . GLU A 1 119 ? -11.491 15.120  -10.911 1.00 51.80  ? 119 GLU A CB  1 
ATOM   898  C  CG  . GLU A 1 119 ? -10.449 15.519  -11.988 1.00 57.00  ? 119 GLU A CG  1 
ATOM   899  C  CD  . GLU A 1 119 ? -10.592 15.033  -13.437 1.00 60.20  ? 119 GLU A CD  1 
ATOM   900  O  OE1 . GLU A 1 119 ? -11.444 14.195  -13.747 1.00 62.80  ? 119 GLU A OE1 1 
ATOM   901  O  OE2 . GLU A 1 119 ? -9.821  15.507  -14.274 1.00 61.90  ? 119 GLU A OE2 1 
ATOM   902  N  N   . GLU A 1 120 ? -9.777  13.039  -9.165  1.00 41.40  ? 120 GLU A N   1 
ATOM   903  C  CA  . GLU A 1 120 ? -8.520  12.378  -8.836  1.00 38.20  ? 120 GLU A CA  1 
ATOM   904  C  C   . GLU A 1 120 ? -8.654  10.866  -8.775  1.00 35.40  ? 120 GLU A C   1 
ATOM   905  O  O   . GLU A 1 120 ? -7.765  10.145  -9.236  1.00 32.10  ? 120 GLU A O   1 
ATOM   906  C  CB  . GLU A 1 120 ? -8.015  12.884  -7.497  1.00 39.30  ? 120 GLU A CB  1 
ATOM   907  C  CG  . GLU A 1 120 ? -7.527  14.322  -7.585  1.00 41.30  ? 120 GLU A CG  1 
ATOM   908  C  CD  . GLU A 1 120 ? -7.189  15.019  -6.274  1.00 42.90  ? 120 GLU A CD  1 
ATOM   909  O  OE1 . GLU A 1 120 ? -7.110  14.383  -5.221  1.00 42.30  ? 120 GLU A OE1 1 
ATOM   910  O  OE2 . GLU A 1 120 ? -7.004  16.234  -6.314  1.00 45.40  ? 120 GLU A OE2 1 
ATOM   911  N  N   . VAL A 1 121 ? -9.786  10.399  -8.213  1.00 33.40  ? 121 VAL A N   1 
ATOM   912  C  CA  . VAL A 1 121 ? -10.103 8.975   -8.120  1.00 32.00  ? 121 VAL A CA  1 
ATOM   913  C  C   . VAL A 1 121 ? -10.371 8.442   -9.517  1.00 30.50  ? 121 VAL A C   1 
ATOM   914  O  O   . VAL A 1 121 ? -9.952  7.343   -9.861  1.00 29.40  ? 121 VAL A O   1 
ATOM   915  C  CB  . VAL A 1 121 ? -11.345 8.746   -7.223  1.00 32.20  ? 121 VAL A CB  1 
ATOM   916  C  CG1 . VAL A 1 121 ? -11.677 7.262   -7.141  1.00 30.50  ? 121 VAL A CG1 1 
ATOM   917  C  CG2 . VAL A 1 121 ? -11.061 9.249   -5.814  1.00 29.20  ? 121 VAL A CG2 1 
ATOM   918  N  N   . ASP A 1 122 ? -11.024 9.272   -10.330 1.00 32.30  ? 122 ASP A N   1 
ATOM   919  C  CA  . ASP A 1 122 ? -11.337 8.938   -11.704 1.00 35.70  ? 122 ASP A CA  1 
ATOM   920  C  C   . ASP A 1 122 ? -10.076 8.877   -12.563 1.00 34.60  ? 122 ASP A C   1 
ATOM   921  O  O   . ASP A 1 122 ? -10.013 8.118   -13.530 1.00 35.80  ? 122 ASP A O   1 
ATOM   922  C  CB  . ASP A 1 122 ? -12.319 9.992   -12.203 1.00 41.70  ? 122 ASP A CB  1 
ATOM   923  C  CG  . ASP A 1 122 ? -13.027 9.742   -13.528 1.00 47.10  ? 122 ASP A CG  1 
ATOM   924  O  OD1 . ASP A 1 122 ? -13.058 8.607   -14.009 1.00 49.60  ? 122 ASP A OD1 1 
ATOM   925  O  OD2 . ASP A 1 122 ? -13.548 10.711  -14.083 1.00 51.00  ? 122 ASP A OD2 1 
ATOM   926  N  N   . GLU A 1 123 ? -9.052  9.666   -12.211 1.00 33.90  ? 123 GLU A N   1 
ATOM   927  C  CA  . GLU A 1 123 ? -7.768  9.643   -12.901 1.00 31.20  ? 123 GLU A CA  1 
ATOM   928  C  C   . GLU A 1 123 ? -6.973  8.425   -12.473 1.00 26.80  ? 123 GLU A C   1 
ATOM   929  O  O   . GLU A 1 123 ? -6.259  7.832   -13.280 1.00 24.40  ? 123 GLU A O   1 
ATOM   930  C  CB  . GLU A 1 123 ? -6.970  10.893  -12.581 1.00 35.90  ? 123 GLU A CB  1 
ATOM   931  C  CG  . GLU A 1 123 ? -7.474  12.137  -13.305 1.00 44.40  ? 123 GLU A CG  1 
ATOM   932  C  CD  . GLU A 1 123 ? -6.840  13.421  -12.791 1.00 49.10  ? 123 GLU A CD  1 
ATOM   933  O  OE1 . GLU A 1 123 ? -5.793  13.814  -13.304 1.00 51.50  ? 123 GLU A OE1 1 
ATOM   934  O  OE2 . GLU A 1 123 ? -7.389  14.022  -11.867 1.00 52.60  ? 123 GLU A OE2 1 
ATOM   935  N  N   . MET A 1 124 ? -7.106  8.024   -11.203 1.00 25.20  ? 124 MET A N   1 
ATOM   936  C  CA  . MET A 1 124 ? -6.457  6.814   -10.730 1.00 24.60  ? 124 MET A CA  1 
ATOM   937  C  C   . MET A 1 124 ? -7.030  5.589   -11.428 1.00 25.00  ? 124 MET A C   1 
ATOM   938  O  O   . MET A 1 124 ? -6.267  4.725   -11.861 1.00 25.80  ? 124 MET A O   1 
ATOM   939  C  CB  . MET A 1 124 ? -6.636  6.676   -9.233  1.00 25.60  ? 124 MET A CB  1 
ATOM   940  C  CG  . MET A 1 124 ? -5.772  7.655   -8.460  1.00 26.50  ? 124 MET A CG  1 
ATOM   941  S  SD  . MET A 1 124 ? -5.878  7.372   -6.681  1.00 29.30  ? 124 MET A SD  1 
ATOM   942  C  CE  . MET A 1 124 ? -6.983  8.685   -6.310  1.00 28.20  ? 124 MET A CE  1 
ATOM   943  N  N   . ILE A 1 125 ? -8.362  5.530   -11.608 1.00 24.90  ? 125 ILE A N   1 
ATOM   944  C  CA  . ILE A 1 125 ? -9.017  4.436   -12.315 1.00 24.70  ? 125 ILE A CA  1 
ATOM   945  C  C   . ILE A 1 125 ? -8.514  4.420   -13.749 1.00 24.60  ? 125 ILE A C   1 
ATOM   946  O  O   . ILE A 1 125 ? -8.123  3.360   -14.234 1.00 25.60  ? 125 ILE A O   1 
ATOM   947  C  CB  . ILE A 1 125 ? -10.572 4.623   -12.259 1.00 24.00  ? 125 ILE A CB  1 
ATOM   948  C  CG1 . ILE A 1 125 ? -11.075 4.324   -10.854 1.00 23.60  ? 125 ILE A CG1 1 
ATOM   949  C  CG2 . ILE A 1 125 ? -11.272 3.692   -13.243 1.00 24.60  ? 125 ILE A CG2 1 
ATOM   950  C  CD1 . ILE A 1 125 ? -10.839 2.875   -10.345 1.00 25.70  ? 125 ILE A CD1 1 
ATOM   951  N  N   . ARG A 1 126 ? -8.460  5.597   -14.395 1.00 27.70  ? 126 ARG A N   1 
ATOM   952  C  CA  . ARG A 1 126 ? -7.956  5.719   -15.760 1.00 30.50  ? 126 ARG A CA  1 
ATOM   953  C  C   . ARG A 1 126 ? -6.527  5.256   -15.963 1.00 28.40  ? 126 ARG A C   1 
ATOM   954  O  O   . ARG A 1 126 ? -6.206  4.721   -17.022 1.00 28.50  ? 126 ARG A O   1 
ATOM   955  C  CB  . ARG A 1 126 ? -8.055  7.157   -16.237 1.00 35.50  ? 126 ARG A CB  1 
ATOM   956  C  CG  . ARG A 1 126 ? -9.440  7.453   -16.783 1.00 45.30  ? 126 ARG A CG  1 
ATOM   957  C  CD  . ARG A 1 126 ? -9.518  8.864   -17.344 1.00 52.90  ? 126 ARG A CD  1 
ATOM   958  N  NE  . ARG A 1 126 ? -9.589  9.866   -16.291 1.00 59.80  ? 126 ARG A NE  1 
ATOM   959  C  CZ  . ARG A 1 126 ? -10.729 10.501  -15.986 1.00 63.70  ? 126 ARG A CZ  1 
ATOM   960  N  NH1 . ARG A 1 126 ? -11.883 10.248  -16.614 1.00 64.40  ? 126 ARG A NH1 1 
ATOM   961  N  NH2 . ARG A 1 126 ? -10.720 11.410  -15.011 1.00 66.10  ? 126 ARG A NH2 1 
ATOM   962  N  N   . GLU A 1 127 ? -5.660  5.426   -14.957 1.00 27.80  ? 127 GLU A N   1 
ATOM   963  C  CA  . GLU A 1 127 ? -4.290  4.928   -15.030 1.00 26.60  ? 127 GLU A CA  1 
ATOM   964  C  C   . GLU A 1 127 ? -4.213  3.411   -15.084 1.00 24.80  ? 127 GLU A C   1 
ATOM   965  O  O   . GLU A 1 127 ? -3.448  2.860   -15.877 1.00 25.30  ? 127 GLU A O   1 
ATOM   966  C  CB  . GLU A 1 127 ? -3.475  5.381   -13.826 1.00 30.20  ? 127 GLU A CB  1 
ATOM   967  C  CG  . GLU A 1 127 ? -3.034  6.831   -13.890 1.00 36.50  ? 127 GLU A CG  1 
ATOM   968  C  CD  . GLU A 1 127 ? -2.151  7.166   -15.085 1.00 40.80  ? 127 GLU A CD  1 
ATOM   969  O  OE1 . GLU A 1 127 ? -1.161  6.470   -15.325 1.00 42.60  ? 127 GLU A OE1 1 
ATOM   970  O  OE2 . GLU A 1 127 ? -2.462  8.132   -15.780 1.00 44.30  ? 127 GLU A OE2 1 
ATOM   971  N  N   . ALA A 1 128 ? -5.025  2.723   -14.270 1.00 22.20  ? 128 ALA A N   1 
ATOM   972  C  CA  . ALA A 1 128 ? -5.003  1.270   -14.213 1.00 18.00  ? 128 ALA A CA  1 
ATOM   973  C  C   . ALA A 1 128 ? -5.852  0.556   -15.246 1.00 18.80  ? 128 ALA A C   1 
ATOM   974  O  O   . ALA A 1 128 ? -5.622  -0.611  -15.567 1.00 18.50  ? 128 ALA A O   1 
ATOM   975  C  CB  . ALA A 1 128 ? -5.461  0.838   -12.842 1.00 21.90  ? 128 ALA A CB  1 
ATOM   976  N  N   . ASP A 1 129 ? -6.838  1.267   -15.798 1.00 19.30  ? 129 ASP A N   1 
ATOM   977  C  CA  . ASP A 1 129 ? -7.766  0.692   -16.758 1.00 17.20  ? 129 ASP A CA  1 
ATOM   978  C  C   . ASP A 1 129 ? -7.165  0.482   -18.148 1.00 18.00  ? 129 ASP A C   1 
ATOM   979  O  O   . ASP A 1 129 ? -6.933  1.429   -18.894 1.00 24.40  ? 129 ASP A O   1 
ATOM   980  C  CB  . ASP A 1 129 ? -8.986  1.621   -16.785 1.00 15.70  ? 129 ASP A CB  1 
ATOM   981  C  CG  . ASP A 1 129 ? -10.212 1.192   -17.581 1.00 14.00  ? 129 ASP A CG  1 
ATOM   982  O  OD1 . ASP A 1 129 ? -10.297 0.074   -18.062 1.00 13.70  ? 129 ASP A OD1 1 
ATOM   983  O  OD2 . ASP A 1 129 ? -11.103 2.007   -17.738 1.00 14.90  ? 129 ASP A OD2 1 
ATOM   984  N  N   . ILE A 1 130 ? -6.905  -0.782  -18.504 1.00 16.90  ? 130 ILE A N   1 
ATOM   985  C  CA  . ILE A 1 130 ? -6.368  -1.152  -19.806 1.00 16.90  ? 130 ILE A CA  1 
ATOM   986  C  C   . ILE A 1 130 ? -7.440  -1.245  -20.892 1.00 17.50  ? 130 ILE A C   1 
ATOM   987  O  O   . ILE A 1 130 ? -7.300  -0.619  -21.942 1.00 14.80  ? 130 ILE A O   1 
ATOM   988  C  CB  . ILE A 1 130 ? -5.612  -2.497  -19.637 1.00 17.30  ? 130 ILE A CB  1 
ATOM   989  C  CG1 . ILE A 1 130 ? -4.388  -2.262  -18.759 1.00 17.50  ? 130 ILE A CG1 1 
ATOM   990  C  CG2 . ILE A 1 130 ? -5.197  -3.074  -20.984 1.00 17.40  ? 130 ILE A CG2 1 
ATOM   991  C  CD1 . ILE A 1 130 ? -3.619  -3.558  -18.437 1.00 21.20  ? 130 ILE A CD1 1 
ATOM   992  N  N   . ASP A 1 131 ? -8.533  -2.003  -20.693 1.00 19.30  ? 131 ASP A N   1 
ATOM   993  C  CA  . ASP A 1 131 ? -9.541  -2.171  -21.742 1.00 16.40  ? 131 ASP A CA  1 
ATOM   994  C  C   . ASP A 1 131 ? -10.530 -1.033  -21.946 1.00 15.10  ? 131 ASP A C   1 
ATOM   995  O  O   . ASP A 1 131 ? -11.230 -0.991  -22.952 1.00 18.30  ? 131 ASP A O   1 
ATOM   996  C  CB  . ASP A 1 131 ? -10.307 -3.472  -21.489 1.00 17.00  ? 131 ASP A CB  1 
ATOM   997  C  CG  . ASP A 1 131 ? -10.957 -3.624  -20.124 1.00 18.20  ? 131 ASP A CG  1 
ATOM   998  O  OD1 . ASP A 1 131 ? -11.482 -2.659  -19.572 1.00 18.50  ? 131 ASP A OD1 1 
ATOM   999  O  OD2 . ASP A 1 131 ? -10.936 -4.738  -19.613 1.00 25.40  ? 131 ASP A OD2 1 
ATOM   1000 N  N   . GLY A 1 132 ? -10.622 -0.110  -20.995 1.00 13.50  ? 132 GLY A N   1 
ATOM   1001 C  CA  . GLY A 1 132 ? -11.492 1.041   -21.124 1.00 16.70  ? 132 GLY A CA  1 
ATOM   1002 C  C   . GLY A 1 132 ? -12.907 0.905   -20.565 1.00 17.70  ? 132 GLY A C   1 
ATOM   1003 O  O   . GLY A 1 132 ? -13.714 1.786   -20.854 1.00 15.90  ? 132 GLY A O   1 
ATOM   1004 N  N   . ASP A 1 133 ? -13.279 -0.105  -19.762 1.00 19.60  ? 133 ASP A N   1 
ATOM   1005 C  CA  . ASP A 1 133 ? -14.650 -0.198  -19.243 1.00 19.30  ? 133 ASP A CA  1 
ATOM   1006 C  C   . ASP A 1 133 ? -14.971 0.687   -18.044 1.00 18.60  ? 133 ASP A C   1 
ATOM   1007 O  O   . ASP A 1 133 ? -16.096 0.701   -17.556 1.00 19.50  ? 133 ASP A O   1 
ATOM   1008 C  CB  . ASP A 1 133 ? -14.957 -1.658  -18.891 1.00 20.10  ? 133 ASP A CB  1 
ATOM   1009 C  CG  . ASP A 1 133 ? -14.165 -2.307  -17.770 1.00 19.90  ? 133 ASP A CG  1 
ATOM   1010 O  OD1 . ASP A 1 133 ? -13.438 -1.635  -17.061 1.00 24.90  ? 133 ASP A OD1 1 
ATOM   1011 O  OD2 . ASP A 1 133 ? -14.286 -3.506  -17.589 1.00 22.80  ? 133 ASP A OD2 1 
ATOM   1012 N  N   . GLY A 1 134 ? -13.973 1.403   -17.514 1.00 18.30  ? 134 GLY A N   1 
ATOM   1013 C  CA  . GLY A 1 134 ? -14.161 2.334   -16.405 1.00 16.10  ? 134 GLY A CA  1 
ATOM   1014 C  C   . GLY A 1 134 ? -13.949 1.719   -15.026 1.00 15.70  ? 134 GLY A C   1 
ATOM   1015 O  O   . GLY A 1 134 ? -14.217 2.355   -14.008 1.00 16.40  ? 134 GLY A O   1 
ATOM   1016 N  N   . GLN A 1 135 ? -13.461 0.478   -14.978 1.00 16.10  ? 135 GLN A N   1 
ATOM   1017 C  CA  . GLN A 1 135 ? -13.242 -0.256  -13.737 1.00 17.00  ? 135 GLN A CA  1 
ATOM   1018 C  C   . GLN A 1 135 ? -11.901 -0.960  -13.792 1.00 16.40  ? 135 GLN A C   1 
ATOM   1019 O  O   . GLN A 1 135 ? -11.308 -1.030  -14.864 1.00 17.70  ? 135 GLN A O   1 
ATOM   1020 C  CB  . GLN A 1 135 ? -14.309 -1.326  -13.521 1.00 15.40  ? 135 GLN A CB  1 
ATOM   1021 C  CG  . GLN A 1 135 ? -15.694 -0.747  -13.549 1.00 15.60  ? 135 GLN A CG  1 
ATOM   1022 C  CD  . GLN A 1 135 ? -16.708 -1.626  -12.855 1.00 17.30  ? 135 GLN A CD  1 
ATOM   1023 O  OE1 . GLN A 1 135 ? -17.134 -2.662  -13.360 1.00 18.70  ? 135 GLN A OE1 1 
ATOM   1024 N  NE2 . GLN A 1 135 ? -17.078 -1.172  -11.665 1.00 16.40  ? 135 GLN A NE2 1 
ATOM   1025 N  N   . VAL A 1 136 ? -11.399 -1.513  -12.677 1.00 17.70  ? 136 VAL A N   1 
ATOM   1026 C  CA  . VAL A 1 136 ? -10.120 -2.218  -12.688 1.00 17.90  ? 136 VAL A CA  1 
ATOM   1027 C  C   . VAL A 1 136 ? -10.336 -3.689  -12.336 1.00 16.90  ? 136 VAL A C   1 
ATOM   1028 O  O   . VAL A 1 136 ? -10.707 -4.008  -11.211 1.00 16.90  ? 136 VAL A O   1 
ATOM   1029 C  CB  . VAL A 1 136 ? -9.109  -1.562  -11.672 1.00 17.90  ? 136 VAL A CB  1 
ATOM   1030 C  CG1 . VAL A 1 136 ? -7.761  -2.276  -11.728 1.00 16.30  ? 136 VAL A CG1 1 
ATOM   1031 C  CG2 . VAL A 1 136 ? -8.849  -0.108  -12.033 1.00 16.30  ? 136 VAL A CG2 1 
ATOM   1032 N  N   . ASN A 1 137 ? -10.127 -4.627  -13.259 1.00 15.50  ? 137 ASN A N   1 
ATOM   1033 C  CA  . ASN A 1 137 ? -10.244 -6.022  -12.883 1.00 17.30  ? 137 ASN A CA  1 
ATOM   1034 C  C   . ASN A 1 137 ? -8.936  -6.548  -12.294 1.00 19.80  ? 137 ASN A C   1 
ATOM   1035 O  O   . ASN A 1 137 ? -7.990  -5.781  -12.073 1.00 19.80  ? 137 ASN A O   1 
ATOM   1036 C  CB  . ASN A 1 137 ? -10.691 -6.834  -14.115 1.00 17.30  ? 137 ASN A CB  1 
ATOM   1037 C  CG  . ASN A 1 137 ? -9.779  -6.952  -15.321 1.00 21.90  ? 137 ASN A CG  1 
ATOM   1038 O  OD1 . ASN A 1 137 ? -8.564  -6.794  -15.277 1.00 21.90  ? 137 ASN A OD1 1 
ATOM   1039 N  ND2 . ASN A 1 137 ? -10.370 -7.303  -16.451 1.00 22.10  ? 137 ASN A ND2 1 
ATOM   1040 N  N   . TYR A 1 138 ? -8.863  -7.852  -12.014 1.00 19.70  ? 138 TYR A N   1 
ATOM   1041 C  CA  . TYR A 1 138 ? -7.689  -8.450  -11.409 1.00 20.80  ? 138 TYR A CA  1 
ATOM   1042 C  C   . TYR A 1 138 ? -6.453  -8.420  -12.295 1.00 23.00  ? 138 TYR A C   1 
ATOM   1043 O  O   . TYR A 1 138 ? -5.363  -8.095  -11.828 1.00 25.10  ? 138 TYR A O   1 
ATOM   1044 C  CB  . TYR A 1 138 ? -7.991  -9.897  -11.027 1.00 22.20  ? 138 TYR A CB  1 
ATOM   1045 C  CG  . TYR A 1 138 ? -6.822  -10.517 -10.281 1.00 25.00  ? 138 TYR A CG  1 
ATOM   1046 C  CD1 . TYR A 1 138 ? -6.403  -9.957  -9.072  1.00 27.10  ? 138 TYR A CD1 1 
ATOM   1047 C  CD2 . TYR A 1 138 ? -6.133  -11.595 -10.836 1.00 27.00  ? 138 TYR A CD2 1 
ATOM   1048 C  CE1 . TYR A 1 138 ? -5.288  -10.470 -8.413  1.00 31.30  ? 138 TYR A CE1 1 
ATOM   1049 C  CE2 . TYR A 1 138 ? -5.014  -12.113 -10.176 1.00 31.40  ? 138 TYR A CE2 1 
ATOM   1050 C  CZ  . TYR A 1 138 ? -4.599  -11.546 -8.969  1.00 31.80  ? 138 TYR A CZ  1 
ATOM   1051 O  OH  . TYR A 1 138 ? -3.485  -12.044 -8.322  1.00 36.70  ? 138 TYR A OH  1 
ATOM   1052 N  N   . GLU A 1 139 ? -6.618  -8.740  -13.576 1.00 22.80  ? 139 GLU A N   1 
ATOM   1053 C  CA  . GLU A 1 139 ? -5.521  -8.801  -14.520 1.00 23.10  ? 139 GLU A CA  1 
ATOM   1054 C  C   . GLU A 1 139 ? -4.903  -7.421  -14.726 1.00 23.20  ? 139 GLU A C   1 
ATOM   1055 O  O   . GLU A 1 139 ? -3.697  -7.319  -14.915 1.00 25.00  ? 139 GLU A O   1 
ATOM   1056 C  CB  . GLU A 1 139 ? -6.024  -9.349  -15.848 1.00 26.90  ? 139 GLU A CB  1 
ATOM   1057 C  CG  . GLU A 1 139 ? -6.765  -10.701 -15.847 1.00 37.60  ? 139 GLU A CG  1 
ATOM   1058 C  CD  . GLU A 1 139 ? -8.180  -10.731 -15.243 1.00 41.70  ? 139 GLU A CD  1 
ATOM   1059 O  OE1 . GLU A 1 139 ? -9.040  -9.948  -15.652 1.00 41.90  ? 139 GLU A OE1 1 
ATOM   1060 O  OE2 . GLU A 1 139 ? -8.427  -11.546 -14.354 1.00 46.60  ? 139 GLU A OE2 1 
ATOM   1061 N  N   . GLU A 1 140 ? -5.686  -6.340  -14.643 1.00 20.30  ? 140 GLU A N   1 
ATOM   1062 C  CA  . GLU A 1 140 ? -5.183  -4.979  -14.736 1.00 19.30  ? 140 GLU A CA  1 
ATOM   1063 C  C   . GLU A 1 140 ? -4.490  -4.538  -13.466 1.00 21.50  ? 140 GLU A C   1 
ATOM   1064 O  O   . GLU A 1 140 ? -3.567  -3.728  -13.517 1.00 23.10  ? 140 GLU A O   1 
ATOM   1065 C  CB  . GLU A 1 140 ? -6.298  -4.009  -14.997 1.00 18.20  ? 140 GLU A CB  1 
ATOM   1066 C  CG  . GLU A 1 140 ? -6.917  -4.253  -16.363 1.00 19.30  ? 140 GLU A CG  1 
ATOM   1067 C  CD  . GLU A 1 140 ? -8.206  -3.494  -16.612 1.00 18.20  ? 140 GLU A CD  1 
ATOM   1068 O  OE1 . GLU A 1 140 ? -8.882  -3.123  -15.655 1.00 16.30  ? 140 GLU A OE1 1 
ATOM   1069 O  OE2 . GLU A 1 140 ? -8.536  -3.284  -17.777 1.00 17.10  ? 140 GLU A OE2 1 
ATOM   1070 N  N   . PHE A 1 141 ? -4.952  -5.049  -12.319 1.00 21.30  ? 141 PHE A N   1 
ATOM   1071 C  CA  . PHE A 1 141 ? -4.340  -4.772  -11.025 1.00 22.50  ? 141 PHE A CA  1 
ATOM   1072 C  C   . PHE A 1 141 ? -2.936  -5.381  -10.975 1.00 24.20  ? 141 PHE A C   1 
ATOM   1073 O  O   . PHE A 1 141 ? -1.994  -4.723  -10.535 1.00 24.40  ? 141 PHE A O   1 
ATOM   1074 C  CB  . PHE A 1 141 ? -5.231  -5.364  -9.939  1.00 20.00  ? 141 PHE A CB  1 
ATOM   1075 C  CG  . PHE A 1 141 ? -4.936  -4.953  -8.509  1.00 14.70  ? 141 PHE A CG  1 
ATOM   1076 C  CD1 . PHE A 1 141 ? -5.494  -3.783  -8.007  1.00 13.20  ? 141 PHE A CD1 1 
ATOM   1077 C  CD2 . PHE A 1 141 ? -4.154  -5.771  -7.693  1.00 15.50  ? 141 PHE A CD2 1 
ATOM   1078 C  CE1 . PHE A 1 141 ? -5.275  -3.433  -6.676  1.00 14.50  ? 141 PHE A CE1 1 
ATOM   1079 C  CE2 . PHE A 1 141 ? -3.938  -5.412  -6.366  1.00 14.50  ? 141 PHE A CE2 1 
ATOM   1080 C  CZ  . PHE A 1 141 ? -4.501  -4.244  -5.856  1.00 14.20  ? 141 PHE A CZ  1 
ATOM   1081 N  N   . VAL A 1 142 ? -2.807  -6.625  -11.467 1.00 25.40  ? 142 VAL A N   1 
ATOM   1082 C  CA  . VAL A 1 142 ? -1.547  -7.351  -11.523 1.00 28.60  ? 142 VAL A CA  1 
ATOM   1083 C  C   . VAL A 1 142 ? -0.595  -6.613  -12.450 1.00 32.50  ? 142 VAL A C   1 
ATOM   1084 O  O   . VAL A 1 142 ? 0.506   -6.301  -12.015 1.00 34.40  ? 142 VAL A O   1 
ATOM   1085 C  CB  . VAL A 1 142 ? -1.758  -8.791  -12.051 1.00 26.00  ? 142 VAL A CB  1 
ATOM   1086 C  CG1 . VAL A 1 142 ? -0.447  -9.554  -12.165 1.00 28.80  ? 142 VAL A CG1 1 
ATOM   1087 C  CG2 . VAL A 1 142 ? -2.624  -9.539  -11.079 1.00 24.40  ? 142 VAL A CG2 1 
ATOM   1088 N  N   . GLN A 1 143 ? -0.997  -6.287  -13.690 1.00 34.40  ? 143 GLN A N   1 
ATOM   1089 C  CA  . GLN A 1 143 ? -0.137  -5.584  -14.638 1.00 37.90  ? 143 GLN A CA  1 
ATOM   1090 C  C   . GLN A 1 143 ? 0.396   -4.258  -14.134 1.00 37.70  ? 143 GLN A C   1 
ATOM   1091 O  O   . GLN A 1 143 ? 1.552   -3.906  -14.365 1.00 39.10  ? 143 GLN A O   1 
ATOM   1092 C  CB  . GLN A 1 143 ? -0.875  -5.327  -15.945 1.00 40.30  ? 143 GLN A CB  1 
ATOM   1093 C  CG  . GLN A 1 143 ? -1.158  -6.598  -16.726 1.00 46.10  ? 143 GLN A CG  1 
ATOM   1094 C  CD  . GLN A 1 143 ? 0.087   -7.357  -17.159 1.00 50.30  ? 143 GLN A CD  1 
ATOM   1095 O  OE1 . GLN A 1 143 ? 0.653   -8.169  -16.420 1.00 50.40  ? 143 GLN A OE1 1 
ATOM   1096 N  NE2 . GLN A 1 143 ? 0.517   -7.093  -18.394 1.00 53.20  ? 143 GLN A NE2 1 
ATOM   1097 N  N   . MET A 1 144 ? -0.459  -3.561  -13.389 1.00 37.50  ? 144 MET A N   1 
ATOM   1098 C  CA  . MET A 1 144 ? -0.117  -2.312  -12.739 1.00 38.60  ? 144 MET A CA  1 
ATOM   1099 C  C   . MET A 1 144 ? 1.034   -2.434  -11.749 1.00 39.20  ? 144 MET A C   1 
ATOM   1100 O  O   . MET A 1 144 ? 1.836   -1.516  -11.594 1.00 36.70  ? 144 MET A O   1 
ATOM   1101 C  CB  . MET A 1 144 ? -1.339  -1.825  -12.036 1.00 39.50  ? 144 MET A CB  1 
ATOM   1102 C  CG  . MET A 1 144 ? -1.899  -0.602  -12.693 1.00 43.50  ? 144 MET A CG  1 
ATOM   1103 S  SD  . MET A 1 144 ? -1.073  0.851   -12.034 1.00 45.80  ? 144 MET A SD  1 
ATOM   1104 C  CE  . MET A 1 144 ? -1.702  0.623   -10.397 1.00 45.30  ? 144 MET A CE  1 
ATOM   1105 N  N   . MET A 1 145 ? 1.099   -3.588  -11.079 1.00 40.80  ? 145 MET A N   1 
ATOM   1106 C  CA  . MET A 1 145 ? 2.151   -3.858  -10.121 1.00 43.20  ? 145 MET A CA  1 
ATOM   1107 C  C   . MET A 1 145 ? 3.299   -4.648  -10.717 1.00 44.90  ? 145 MET A C   1 
ATOM   1108 O  O   . MET A 1 145 ? 4.391   -4.630  -10.152 1.00 48.10  ? 145 MET A O   1 
ATOM   1109 C  CB  . MET A 1 145 ? 1.638   -4.655  -8.920  1.00 42.40  ? 145 MET A CB  1 
ATOM   1110 C  CG  . MET A 1 145 ? 0.479   -4.068  -8.142  1.00 41.90  ? 145 MET A CG  1 
ATOM   1111 S  SD  . MET A 1 145 ? 0.566   -2.282  -7.859  1.00 47.00  ? 145 MET A SD  1 
ATOM   1112 C  CE  . MET A 1 145 ? 2.023   -2.103  -6.868  1.00 46.10  ? 145 MET A CE  1 
ATOM   1113 N  N   . THR A 1 146 ? 3.107   -5.339  -11.844 1.00 46.30  ? 146 THR A N   1 
ATOM   1114 C  CA  . THR A 1 146 ? 4.152   -6.176  -12.410 1.00 48.20  ? 146 THR A CA  1 
ATOM   1115 C  C   . THR A 1 146 ? 4.575   -5.724  -13.800 1.00 49.50  ? 146 THR A C   1 
ATOM   1116 O  O   . THR A 1 146 ? 5.511   -4.931  -13.870 1.00 50.20  ? 146 THR A O   1 
ATOM   1117 C  CB  . THR A 1 146 ? 3.682   -7.650  -12.468 1.00 48.90  ? 146 THR A CB  1 
ATOM   1118 O  OG1 . THR A 1 146 ? 2.555   -7.693  -13.332 1.00 51.70  ? 146 THR A OG1 1 
ATOM   1119 C  CG2 . THR A 1 146 ? 3.332   -8.212  -11.091 1.00 48.50  ? 146 THR A CG2 1 
ATOM   1120 N  N   . PHE B 2 4   ? -0.791  16.588  -8.835  1.00 59.00  ? 293 PHE B N   1 
ATOM   1121 C  CA  . PHE B 2 4   ? -1.328  15.259  -8.591  1.00 57.10  ? 293 PHE B CA  1 
ATOM   1122 C  C   . PHE B 2 4   ? -0.769  14.253  -9.591  1.00 54.60  ? 293 PHE B C   1 
ATOM   1123 O  O   . PHE B 2 4   ? -0.766  14.459  -10.811 1.00 55.30  ? 293 PHE B O   1 
ATOM   1124 C  CB  . PHE B 2 4   ? -2.875  15.289  -8.688  1.00 59.80  ? 293 PHE B CB  1 
ATOM   1125 C  CG  . PHE B 2 4   ? -3.573  13.964  -8.371  1.00 61.00  ? 293 PHE B CG  1 
ATOM   1126 C  CD1 . PHE B 2 4   ? -3.635  13.499  -7.051  1.00 61.90  ? 293 PHE B CD1 1 
ATOM   1127 C  CD2 . PHE B 2 4   ? -4.142  13.208  -9.404  1.00 60.30  ? 293 PHE B CD2 1 
ATOM   1128 C  CE1 . PHE B 2 4   ? -4.258  12.280  -6.769  1.00 61.10  ? 293 PHE B CE1 1 
ATOM   1129 C  CE2 . PHE B 2 4   ? -4.759  11.993  -9.110  1.00 60.70  ? 293 PHE B CE2 1 
ATOM   1130 C  CZ  . PHE B 2 4   ? -4.820  11.528  -7.798  1.00 60.60  ? 293 PHE B CZ  1 
ATOM   1131 N  N   . ASN B 2 5   ? -0.270  13.151  -9.022  1.00 50.20  ? 294 ASN B N   1 
ATOM   1132 C  CA  . ASN B 2 5   ? 0.208   12.047  -9.824  1.00 45.30  ? 294 ASN B CA  1 
ATOM   1133 C  C   . ASN B 2 5   ? -0.626  10.855  -9.386  1.00 42.60  ? 294 ASN B C   1 
ATOM   1134 O  O   . ASN B 2 5   ? -0.495  10.327  -8.278  1.00 42.70  ? 294 ASN B O   1 
ATOM   1135 C  CB  . ASN B 2 5   ? 1.682   11.791  -9.560  1.00 44.70  ? 294 ASN B CB  1 
ATOM   1136 C  CG  . ASN B 2 5   ? 2.321   11.065  -10.730 1.00 45.40  ? 294 ASN B CG  1 
ATOM   1137 O  OD1 . ASN B 2 5   ? 2.328   9.838   -10.822 1.00 43.50  ? 294 ASN B OD1 1 
ATOM   1138 N  ND2 . ASN B 2 5   ? 2.860   11.830  -11.675 1.00 46.60  ? 294 ASN B ND2 1 
ATOM   1139 N  N   . ALA B 2 6   ? -1.527  10.500  -10.307 1.00 38.60  ? 295 ALA B N   1 
ATOM   1140 C  CA  . ALA B 2 6   ? -2.469  9.409   -10.131 1.00 34.30  ? 295 ALA B CA  1 
ATOM   1141 C  C   . ALA B 2 6   ? -1.838  8.040   -10.001 1.00 32.40  ? 295 ALA B C   1 
ATOM   1142 O  O   . ALA B 2 6   ? -2.179  7.302   -9.084  1.00 31.00  ? 295 ALA B O   1 
ATOM   1143 C  CB  . ALA B 2 6   ? -3.423  9.384   -11.302 1.00 34.10  ? 295 ALA B CB  1 
ATOM   1144 N  N   . ARG B 2 7   ? -0.901  7.702   -10.892 1.00 31.50  ? 296 ARG B N   1 
ATOM   1145 C  CA  . ARG B 2 7   ? -0.213  6.425   -10.852 1.00 34.00  ? 296 ARG B CA  1 
ATOM   1146 C  C   . ARG B 2 7   ? 0.597   6.206   -9.589  1.00 33.40  ? 296 ARG B C   1 
ATOM   1147 O  O   . ARG B 2 7   ? 0.637   5.078   -9.107  1.00 32.10  ? 296 ARG B O   1 
ATOM   1148 C  CB  . ARG B 2 7   ? 0.694   6.310   -12.081 1.00 37.40  ? 296 ARG B CB  1 
ATOM   1149 C  CG  . ARG B 2 7   ? 1.825   5.279   -12.020 1.00 44.30  ? 296 ARG B CG  1 
ATOM   1150 C  CD  . ARG B 2 7   ? 2.105   4.645   -13.363 1.00 48.60  ? 296 ARG B CD  1 
ATOM   1151 N  NE  . ARG B 2 7   ? 1.091   3.644   -13.639 1.00 53.80  ? 296 ARG B NE  1 
ATOM   1152 C  CZ  . ARG B 2 7   ? 0.935   3.094   -14.841 1.00 55.80  ? 296 ARG B CZ  1 
ATOM   1153 N  NH1 . ARG B 2 7   ? 1.688   3.455   -15.879 1.00 59.40  ? 296 ARG B NH1 1 
ATOM   1154 N  NH2 . ARG B 2 7   ? -0.015  2.176   -15.011 1.00 57.10  ? 296 ARG B NH2 1 
ATOM   1155 N  N   . ARG B 2 8   ? 1.241   7.242   -9.049  1.00 33.50  ? 297 ARG B N   1 
ATOM   1156 C  CA  . ARG B 2 8   ? 2.018   7.081   -7.836  1.00 36.00  ? 297 ARG B CA  1 
ATOM   1157 C  C   . ARG B 2 8   ? 1.196   7.076   -6.563  1.00 33.20  ? 297 ARG B C   1 
ATOM   1158 O  O   . ARG B 2 8   ? 1.553   6.386   -5.610  1.00 32.50  ? 297 ARG B O   1 
ATOM   1159 C  CB  . ARG B 2 8   ? 3.074   8.165   -7.822  1.00 41.40  ? 297 ARG B CB  1 
ATOM   1160 C  CG  . ARG B 2 8   ? 4.224   7.450   -8.508  1.00 53.80  ? 297 ARG B CG  1 
ATOM   1161 C  CD  . ARG B 2 8   ? 5.381   8.264   -9.075  1.00 63.80  ? 297 ARG B CD  1 
ATOM   1162 N  NE  . ARG B 2 8   ? 5.261   8.608   -10.491 1.00 70.80  ? 297 ARG B NE  1 
ATOM   1163 C  CZ  . ARG B 2 8   ? 5.215   7.701   -11.481 1.00 73.70  ? 297 ARG B CZ  1 
ATOM   1164 N  NH1 . ARG B 2 8   ? 5.261   6.385   -11.256 1.00 75.00  ? 297 ARG B NH1 1 
ATOM   1165 N  NH2 . ARG B 2 8   ? 5.112   8.125   -12.740 1.00 74.70  ? 297 ARG B NH2 1 
ATOM   1166 N  N   . LYS B 2 9   ? 0.080   7.806   -6.535  1.00 31.50  ? 298 LYS B N   1 
ATOM   1167 C  CA  . LYS B 2 9   ? -0.861  7.737   -5.423  1.00 31.60  ? 298 LYS B CA  1 
ATOM   1168 C  C   . LYS B 2 9   ? -1.523  6.363   -5.349  1.00 28.50  ? 298 LYS B C   1 
ATOM   1169 O  O   . LYS B 2 9   ? -1.697  5.805   -4.270  1.00 29.10  ? 298 LYS B O   1 
ATOM   1170 C  CB  . LYS B 2 9   ? -1.941  8.785   -5.592  1.00 33.80  ? 298 LYS B CB  1 
ATOM   1171 C  CG  . LYS B 2 9   ? -1.742  10.048  -4.786  1.00 39.60  ? 298 LYS B CG  1 
ATOM   1172 C  CD  . LYS B 2 9   ? -2.189  9.795   -3.351  1.00 43.30  ? 298 LYS B CD  1 
ATOM   1173 C  CE  . LYS B 2 9   ? -2.121  11.066  -2.519  1.00 45.90  ? 298 LYS B CE  1 
ATOM   1174 N  NZ  . LYS B 2 9   ? -0.766  11.590  -2.487  1.00 50.80  ? 298 LYS B NZ  1 
ATOM   1175 N  N   . LEU B 2 10  ? -1.860  5.806   -6.514  1.00 25.80  ? 299 LEU B N   1 
ATOM   1176 C  CA  . LEU B 2 10  ? -2.503  4.512   -6.625  1.00 24.70  ? 299 LEU B CA  1 
ATOM   1177 C  C   . LEU B 2 10  ? -1.556  3.373   -6.307  1.00 23.30  ? 299 LEU B C   1 
ATOM   1178 O  O   . LEU B 2 10  ? -1.900  2.522   -5.491  1.00 21.20  ? 299 LEU B O   1 
ATOM   1179 C  CB  . LEU B 2 10  ? -3.058  4.346   -8.040  1.00 25.60  ? 299 LEU B CB  1 
ATOM   1180 C  CG  . LEU B 2 10  ? -3.643  3.012   -8.507  1.00 26.20  ? 299 LEU B CG  1 
ATOM   1181 C  CD1 . LEU B 2 10  ? -4.796  2.579   -7.617  1.00 27.50  ? 299 LEU B CD1 1 
ATOM   1182 C  CD2 . LEU B 2 10  ? -4.118  3.175   -9.936  1.00 26.60  ? 299 LEU B CD2 1 
ATOM   1183 N  N   . LYS B 2 11  ? -0.373  3.333   -6.930  1.00 22.10  ? 300 LYS B N   1 
ATOM   1184 C  CA  . LYS B 2 11  ? 0.591   2.282   -6.648  1.00 24.70  ? 300 LYS B CA  1 
ATOM   1185 C  C   . LYS B 2 11  ? 1.159   2.376   -5.239  1.00 21.80  ? 300 LYS B C   1 
ATOM   1186 O  O   . LYS B 2 11  ? 1.549   1.351   -4.692  1.00 23.60  ? 300 LYS B O   1 
ATOM   1187 C  CB  . LYS B 2 11  ? 1.734   2.325   -7.651  1.00 27.10  ? 300 LYS B CB  1 
ATOM   1188 C  CG  . LYS B 2 11  ? 1.268   1.929   -9.044  1.00 30.20  ? 300 LYS B CG  1 
ATOM   1189 C  CD  . LYS B 2 11  ? 2.350   2.153   -10.087 1.00 34.20  ? 300 LYS B CD  1 
ATOM   1190 C  CE  . LYS B 2 11  ? 3.212   0.931   -10.382 1.00 37.60  ? 300 LYS B CE  1 
ATOM   1191 N  NZ  . LYS B 2 11  ? 3.829   0.366   -9.196  1.00 39.40  ? 300 LYS B NZ  1 
ATOM   1192 N  N   . GLY B 2 12  ? 1.163   3.572   -4.629  1.00 20.70  ? 301 GLY B N   1 
ATOM   1193 C  CA  . GLY B 2 12  ? 1.615   3.782   -3.261  1.00 21.50  ? 301 GLY B CA  1 
ATOM   1194 C  C   . GLY B 2 12  ? 0.656   3.157   -2.259  1.00 23.10  ? 301 GLY B C   1 
ATOM   1195 O  O   . GLY B 2 12  ? 1.081   2.543   -1.282  1.00 23.10  ? 301 GLY B O   1 
ATOM   1196 N  N   . ALA B 2 13  ? -0.649  3.315   -2.531  1.00 23.20  ? 302 ALA B N   1 
ATOM   1197 C  CA  . ALA B 2 13  ? -1.718  2.734   -1.732  1.00 19.70  ? 302 ALA B CA  1 
ATOM   1198 C  C   . ALA B 2 13  ? -1.821  1.226   -1.911  1.00 20.10  ? 302 ALA B C   1 
ATOM   1199 O  O   . ALA B 2 13  ? -2.149  0.540   -0.947  1.00 24.00  ? 302 ALA B O   1 
ATOM   1200 C  CB  . ALA B 2 13  ? -3.042  3.347   -2.120  1.00 19.00  ? 302 ALA B CB  1 
ATOM   1201 N  N   . ILE B 2 14  ? -1.535  0.672   -3.103  1.00 19.40  ? 303 ILE B N   1 
ATOM   1202 C  CA  . ILE B 2 14  ? -1.524  -0.774  -3.338  1.00 18.60  ? 303 ILE B CA  1 
ATOM   1203 C  C   . ILE B 2 14  ? -0.326  -1.413  -2.632  1.00 22.00  ? 303 ILE B C   1 
ATOM   1204 O  O   . ILE B 2 14  ? -0.426  -2.526  -2.112  1.00 22.70  ? 303 ILE B O   1 
ATOM   1205 C  CB  . ILE B 2 14  ? -1.457  -1.084  -4.868  1.00 17.20  ? 303 ILE B CB  1 
ATOM   1206 C  CG1 . ILE B 2 14  ? -2.727  -0.607  -5.559  1.00 16.20  ? 303 ILE B CG1 1 
ATOM   1207 C  CG2 . ILE B 2 14  ? -1.318  -2.586  -5.103  1.00 15.80  ? 303 ILE B CG2 1 
ATOM   1208 C  CD1 . ILE B 2 14  ? -2.650  -0.753  -7.089  1.00 16.80  ? 303 ILE B CD1 1 
ATOM   1209 N  N   . LEU B 2 15  ? 0.813   -0.707  -2.615  1.00 21.50  ? 304 LEU B N   1 
ATOM   1210 C  CA  . LEU B 2 15  ? 2.024   -1.149  -1.942  1.00 21.90  ? 304 LEU B CA  1 
ATOM   1211 C  C   . LEU B 2 15  ? 1.821   -1.188  -0.432  1.00 19.70  ? 304 LEU B C   1 
ATOM   1212 O  O   . LEU B 2 15  ? 2.237   -2.152  0.205   1.00 20.40  ? 304 LEU B O   1 
ATOM   1213 C  CB  . LEU B 2 15  ? 3.139   -0.189  -2.331  1.00 23.20  ? 304 LEU B CB  1 
ATOM   1214 C  CG  . LEU B 2 15  ? 4.441   -0.688  -2.948  1.00 27.50  ? 304 LEU B CG  1 
ATOM   1215 C  CD1 . LEU B 2 15  ? 4.269   -1.953  -3.767  1.00 25.30  ? 304 LEU B CD1 1 
ATOM   1216 C  CD2 . LEU B 2 15  ? 4.945   0.423   -3.851  1.00 26.80  ? 304 LEU B CD2 1 
ATOM   1217 N  N   . THR B 2 16  ? 1.148   -0.175  0.134   1.00 19.50  ? 305 THR B N   1 
ATOM   1218 C  CA  . THR B 2 16  ? 0.798   -0.124  1.550   1.00 21.40  ? 305 THR B CA  1 
ATOM   1219 C  C   . THR B 2 16  ? -0.089  -1.303  1.953   1.00 23.80  ? 305 THR B C   1 
ATOM   1220 O  O   . THR B 2 16  ? 0.163   -1.915  2.992   1.00 24.30  ? 305 THR B O   1 
ATOM   1221 C  CB  . THR B 2 16  ? 0.075   1.208   1.848   1.00 21.60  ? 305 THR B CB  1 
ATOM   1222 O  OG1 . THR B 2 16  ? 1.025   2.206   1.543   1.00 25.70  ? 305 THR B OG1 1 
ATOM   1223 C  CG2 . THR B 2 16  ? -0.357  1.421   3.293   1.00 22.10  ? 305 THR B CG2 1 
ATOM   1224 N  N   . THR B 2 17  ? -1.103  -1.673  1.147   1.00 24.20  ? 306 THR B N   1 
ATOM   1225 C  CA  . THR B 2 17  ? -1.974  -2.796  1.495   1.00 27.30  ? 306 THR B CA  1 
ATOM   1226 C  C   . THR B 2 17  ? -1.270  -4.136  1.333   1.00 27.90  ? 306 THR B C   1 
ATOM   1227 O  O   . THR B 2 17  ? -1.545  -5.059  2.096   1.00 28.10  ? 306 THR B O   1 
ATOM   1228 C  CB  . THR B 2 17  ? -3.286  -2.804  0.640   1.00 26.10  ? 306 THR B CB  1 
ATOM   1229 O  OG1 . THR B 2 17  ? -2.971  -3.052  -0.719  1.00 33.60  ? 306 THR B OG1 1 
ATOM   1230 C  CG2 . THR B 2 17  ? -4.005  -1.475  0.744   1.00 24.40  ? 306 THR B CG2 1 
ATOM   1231 N  N   . MET B 2 18  ? -0.341  -4.241  0.365   1.00 28.90  ? 307 MET B N   1 
ATOM   1232 C  CA  . MET B 2 18  ? 0.458   -5.441  0.142   1.00 28.90  ? 307 MET B CA  1 
ATOM   1233 C  C   . MET B 2 18  ? 1.329   -5.793  1.331   1.00 28.70  ? 307 MET B C   1 
ATOM   1234 O  O   . MET B 2 18  ? 1.412   -6.945  1.760   1.00 28.80  ? 307 MET B O   1 
ATOM   1235 C  CB  . MET B 2 18  ? 1.383   -5.273  -1.032  1.00 32.30  ? 307 MET B CB  1 
ATOM   1236 C  CG  . MET B 2 18  ? 0.872   -5.911  -2.284  1.00 37.40  ? 307 MET B CG  1 
ATOM   1237 S  SD  . MET B 2 18  ? 2.207   -5.834  -3.489  1.00 49.20  ? 307 MET B SD  1 
ATOM   1238 C  CE  . MET B 2 18  ? 1.658   -4.346  -4.251  1.00 43.30  ? 307 MET B CE  1 
ATOM   1239 N  N   . LEU B 2 19  ? 1.977   -4.754  1.852   1.00 27.00  ? 308 LEU B N   1 
ATOM   1240 C  CA  . LEU B 2 19  ? 2.830   -4.885  3.005   1.00 27.40  ? 308 LEU B CA  1 
ATOM   1241 C  C   . LEU B 2 19  ? 1.990   -5.144  4.244   1.00 27.20  ? 308 LEU B C   1 
ATOM   1242 O  O   . LEU B 2 19  ? 2.352   -5.991  5.056   1.00 28.70  ? 308 LEU B O   1 
ATOM   1243 C  CB  . LEU B 2 19  ? 3.646   -3.609  3.146   1.00 28.50  ? 308 LEU B CB  1 
ATOM   1244 C  CG  . LEU B 2 19  ? 4.696   -3.333  2.063   1.00 30.30  ? 308 LEU B CG  1 
ATOM   1245 C  CD1 . LEU B 2 19  ? 5.082   -1.860  2.115   1.00 31.10  ? 308 LEU B CD1 1 
ATOM   1246 C  CD2 . LEU B 2 19  ? 5.907   -4.241  2.262   1.00 28.30  ? 308 LEU B CD2 1 
ATOM   1247 N  N   . ALA B 2 20  ? 0.835   -4.480  4.365   1.00 29.00  ? 309 ALA B N   1 
ATOM   1248 C  CA  . ALA B 2 20  ? -0.055  -4.675  5.504   1.00 30.70  ? 309 ALA B CA  1 
ATOM   1249 C  C   . ALA B 2 20  ? -0.736  -6.036  5.538   1.00 32.90  ? 309 ALA B C   1 
ATOM   1250 O  O   . ALA B 2 20  ? -1.202  -6.451  6.598   1.00 35.80  ? 309 ALA B O   1 
ATOM   1251 C  CB  . ALA B 2 20  ? -1.139  -3.623  5.510   1.00 28.40  ? 309 ALA B CB  1 
ATOM   1252 N  N   . THR B 2 21  ? -0.800  -6.747  4.403   1.00 34.30  ? 310 THR B N   1 
ATOM   1253 C  CA  . THR B 2 21  ? -1.393  -8.078  4.355   1.00 37.90  ? 310 THR B CA  1 
ATOM   1254 C  C   . THR B 2 21  ? -0.388  -9.144  3.921   1.00 41.50  ? 310 THR B C   1 
ATOM   1255 O  O   . THR B 2 21  ? 0.728   -9.179  4.446   1.00 46.80  ? 310 THR B O   1 
ATOM   1256 C  CB  . THR B 2 21  ? -2.615  -8.142  3.379   1.00 38.10  ? 310 THR B CB  1 
ATOM   1257 O  OG1 . THR B 2 21  ? -2.138  -7.979  2.043   1.00 37.60  ? 310 THR B OG1 1 
ATOM   1258 C  CG2 . THR B 2 21  ? -3.666  -7.088  3.720   1.00 38.80  ? 310 THR B CG2 1 
HETATM 1259 CA CA  . CA  C 3 .   ? 5.480   8.503   12.642  1.00 24.50  ? 401 CA  A CA  1 
HETATM 1260 CA CA  . CA  D 3 .   ? 15.993  3.151   12.474  1.00 34.30  ? 402 CA  A CA  1 
HETATM 1261 CA CA  . CA  E 3 .   ? -16.278 -4.429  -6.756  1.00 22.60  ? 403 CA  A CA  1 
HETATM 1262 CA CA  . CA  F 3 .   ? -10.907 -2.177  -17.029 1.00 21.90  ? 404 CA  A CA  1 
HETATM 1263 CA CA  . CA  G 3 .   ? -17.081 -3.373  -16.320 0.50 29.30  ? 600 CA  A CA  1 
HETATM 1264 O  O   . HOH H 4 .   ? -3.124  -1.760  -15.387 0.95 25.60  ? 502 HOH A O   1 
HETATM 1265 O  O   . HOH H 4 .   ? 6.074   11.258  5.576   1.00 41.60  ? 503 HOH A O   1 
HETATM 1266 O  O   . HOH H 4 .   ? 12.647  9.582   7.275   0.97 25.40  ? 504 HOH A O   1 
HETATM 1267 O  O   . HOH H 4 .   ? 19.431  4.342   8.757   1.00 36.30  ? 505 HOH A O   1 
HETATM 1268 O  O   . HOH H 4 .   ? 0.798   8.398   14.671  1.00 40.70  ? 506 HOH A O   1 
HETATM 1269 O  O   . HOH H 4 .   ? 8.632   1.420   17.171  0.94 28.70  ? 507 HOH A O   1 
HETATM 1270 O  O   . HOH H 4 .   ? -6.667  0.597   13.541  0.92 21.60  ? 508 HOH A O   1 
HETATM 1271 O  O   . HOH H 4 .   ? -10.001 -3.957  15.576  1.00 26.30  ? 509 HOH A O   1 
HETATM 1272 O  O   . HOH H 4 .   ? -7.100  -8.226  19.369  1.00 37.90  ? 510 HOH A O   1 
HETATM 1273 O  O   . HOH H 4 .   ? -18.129 -2.884  -7.493  1.00 18.20  ? 511 HOH A O   1 
HETATM 1274 O  O   . HOH H 4 .   ? -18.631 -3.097  -10.285 1.00 27.40  ? 512 HOH A O   1 
HETATM 1275 O  O   . HOH H 4 .   ? -12.714 -10.524 -4.891  0.95 48.20  ? 513 HOH A O   1 
HETATM 1276 O  O   . HOH H 4 .   ? 3.496   -10.480 10.549  0.00 42.80  ? 514 HOH A O   1 
HETATM 1277 O  O   . HOH H 4 .   ? -13.113 5.470   -15.308 1.00 64.70  ? 515 HOH A O   1 
HETATM 1278 O  O   . HOH H 4 .   ? -10.118 -3.305  12.768  1.00 39.40  ? 516 HOH A O   1 
HETATM 1279 O  O   . HOH H 4 .   ? -10.216 -0.807  3.532   1.00 42.10  ? 517 HOH A O   1 
HETATM 1280 O  O   . HOH H 4 .   ? -18.574 1.050   -11.421 0.34 20.30  ? 518 HOH A O   1 
HETATM 1281 O  O   . HOH H 4 .   ? 3.436   6.329   16.935  0.58 23.20  ? 519 HOH A O   1 
HETATM 1282 O  O   . HOH H 4 .   ? -9.317  -0.441  12.392  1.00 31.40  ? 520 HOH A O   1 
HETATM 1283 O  O   . HOH H 4 .   ? -13.610 -4.628  -21.788 0.97 41.20  ? 521 HOH A O   1 
HETATM 1284 O  O   . HOH H 4 .   ? 7.885   9.461   -12.124 1.00 48.90  ? 522 HOH A O   1 
HETATM 1285 O  O   . HOH H 4 .   ? 11.047  10.821  4.480   1.00 49.60  ? 523 HOH A O   1 
HETATM 1286 O  O   . HOH H 4 .   ? 11.067  13.405  3.123   1.00 39.80  ? 524 HOH A O   1 
HETATM 1287 O  O   . HOH H 4 .   ? -2.647  -10.240 -15.345 0.57 41.90  ? 525 HOH A O   1 
HETATM 1288 O  O   . HOH H 4 .   ? -11.952 -4.551  -16.409 0.47 5.50   ? 527 HOH A O   1 
HETATM 1289 O  O   . HOH H 4 .   ? -1.890  6.930   -1.477  0.86 33.80  ? 528 HOH A O   1 
HETATM 1290 O  O   . HOH H 4 .   ? -5.028  9.548   -15.397 0.74 40.40  ? 529 HOH A O   1 
HETATM 1291 O  O   . HOH H 4 .   ? -1.119  5.845   14.556  1.00 42.40  ? 530 HOH A O   1 
HETATM 1292 O  O   . HOH H 4 .   ? -3.457  -6.326  16.437  0.95 40.00  ? 532 HOH A O   1 
HETATM 1293 O  O   . HOH H 4 .   ? 5.630   8.587   15.372  0.87 23.70  ? 533 HOH A O   1 
HETATM 1294 O  O   . HOH H 4 .   ? 5.826   2.304   19.001  0.98 52.60  ? 534 HOH A O   1 
HETATM 1295 O  O   . HOH H 4 .   ? -5.399  3.598   7.898   0.53 41.90  ? 535 HOH A O   1 
HETATM 1296 O  O   . HOH H 4 .   ? 15.670  5.898   12.310  1.00 55.90  ? 536 HOH A O   1 
HETATM 1297 O  O   . HOH H 4 .   ? -7.974  -5.881  17.126  1.00 51.50  ? 537 HOH A O   1 
HETATM 1298 O  O   . HOH H 4 .   ? -19.345 0.478   -5.949  1.00 56.80  ? 538 HOH A O   1 
HETATM 1299 O  O   . HOH H 4 .   ? -16.054 2.896   -11.630 0.88 33.50  ? 539 HOH A O   1 
HETATM 1300 O  O   . HOH H 4 .   ? -14.627 -5.807  -18.970 0.45 13.10  ? 540 HOH A O   1 
HETATM 1301 O  O   . HOH H 4 .   ? -11.098 4.841   -18.535 0.87 42.70  ? 541 HOH A O   1 
HETATM 1302 O  O   . HOH H 4 .   ? -18.186 1.416   -2.176  0.83 59.20  ? 542 HOH A O   1 
HETATM 1303 O  O   . HOH H 4 .   ? -2.765  5.064   6.456   0.99 35.00  ? 543 HOH A O   1 
HETATM 1304 O  O   . HOH H 4 .   ? -18.645 -2.014  -3.030  0.91 33.60  ? 544 HOH A O   1 
HETATM 1305 O  O   . HOH H 4 .   ? -10.965 -7.466  -20.398 0.72 36.50  ? 545 HOH A O   1 
HETATM 1306 O  O   . HOH H 4 .   ? -8.491  -5.879  12.880  0.72 47.40  ? 546 HOH A O   1 
HETATM 1307 O  O   . HOH H 4 .   ? -15.187 7.183   1.395   0.74 28.50  ? 547 HOH A O   1 
HETATM 1308 O  O   . HOH H 4 .   ? -21.066 -9.654  -5.881  1.00 53.00  ? 548 HOH A O   1 
HETATM 1309 O  O   . HOH H 4 .   ? -9.770  9.815   6.517   0.64 51.00  ? 549 HOH A O   1 
HETATM 1310 O  O   . HOH H 4 .   ? -3.977  2.209   -18.723 0.62 40.00  ? 550 HOH A O   1 
HETATM 1311 O  O   . HOH H 4 .   ? -18.216 3.826   -9.143  0.56 26.20  ? 551 HOH A O   1 
HETATM 1312 O  O   . HOH H 4 .   ? -5.387  -15.652 -9.008  0.59 42.50  ? 552 HOH A O   1 
HETATM 1313 O  O   . HOH H 4 .   ? 2.718   11.237  6.270   0.37 29.20  ? 553 HOH A O   1 
HETATM 1314 O  O   . HOH H 4 .   ? 0.589   -8.275  -21.108 0.56 39.10  ? 554 HOH A O   1 
HETATM 1315 O  O   . HOH H 4 .   ? 12.456  -6.898  3.070   0.69 44.00  ? 556 HOH A O   1 
HETATM 1316 O  O   . HOH I 4 .   ? 7.082   11.029  -9.762  1.00 39.30  ? 501 HOH B O   1 
HETATM 1317 O  O   . HOH I 4 .   ? -1.236  11.116  -13.541 1.00 47.80  ? 526 HOH B O   1 
HETATM 1318 O  O   . HOH I 4 .   ? 5.850   -2.903  6.063   0.95 60.20  ? 531 HOH B O   1 
HETATM 1319 O  O   . HOH I 4 .   ? 5.050   13.769  -11.192 0.45 33.70  ? 555 HOH B O   1 
HETATM 1320 O  O   . HOH I 4 .   ? 0.416   12.954  -5.259  0.55 45.20  ? 557 HOH B O   1 
HETATM 1321 O  O   . HOH I 4 .   ? -0.653  -0.488  -16.437 0.56 31.30  ? 558 HOH B O   1 
# 
